data_8ON8
#
_entry.id   8ON8
#
_cell.length_a   1.00
_cell.length_b   1.00
_cell.length_c   1.00
_cell.angle_alpha   90.00
_cell.angle_beta   90.00
_cell.angle_gamma   90.00
#
_symmetry.space_group_name_H-M   'P 1'
#
loop_
_entity.id
_entity.type
_entity.pdbx_description
1 polymer 'FMRFamide-gated sodium channel 1'
2 branched 2-acetamido-2-deoxy-beta-D-glucopyranose-(1-4)-2-acetamido-2-deoxy-beta-D-glucopyranose
3 non-polymer 2-acetamido-2-deoxy-beta-D-glucopyranose
#
_entity_poly.entity_id   1
_entity_poly.type   'polypeptide(L)'
_entity_poly.pdbx_seq_one_letter_code
;MSAIRDVMTKFAEQTTMHGVPKVINAKSSMGRLFWSLVCLAAGAMFCLQMSEVLQRYFSYPKKVTVEVVPTPVPFPSISI
CNMRNLDVHILNTLNRMFIEDDRPFSNINKSEHEFIRAYMKKVAKYAPLFWNYQDEYPEVFQEIFSRTTFSANIDPEVIA
LAAVQLEGFVVNCHYAGHRCNKTRDFYRFFDPYYFNCFTYKAHEPTDIEDNLSEGIENGWSSILLSGSGMLDKNDEIRML
PGLHEWRSAVSASEGVRVVIHPPSTTPYPFTEGYDVPPGFSASFGIHPRRNIRIGPPHGNCSDKNPFGDGTERYRLMACQ
KMCMQHYIVETCGCADVGLPKLPLQANISWCRDDDNFPDECMFTASEECLQLLMQLHNRIKCARSIKSKITKNTTAMEAC
NCFPPCDEVSYDVSYSLSKWPSAGYEGDAAYFDVFGIEKFNERFNKTGTQGKYELFTKYFNVSNREESMKDFARLNVYIA
DSNVVKTQESEDYTRNQLVSDIGGQLGLWVGISLITLAEVLELIIDLFRLFSKHTYRSVPVIRQSIKYKDKRNGAEMNYD
TRYSQSNGGPHARYLHHGHSIPKHPPELPDTSLALEVLFQ
;
_entity_poly.pdbx_strand_id   A,B,C
#
# COMPACT_ATOMS: atom_id res chain seq x y z
N ALA A 3 58.66 -44.03 -31.61
CA ALA A 3 58.90 -42.61 -31.86
C ALA A 3 58.11 -41.75 -30.89
N ILE A 4 57.68 -42.34 -29.78
CA ILE A 4 56.90 -41.60 -28.78
C ILE A 4 57.73 -40.45 -28.22
N ARG A 5 58.99 -40.72 -27.87
CA ARG A 5 59.83 -39.66 -27.33
C ARG A 5 60.03 -38.54 -28.33
N ASP A 6 60.25 -38.88 -29.59
CA ASP A 6 60.48 -37.87 -30.62
C ASP A 6 59.24 -37.00 -30.84
N VAL A 7 58.06 -37.62 -30.91
CA VAL A 7 56.86 -36.85 -31.17
C VAL A 7 56.52 -35.96 -29.97
N MET A 8 56.69 -36.47 -28.74
CA MET A 8 56.44 -35.62 -27.59
C MET A 8 57.45 -34.48 -27.51
N THR A 9 58.72 -34.73 -27.85
CA THR A 9 59.71 -33.66 -27.84
C THR A 9 59.40 -32.59 -28.88
N LYS A 10 59.02 -33.01 -30.09
CA LYS A 10 58.65 -32.05 -31.12
C LYS A 10 57.42 -31.25 -30.72
N PHE A 11 56.43 -31.93 -30.12
CA PHE A 11 55.26 -31.24 -29.61
C PHE A 11 55.65 -30.19 -28.58
N ALA A 12 56.48 -30.58 -27.61
CA ALA A 12 56.88 -29.64 -26.56
C ALA A 12 57.63 -28.45 -27.13
N GLU A 13 58.49 -28.69 -28.14
CA GLU A 13 59.25 -27.60 -28.73
C GLU A 13 58.39 -26.69 -29.62
N GLN A 14 57.29 -27.20 -30.17
CA GLN A 14 56.47 -26.40 -31.07
C GLN A 14 55.14 -25.94 -30.49
N THR A 15 54.67 -26.56 -29.41
CA THR A 15 53.37 -26.23 -28.87
C THR A 15 53.41 -24.92 -28.09
N THR A 16 52.22 -24.33 -27.90
CA THR A 16 52.09 -23.15 -27.06
C THR A 16 51.60 -23.46 -25.65
N MET A 17 51.18 -24.70 -25.38
CA MET A 17 50.85 -25.11 -24.02
C MET A 17 51.91 -24.61 -23.05
N HIS A 18 51.46 -23.81 -22.09
CA HIS A 18 52.40 -23.10 -21.23
C HIS A 18 53.05 -23.98 -20.17
N GLY A 19 52.51 -25.17 -19.89
CA GLY A 19 53.05 -26.01 -18.84
C GLY A 19 53.75 -27.28 -19.30
N VAL A 20 53.28 -27.88 -20.40
CA VAL A 20 53.79 -29.19 -20.82
C VAL A 20 55.29 -29.16 -21.13
N PRO A 21 55.84 -28.16 -21.84
CA PRO A 21 57.28 -28.22 -22.14
C PRO A 21 58.18 -28.36 -20.93
N LYS A 22 57.81 -27.73 -19.80
CA LYS A 22 58.64 -27.86 -18.60
C LYS A 22 58.60 -29.28 -18.06
N VAL A 23 57.43 -29.93 -18.14
CA VAL A 23 57.33 -31.33 -17.70
C VAL A 23 58.11 -32.24 -18.63
N ILE A 24 58.02 -32.02 -19.94
CA ILE A 24 58.69 -32.89 -20.90
C ILE A 24 60.19 -32.61 -20.90
N ASN A 25 60.57 -31.36 -21.16
CA ASN A 25 61.97 -30.95 -21.16
C ASN A 25 62.42 -30.55 -19.75
N ALA A 26 62.31 -31.53 -18.85
CA ALA A 26 62.61 -31.28 -17.45
C ALA A 26 64.11 -31.11 -17.22
N LYS A 27 64.44 -30.26 -16.25
CA LYS A 27 65.85 -30.05 -15.90
C LYS A 27 66.40 -31.24 -15.12
N SER A 28 65.61 -31.79 -14.20
CA SER A 28 66.03 -32.92 -13.38
C SER A 28 64.78 -33.62 -12.86
N SER A 29 65.00 -34.68 -12.08
CA SER A 29 63.88 -35.41 -11.50
C SER A 29 63.06 -34.51 -10.57
N MET A 30 63.74 -33.74 -9.72
CA MET A 30 63.02 -32.80 -8.86
C MET A 30 62.31 -31.74 -9.67
N GLY A 31 62.92 -31.30 -10.78
CA GLY A 31 62.25 -30.34 -11.65
C GLY A 31 60.99 -30.91 -12.27
N ARG A 32 61.07 -32.14 -12.78
CA ARG A 32 59.89 -32.77 -13.36
C ARG A 32 58.80 -32.94 -12.31
N LEU A 33 59.18 -33.37 -11.11
CA LEU A 33 58.20 -33.54 -10.03
C LEU A 33 57.52 -32.21 -9.70
N PHE A 34 58.33 -31.16 -9.62
CA PHE A 34 57.75 -29.84 -9.23
C PHE A 34 56.77 -29.44 -10.32
N TRP A 35 57.24 -29.40 -11.55
CA TRP A 35 56.35 -28.89 -12.58
C TRP A 35 55.10 -29.74 -12.71
N SER A 36 55.21 -31.05 -12.44
CA SER A 36 54.02 -31.90 -12.44
C SER A 36 53.05 -31.46 -11.35
N LEU A 37 53.55 -31.19 -10.15
CA LEU A 37 52.65 -30.77 -9.09
C LEU A 37 52.07 -29.39 -9.36
N VAL A 38 52.83 -28.49 -9.99
CA VAL A 38 52.28 -27.20 -10.38
C VAL A 38 51.14 -27.39 -11.37
N CYS A 39 51.34 -28.25 -12.37
CA CYS A 39 50.29 -28.50 -13.35
C CYS A 39 49.05 -29.10 -12.68
N LEU A 40 49.26 -30.12 -11.85
CA LEU A 40 48.16 -30.75 -11.11
C LEU A 40 47.39 -29.73 -10.28
N ALA A 41 48.10 -28.88 -9.54
CA ALA A 41 47.46 -27.85 -8.72
C ALA A 41 46.64 -26.90 -9.58
N ALA A 42 47.22 -26.45 -10.70
CA ALA A 42 46.49 -25.55 -11.60
C ALA A 42 45.23 -26.21 -12.12
N GLY A 43 45.32 -27.46 -12.56
CA GLY A 43 44.15 -28.16 -13.06
C GLY A 43 43.09 -28.37 -11.99
N ALA A 44 43.51 -28.71 -10.78
CA ALA A 44 42.57 -28.95 -9.69
C ALA A 44 41.82 -27.69 -9.32
N MET A 45 42.54 -26.57 -9.16
CA MET A 45 41.88 -25.31 -8.87
C MET A 45 40.96 -24.91 -10.02
N PHE A 46 41.40 -25.14 -11.25
CA PHE A 46 40.58 -24.88 -12.43
C PHE A 46 39.24 -25.62 -12.34
N CYS A 47 39.31 -26.94 -12.08
CA CYS A 47 38.09 -27.75 -12.02
C CYS A 47 37.20 -27.33 -10.85
N LEU A 48 37.82 -27.01 -9.70
CA LEU A 48 37.04 -26.59 -8.55
C LEU A 48 36.29 -25.29 -8.82
N GLN A 49 36.93 -24.36 -9.53
CA GLN A 49 36.25 -23.10 -9.84
C GLN A 49 35.19 -23.28 -10.91
N MET A 50 35.45 -24.14 -11.90
CA MET A 50 34.46 -24.36 -12.96
C MET A 50 33.25 -25.12 -12.46
N SER A 51 33.42 -25.98 -11.46
CA SER A 51 32.25 -26.62 -10.86
C SER A 51 31.32 -25.57 -10.26
N GLU A 52 31.88 -24.60 -9.54
CA GLU A 52 31.08 -23.51 -8.99
C GLU A 52 30.46 -22.67 -10.09
N VAL A 53 31.22 -22.37 -11.15
CA VAL A 53 30.71 -21.54 -12.23
C VAL A 53 29.52 -22.21 -12.92
N LEU A 54 29.67 -23.50 -13.25
CA LEU A 54 28.59 -24.22 -13.89
C LEU A 54 27.40 -24.41 -12.96
N GLN A 55 27.65 -24.58 -11.65
CA GLN A 55 26.55 -24.64 -10.70
C GLN A 55 25.78 -23.33 -10.68
N ARG A 56 26.48 -22.20 -10.74
CA ARG A 56 25.81 -20.91 -10.82
C ARG A 56 25.01 -20.77 -12.11
N TYR A 57 25.59 -21.21 -13.23
CA TYR A 57 24.91 -21.05 -14.52
C TYR A 57 23.65 -21.90 -14.59
N PHE A 58 23.77 -23.19 -14.26
CA PHE A 58 22.62 -24.08 -14.36
C PHE A 58 21.58 -23.83 -13.28
N SER A 59 21.89 -23.01 -12.27
CA SER A 59 20.86 -22.55 -11.36
C SER A 59 19.90 -21.59 -12.05
N TYR A 60 20.32 -21.01 -13.18
CA TYR A 60 19.50 -20.08 -13.95
C TYR A 60 18.99 -18.92 -13.09
N PRO A 61 19.87 -18.08 -12.55
CA PRO A 61 19.42 -16.96 -11.71
C PRO A 61 18.68 -15.92 -12.54
N LYS A 62 17.91 -15.09 -11.82
CA LYS A 62 17.13 -14.02 -12.44
C LYS A 62 17.60 -12.67 -11.94
N LYS A 63 17.47 -11.66 -12.79
CA LYS A 63 17.76 -10.28 -12.44
C LYS A 63 16.47 -9.48 -12.54
N VAL A 64 16.14 -8.76 -11.47
CA VAL A 64 14.89 -8.00 -11.39
C VAL A 64 15.23 -6.52 -11.25
N THR A 65 14.61 -5.70 -12.08
CA THR A 65 14.78 -4.26 -12.06
C THR A 65 13.45 -3.59 -11.79
N VAL A 66 13.46 -2.59 -10.92
CA VAL A 66 12.27 -1.82 -10.57
C VAL A 66 12.54 -0.36 -10.94
N GLU A 67 11.66 0.21 -11.76
CA GLU A 67 11.85 1.58 -12.24
C GLU A 67 10.50 2.18 -12.58
N VAL A 68 10.49 3.50 -12.71
CA VAL A 68 9.30 4.26 -13.06
C VAL A 68 9.40 4.66 -14.52
N VAL A 69 8.38 4.31 -15.30
CA VAL A 69 8.40 4.54 -16.75
C VAL A 69 7.13 5.27 -17.17
N PRO A 70 7.18 6.07 -18.23
CA PRO A 70 5.98 6.78 -18.70
C PRO A 70 5.04 5.95 -19.55
N THR A 71 5.37 4.69 -19.82
CA THR A 71 4.52 3.86 -20.67
C THR A 71 3.16 3.66 -20.01
N PRO A 72 2.06 3.97 -20.68
CA PRO A 72 0.74 3.89 -20.04
C PRO A 72 0.19 2.48 -20.01
N VAL A 73 -0.80 2.31 -19.15
CA VAL A 73 -1.54 1.05 -19.03
C VAL A 73 -3.02 1.40 -19.15
N PRO A 74 -3.84 0.44 -19.58
CA PRO A 74 -5.27 0.75 -19.75
C PRO A 74 -5.94 1.07 -18.43
N PHE A 75 -6.97 1.92 -18.52
CA PHE A 75 -7.72 2.31 -17.33
C PHE A 75 -8.40 1.09 -16.72
N PRO A 76 -8.29 0.88 -15.40
CA PRO A 76 -8.82 -0.35 -14.81
C PRO A 76 -10.32 -0.47 -14.96
N SER A 77 -10.78 -1.71 -15.12
CA SER A 77 -12.20 -1.99 -15.13
C SER A 77 -12.73 -2.02 -13.70
N ILE A 78 -13.93 -1.49 -13.51
CA ILE A 78 -14.53 -1.33 -12.19
C ILE A 78 -15.78 -2.21 -12.14
N SER A 79 -15.81 -3.13 -11.17
CA SER A 79 -16.95 -4.01 -10.94
C SER A 79 -17.58 -3.66 -9.61
N ILE A 80 -18.88 -3.43 -9.61
CA ILE A 80 -19.62 -3.00 -8.43
C ILE A 80 -20.70 -4.03 -8.12
N CYS A 81 -20.74 -4.47 -6.87
CA CYS A 81 -21.77 -5.38 -6.38
C CYS A 81 -22.47 -4.74 -5.19
N ASN A 82 -23.80 -4.64 -5.28
CA ASN A 82 -24.59 -4.15 -4.17
C ASN A 82 -24.72 -5.24 -3.12
N MET A 83 -24.40 -4.92 -1.87
CA MET A 83 -24.50 -5.90 -0.79
C MET A 83 -25.93 -6.33 -0.54
N ARG A 84 -26.92 -5.54 -0.98
CA ARG A 84 -28.31 -5.97 -1.00
C ARG A 84 -28.56 -6.66 -2.34
N ASN A 85 -28.73 -7.98 -2.30
CA ASN A 85 -28.75 -8.77 -3.53
C ASN A 85 -30.04 -8.60 -4.31
N LEU A 86 -31.18 -8.50 -3.63
CA LEU A 86 -32.47 -8.46 -4.29
C LEU A 86 -32.99 -7.03 -4.40
N ASP A 87 -34.00 -6.86 -5.26
CA ASP A 87 -34.63 -5.56 -5.44
C ASP A 87 -35.45 -5.20 -4.21
N VAL A 88 -35.64 -3.89 -4.02
CA VAL A 88 -36.38 -3.39 -2.86
C VAL A 88 -37.82 -3.88 -2.90
N HIS A 89 -38.47 -3.80 -4.06
CA HIS A 89 -39.86 -4.21 -4.17
C HIS A 89 -40.03 -5.69 -3.85
N ILE A 90 -39.14 -6.54 -4.36
CA ILE A 90 -39.24 -7.97 -4.12
C ILE A 90 -39.08 -8.28 -2.64
N LEU A 91 -38.09 -7.65 -1.99
CA LEU A 91 -37.85 -7.89 -0.58
C LEU A 91 -39.04 -7.42 0.27
N ASN A 92 -39.58 -6.24 -0.04
CA ASN A 92 -40.74 -5.74 0.68
C ASN A 92 -41.94 -6.66 0.49
N THR A 93 -42.14 -7.14 -0.74
CA THR A 93 -43.24 -8.06 -0.99
C THR A 93 -43.07 -9.35 -0.19
N LEU A 94 -41.86 -9.91 -0.17
CA LEU A 94 -41.63 -11.14 0.57
C LEU A 94 -41.87 -10.93 2.07
N ASN A 95 -41.41 -9.80 2.60
CA ASN A 95 -41.65 -9.49 4.00
C ASN A 95 -43.14 -9.40 4.30
N ARG A 96 -43.89 -8.73 3.41
CA ARG A 96 -45.33 -8.59 3.62
C ARG A 96 -46.04 -9.94 3.56
N MET A 97 -45.67 -10.80 2.60
CA MET A 97 -46.30 -12.11 2.51
C MET A 97 -45.99 -12.98 3.74
N PHE A 98 -44.75 -12.95 4.22
CA PHE A 98 -44.45 -13.71 5.43
C PHE A 98 -45.11 -13.11 6.67
N ILE A 99 -45.38 -11.80 6.66
CA ILE A 99 -46.17 -11.22 7.75
C ILE A 99 -47.60 -11.70 7.69
N GLU A 100 -48.19 -11.72 6.48
CA GLU A 100 -49.60 -12.07 6.34
C GLU A 100 -49.85 -13.53 6.68
N ASP A 101 -49.01 -14.43 6.19
CA ASP A 101 -49.17 -15.86 6.44
C ASP A 101 -47.80 -16.50 6.52
N ASP A 102 -47.52 -17.16 7.64
CA ASP A 102 -46.20 -17.76 7.84
C ASP A 102 -46.03 -19.03 7.01
N ARG A 103 -47.12 -19.73 6.70
CA ARG A 103 -47.03 -21.00 5.99
C ARG A 103 -46.60 -20.77 4.55
N PRO A 104 -45.48 -21.37 4.10
CA PRO A 104 -45.05 -21.15 2.72
C PRO A 104 -45.92 -21.85 1.69
N PHE A 105 -46.59 -22.94 2.07
CA PHE A 105 -47.41 -23.68 1.11
C PHE A 105 -48.59 -22.84 0.62
N SER A 106 -49.08 -21.93 1.45
CA SER A 106 -50.19 -21.06 1.06
C SER A 106 -49.77 -19.90 0.18
N ASN A 107 -48.48 -19.72 -0.07
CA ASN A 107 -47.96 -18.58 -0.81
C ASN A 107 -47.34 -18.97 -2.15
N ILE A 108 -47.65 -20.17 -2.66
CA ILE A 108 -47.01 -20.65 -3.88
C ILE A 108 -47.42 -19.80 -5.07
N ASN A 109 -48.72 -19.56 -5.25
CA ASN A 109 -49.23 -18.84 -6.40
C ASN A 109 -49.83 -17.49 -6.03
N LYS A 110 -49.37 -16.89 -4.94
CA LYS A 110 -49.92 -15.63 -4.45
C LYS A 110 -49.26 -14.41 -5.07
N SER A 111 -48.18 -14.58 -5.83
CA SER A 111 -47.45 -13.46 -6.39
C SER A 111 -47.30 -13.63 -7.90
N GLU A 112 -47.22 -12.50 -8.60
CA GLU A 112 -47.05 -12.49 -10.05
C GLU A 112 -45.59 -12.59 -10.47
N HIS A 113 -44.65 -12.44 -9.55
CA HIS A 113 -43.24 -12.52 -9.88
C HIS A 113 -42.77 -13.97 -9.87
N GLU A 114 -42.11 -14.39 -10.95
CA GLU A 114 -41.69 -15.78 -11.07
C GLU A 114 -40.66 -16.16 -10.01
N PHE A 115 -39.75 -15.23 -9.70
CA PHE A 115 -38.74 -15.52 -8.68
C PHE A 115 -39.38 -15.78 -7.32
N ILE A 116 -40.40 -14.99 -6.97
CA ILE A 116 -41.09 -15.19 -5.69
C ILE A 116 -41.76 -16.57 -5.68
N ARG A 117 -42.39 -16.95 -6.79
CA ARG A 117 -43.05 -18.26 -6.85
C ARG A 117 -42.04 -19.39 -6.71
N ALA A 118 -40.90 -19.30 -7.39
CA ALA A 118 -39.87 -20.33 -7.27
C ALA A 118 -39.32 -20.40 -5.86
N TYR A 119 -39.07 -19.23 -5.25
CA TYR A 119 -38.56 -19.20 -3.88
C TYR A 119 -39.55 -19.82 -2.92
N MET A 120 -40.83 -19.51 -3.07
CA MET A 120 -41.86 -20.10 -2.21
C MET A 120 -41.96 -21.60 -2.42
N LYS A 121 -41.83 -22.05 -3.67
CA LYS A 121 -41.86 -23.49 -3.93
C LYS A 121 -40.70 -24.19 -3.23
N LYS A 122 -39.50 -23.62 -3.31
CA LYS A 122 -38.35 -24.22 -2.64
C LYS A 122 -38.52 -24.22 -1.13
N VAL A 123 -39.01 -23.11 -0.57
CA VAL A 123 -39.19 -23.03 0.88
C VAL A 123 -40.25 -24.03 1.34
N ALA A 124 -41.34 -24.17 0.58
CA ALA A 124 -42.37 -25.13 0.94
C ALA A 124 -41.88 -26.56 0.78
N LYS A 125 -40.97 -26.81 -0.16
CA LYS A 125 -40.43 -28.17 -0.32
C LYS A 125 -39.43 -28.51 0.79
N TYR A 126 -38.76 -27.50 1.35
CA TYR A 126 -37.77 -27.78 2.39
C TYR A 126 -38.32 -27.68 3.81
N ALA A 127 -39.39 -26.90 4.02
CA ALA A 127 -39.84 -26.59 5.38
C ALA A 127 -40.33 -27.81 6.16
N PRO A 128 -41.19 -28.69 5.63
CA PRO A 128 -41.69 -29.79 6.47
C PRO A 128 -40.58 -30.64 7.07
N LEU A 129 -39.51 -30.89 6.32
CA LEU A 129 -38.38 -31.62 6.88
C LEU A 129 -37.64 -30.79 7.92
N PHE A 130 -37.57 -29.48 7.72
CA PHE A 130 -36.96 -28.60 8.72
C PHE A 130 -37.73 -28.63 10.03
N TRP A 131 -39.06 -28.57 9.96
CA TRP A 131 -39.87 -28.57 11.18
C TRP A 131 -39.77 -29.89 11.93
N ASN A 132 -39.50 -30.99 11.23
CA ASN A 132 -39.50 -32.31 11.85
C ASN A 132 -38.11 -32.76 12.28
N TYR A 133 -37.06 -32.34 11.59
CA TYR A 133 -35.73 -32.89 11.82
C TYR A 133 -34.69 -31.81 12.07
N GLN A 134 -35.10 -30.62 12.53
CA GLN A 134 -34.13 -29.56 12.80
C GLN A 134 -33.18 -29.96 13.93
N ASP A 135 -33.72 -30.50 15.02
CA ASP A 135 -32.88 -30.85 16.17
C ASP A 135 -32.04 -32.09 15.88
N GLU A 136 -32.56 -33.05 15.12
CA GLU A 136 -31.82 -34.29 14.88
C GLU A 136 -30.63 -34.05 13.97
N TYR A 137 -30.80 -33.24 12.93
CA TYR A 137 -29.74 -32.97 11.95
C TYR A 137 -29.65 -31.47 11.69
N PRO A 138 -29.19 -30.70 12.69
CA PRO A 138 -29.10 -29.24 12.48
C PRO A 138 -28.15 -28.85 11.36
N GLU A 139 -27.04 -29.58 11.19
CA GLU A 139 -26.03 -29.17 10.21
C GLU A 139 -26.55 -29.26 8.78
N VAL A 140 -27.40 -30.25 8.50
CA VAL A 140 -27.91 -30.42 7.14
C VAL A 140 -28.73 -29.22 6.71
N PHE A 141 -29.63 -28.76 7.58
CA PHE A 141 -30.49 -27.63 7.25
C PHE A 141 -29.75 -26.29 7.33
N GLN A 142 -28.61 -26.25 8.01
CA GLN A 142 -27.80 -25.02 8.01
C GLN A 142 -27.22 -24.74 6.63
N GLU A 143 -27.03 -25.78 5.81
CA GLU A 143 -26.50 -25.62 4.47
C GLU A 143 -27.60 -25.53 3.42
N ILE A 144 -28.70 -26.27 3.61
CA ILE A 144 -29.80 -26.23 2.64
C ILE A 144 -30.42 -24.84 2.60
N PHE A 145 -30.65 -24.24 3.76
CA PHE A 145 -31.20 -22.88 3.83
C PHE A 145 -30.05 -21.89 3.78
N SER A 146 -29.51 -21.71 2.57
CA SER A 146 -28.42 -20.78 2.33
C SER A 146 -28.67 -20.04 1.02
N ARG A 147 -28.11 -18.84 0.92
CA ARG A 147 -28.28 -18.03 -0.27
C ARG A 147 -27.66 -18.70 -1.49
N THR A 148 -26.47 -19.30 -1.31
CA THR A 148 -25.81 -19.98 -2.42
C THR A 148 -26.63 -21.18 -2.89
N THR A 149 -27.22 -21.91 -1.95
CA THR A 149 -28.03 -23.08 -2.31
C THR A 149 -29.23 -22.67 -3.15
N PHE A 150 -29.90 -21.58 -2.77
CA PHE A 150 -31.06 -21.12 -3.54
C PHE A 150 -30.64 -20.61 -4.91
N SER A 151 -29.47 -19.99 -5.00
CA SER A 151 -28.99 -19.50 -6.29
C SER A 151 -28.69 -20.64 -7.25
N ALA A 152 -28.27 -21.79 -6.74
CA ALA A 152 -27.94 -22.94 -7.58
C ALA A 152 -29.17 -23.75 -7.97
N ASN A 153 -30.31 -23.54 -7.32
CA ASN A 153 -31.53 -24.28 -7.61
C ASN A 153 -32.60 -23.43 -8.28
N ILE A 154 -32.29 -22.18 -8.62
CA ILE A 154 -33.22 -21.31 -9.32
C ILE A 154 -32.53 -20.80 -10.58
N ASP A 155 -33.28 -20.73 -11.67
CA ASP A 155 -32.70 -20.36 -12.95
C ASP A 155 -32.08 -18.96 -12.87
N PRO A 156 -30.84 -18.79 -13.34
CA PRO A 156 -30.23 -17.45 -13.30
C PRO A 156 -31.01 -16.38 -14.04
N GLU A 157 -31.66 -16.75 -15.15
CA GLU A 157 -32.48 -15.80 -15.88
C GLU A 157 -33.70 -15.35 -15.08
N VAL A 158 -34.15 -16.16 -14.12
CA VAL A 158 -35.25 -15.76 -13.27
C VAL A 158 -34.76 -14.83 -12.17
N ILE A 159 -33.60 -15.13 -11.59
CA ILE A 159 -33.03 -14.29 -10.53
C ILE A 159 -32.64 -12.92 -11.08
N ALA A 160 -32.13 -12.89 -12.32
CA ALA A 160 -31.64 -11.63 -12.87
C ALA A 160 -32.74 -10.58 -12.99
N LEU A 161 -33.99 -11.01 -13.21
CA LEU A 161 -35.09 -10.06 -13.31
C LEU A 161 -35.58 -9.58 -11.95
N ALA A 162 -35.27 -10.31 -10.88
CA ALA A 162 -35.68 -9.91 -9.54
C ALA A 162 -34.55 -9.29 -8.73
N ALA A 163 -33.30 -9.47 -9.15
CA ALA A 163 -32.17 -8.90 -8.44
C ALA A 163 -32.05 -7.41 -8.75
N VAL A 164 -30.96 -6.80 -8.28
CA VAL A 164 -30.75 -5.38 -8.49
C VAL A 164 -30.51 -5.11 -9.97
N GLN A 165 -31.25 -4.14 -10.51
CA GLN A 165 -31.15 -3.76 -11.91
C GLN A 165 -30.21 -2.57 -12.07
N LEU A 166 -29.62 -2.47 -13.27
CA LEU A 166 -28.69 -1.38 -13.53
C LEU A 166 -29.37 -0.03 -13.46
N GLU A 167 -30.59 0.07 -13.98
CA GLU A 167 -31.30 1.34 -13.97
C GLU A 167 -31.60 1.81 -12.55
N GLY A 168 -31.85 0.88 -11.64
CA GLY A 168 -32.10 1.20 -10.24
C GLY A 168 -30.89 1.15 -9.34
N PHE A 169 -29.69 1.01 -9.90
CA PHE A 169 -28.46 0.94 -9.11
C PHE A 169 -27.51 2.08 -9.42
N VAL A 170 -27.25 2.33 -10.70
CA VAL A 170 -26.33 3.38 -11.13
C VAL A 170 -27.18 4.62 -11.43
N VAL A 171 -27.18 5.57 -10.50
CA VAL A 171 -27.93 6.80 -10.70
C VAL A 171 -27.27 7.67 -11.78
N ASN A 172 -25.95 7.80 -11.71
CA ASN A 172 -25.22 8.66 -12.63
C ASN A 172 -23.82 8.10 -12.81
N CYS A 173 -23.26 8.32 -14.00
CA CYS A 173 -21.90 7.90 -14.29
C CYS A 173 -21.24 8.95 -15.17
N HIS A 174 -19.93 9.13 -15.00
CA HIS A 174 -19.19 10.12 -15.77
C HIS A 174 -17.73 9.69 -15.84
N TYR A 175 -17.28 9.28 -17.03
CA TYR A 175 -15.87 9.01 -17.28
C TYR A 175 -15.28 10.19 -18.03
N ALA A 176 -14.21 10.77 -17.48
CA ALA A 176 -13.63 12.02 -17.99
C ALA A 176 -14.73 13.08 -17.93
N GLY A 177 -14.86 13.94 -18.94
CA GLY A 177 -15.91 14.93 -18.97
C GLY A 177 -17.18 14.52 -19.65
N HIS A 178 -17.30 13.26 -20.08
CA HIS A 178 -18.44 12.79 -20.85
C HIS A 178 -19.28 11.83 -20.02
N ARG A 179 -20.57 11.78 -20.35
CA ARG A 179 -21.46 10.80 -19.75
C ARG A 179 -21.08 9.40 -20.19
N CYS A 180 -21.14 8.45 -19.25
CA CYS A 180 -20.91 7.05 -19.59
C CYS A 180 -22.04 6.52 -20.46
N ASN A 181 -21.68 5.77 -21.50
CA ASN A 181 -22.68 5.08 -22.31
C ASN A 181 -23.19 3.91 -21.49
N LYS A 182 -24.27 4.13 -20.73
CA LYS A 182 -24.70 3.17 -19.71
C LYS A 182 -25.10 1.81 -20.29
N THR A 183 -25.51 1.76 -21.56
CA THR A 183 -25.88 0.49 -22.16
C THR A 183 -24.72 -0.18 -22.89
N ARG A 184 -23.65 0.54 -23.19
CA ARG A 184 -22.50 -0.01 -23.88
C ARG A 184 -21.36 -0.39 -22.95
N ASP A 185 -21.14 0.36 -21.88
CA ASP A 185 -19.97 0.16 -21.04
C ASP A 185 -20.21 -0.78 -19.87
N PHE A 186 -21.46 -0.97 -19.46
CA PHE A 186 -21.77 -1.82 -18.31
C PHE A 186 -22.15 -3.21 -18.78
N TYR A 187 -21.52 -4.22 -18.17
CA TYR A 187 -21.80 -5.62 -18.46
C TYR A 187 -22.24 -6.31 -17.19
N ARG A 188 -23.36 -7.03 -17.26
CA ARG A 188 -23.92 -7.73 -16.12
C ARG A 188 -23.33 -9.14 -16.03
N PHE A 189 -22.93 -9.53 -14.82
CA PHE A 189 -22.47 -10.88 -14.55
C PHE A 189 -23.06 -11.35 -13.23
N PHE A 190 -23.16 -12.67 -13.08
CA PHE A 190 -23.87 -13.28 -11.97
C PHE A 190 -22.88 -13.76 -10.92
N ASP A 191 -23.18 -13.45 -9.65
CA ASP A 191 -22.44 -13.93 -8.51
C ASP A 191 -23.36 -14.74 -7.59
N PRO A 192 -22.90 -15.87 -7.06
CA PRO A 192 -23.80 -16.70 -6.23
C PRO A 192 -24.34 -15.98 -5.01
N TYR A 193 -23.57 -15.07 -4.42
CA TYR A 193 -23.99 -14.40 -3.19
C TYR A 193 -24.57 -13.01 -3.45
N TYR A 194 -23.98 -12.24 -4.35
CA TYR A 194 -24.47 -10.89 -4.65
C TYR A 194 -25.47 -10.87 -5.80
N PHE A 195 -25.77 -12.03 -6.40
CA PHE A 195 -26.67 -12.11 -7.53
C PHE A 195 -26.19 -11.22 -8.68
N ASN A 196 -26.96 -10.18 -9.00
CA ASN A 196 -26.60 -9.31 -10.11
C ASN A 196 -25.43 -8.41 -9.74
N CYS A 197 -24.40 -8.41 -10.58
CA CYS A 197 -23.28 -7.49 -10.45
C CYS A 197 -22.97 -6.91 -11.82
N PHE A 198 -22.34 -5.73 -11.82
CA PHE A 198 -22.12 -4.98 -13.05
C PHE A 198 -20.65 -4.60 -13.16
N THR A 199 -20.10 -4.70 -14.36
CA THR A 199 -18.72 -4.41 -14.64
C THR A 199 -18.63 -3.27 -15.65
N TYR A 200 -17.84 -2.25 -15.33
CA TYR A 200 -17.62 -1.12 -16.21
C TYR A 200 -16.34 -1.32 -16.99
N LYS A 201 -16.41 -1.18 -18.31
CA LYS A 201 -15.24 -1.27 -19.18
C LYS A 201 -15.18 -0.01 -20.03
N ALA A 202 -14.09 0.74 -19.89
CA ALA A 202 -13.92 1.97 -20.67
C ALA A 202 -13.76 1.66 -22.15
N HIS A 203 -14.45 2.43 -22.99
CA HIS A 203 -14.37 2.21 -24.42
C HIS A 203 -13.02 2.69 -24.96
N GLU A 204 -12.35 1.81 -25.71
CA GLU A 204 -11.04 2.14 -26.27
C GLU A 204 -10.93 1.62 -27.70
N GLU A 209 -3.29 1.06 -27.63
CA GLU A 209 -3.09 1.60 -26.29
C GLU A 209 -3.44 3.08 -26.24
N ASP A 210 -3.58 3.61 -25.03
CA ASP A 210 -3.91 5.01 -24.83
C ASP A 210 -3.21 5.52 -23.57
N ASN A 211 -2.91 6.82 -23.56
CA ASN A 211 -2.26 7.41 -22.40
C ASN A 211 -3.24 7.57 -21.25
N LEU A 212 -2.68 7.62 -20.04
CA LEU A 212 -3.47 7.70 -18.81
C LEU A 212 -3.45 9.12 -18.27
N SER A 213 -4.64 9.66 -18.01
CA SER A 213 -4.79 11.01 -17.49
C SER A 213 -4.94 10.99 -15.97
N GLU A 214 -4.40 12.01 -15.32
CA GLU A 214 -4.43 12.12 -13.87
C GLU A 214 -5.55 13.06 -13.42
N GLY A 215 -5.90 12.96 -12.15
CA GLY A 215 -6.86 13.87 -11.55
C GLY A 215 -8.20 13.19 -11.31
N ILE A 216 -8.92 13.67 -10.29
CA ILE A 216 -10.24 13.13 -9.98
C ILE A 216 -11.22 13.46 -11.10
N GLU A 217 -11.20 14.70 -11.59
CA GLU A 217 -12.14 15.12 -12.63
C GLU A 217 -11.92 14.38 -13.94
N ASN A 218 -10.74 13.81 -14.17
CA ASN A 218 -10.47 13.03 -15.36
C ASN A 218 -10.73 11.54 -15.17
N GLY A 219 -11.18 11.14 -13.98
CA GLY A 219 -11.40 9.74 -13.67
C GLY A 219 -12.84 9.33 -13.84
N TRP A 220 -13.22 8.25 -13.14
CA TRP A 220 -14.55 7.67 -13.21
C TRP A 220 -15.32 8.02 -11.95
N SER A 221 -16.41 8.77 -12.11
CA SER A 221 -17.26 9.19 -11.01
C SER A 221 -18.67 8.65 -11.22
N SER A 222 -19.22 8.04 -10.18
CA SER A 222 -20.55 7.45 -10.27
C SER A 222 -21.27 7.58 -8.94
N ILE A 223 -22.60 7.65 -9.02
CA ILE A 223 -23.47 7.70 -7.85
C ILE A 223 -24.34 6.46 -7.85
N LEU A 224 -24.35 5.74 -6.73
CA LEU A 224 -25.07 4.49 -6.62
C LEU A 224 -26.05 4.52 -5.45
N LEU A 225 -27.16 3.82 -5.63
CA LEU A 225 -28.13 3.62 -4.55
C LEU A 225 -27.84 2.28 -3.89
N SER A 226 -27.33 2.32 -2.66
CA SER A 226 -26.93 1.11 -1.97
C SER A 226 -27.53 0.97 -0.57
N GLY A 227 -28.35 1.93 -0.14
CA GLY A 227 -28.90 1.90 1.20
C GLY A 227 -30.01 0.88 1.34
N SER A 228 -30.50 0.76 2.59
CA SER A 228 -31.60 -0.13 2.90
C SER A 228 -32.65 0.56 3.77
N GLY A 229 -32.61 1.88 3.86
CA GLY A 229 -33.61 2.62 4.62
C GLY A 229 -34.99 2.60 3.99
N MET A 230 -35.07 2.32 2.69
CA MET A 230 -36.37 2.23 2.02
C MET A 230 -37.16 1.03 2.50
N LEU A 231 -36.48 -0.01 2.99
CA LEU A 231 -37.14 -1.24 3.37
C LEU A 231 -38.04 -1.02 4.58
N ASP A 232 -39.12 -1.81 4.65
CA ASP A 232 -40.03 -1.73 5.77
C ASP A 232 -39.33 -2.16 7.06
N LYS A 233 -39.68 -1.50 8.16
CA LYS A 233 -39.12 -1.81 9.47
C LYS A 233 -40.15 -2.59 10.28
N ASN A 234 -39.72 -3.74 10.79
CA ASN A 234 -40.62 -4.68 11.47
C ASN A 234 -40.51 -4.51 12.98
N ASP A 235 -41.65 -4.62 13.65
CA ASP A 235 -41.68 -4.53 15.11
C ASP A 235 -41.02 -5.74 15.77
N GLU A 236 -40.93 -6.86 15.07
CA GLU A 236 -40.31 -8.06 15.60
C GLU A 236 -39.45 -8.69 14.51
N ILE A 237 -38.45 -9.46 14.94
CA ILE A 237 -37.50 -10.07 14.00
C ILE A 237 -38.18 -11.21 13.26
N ARG A 238 -38.24 -11.09 11.95
CA ARG A 238 -38.72 -12.15 11.06
C ARG A 238 -37.76 -12.27 9.90
N MET A 239 -37.52 -13.50 9.45
CA MET A 239 -36.44 -13.78 8.52
C MET A 239 -36.97 -14.46 7.27
N LEU A 240 -36.38 -14.12 6.13
CA LEU A 240 -36.61 -14.85 4.90
C LEU A 240 -35.70 -16.06 4.88
N PRO A 241 -36.23 -17.29 4.86
CA PRO A 241 -35.36 -18.47 4.85
C PRO A 241 -34.43 -18.47 3.64
N GLY A 242 -33.18 -18.82 3.88
CA GLY A 242 -32.18 -18.83 2.82
C GLY A 242 -31.62 -17.49 2.41
N LEU A 243 -32.48 -16.50 2.18
CA LEU A 243 -32.01 -15.19 1.75
C LEU A 243 -31.22 -14.48 2.84
N HIS A 244 -31.73 -14.50 4.07
CA HIS A 244 -31.01 -13.95 5.21
C HIS A 244 -30.18 -15.06 5.84
N GLU A 245 -28.85 -14.89 5.80
CA GLU A 245 -27.91 -15.91 6.27
C GLU A 245 -27.01 -15.27 7.33
N TRP A 246 -27.41 -15.44 8.60
CA TRP A 246 -26.62 -14.91 9.71
C TRP A 246 -25.27 -15.61 9.84
N ARG A 247 -25.11 -16.78 9.25
CA ARG A 247 -23.89 -17.56 9.40
C ARG A 247 -22.79 -17.16 8.43
N SER A 248 -23.07 -16.25 7.50
CA SER A 248 -22.07 -15.81 6.55
C SER A 248 -21.17 -14.74 7.14
N ALA A 249 -19.94 -14.65 6.61
CA ALA A 249 -19.00 -13.65 7.08
C ALA A 249 -19.37 -12.25 6.59
N VAL A 250 -20.12 -12.15 5.50
CA VAL A 250 -20.60 -10.85 5.02
C VAL A 250 -21.95 -10.50 5.63
N SER A 251 -22.90 -11.43 5.56
CA SER A 251 -24.19 -11.30 6.23
C SER A 251 -24.92 -10.01 5.90
N ALA A 252 -25.26 -9.24 6.93
CA ALA A 252 -26.13 -8.07 6.82
C ALA A 252 -25.39 -6.80 6.41
N SER A 253 -24.20 -6.91 5.82
CA SER A 253 -23.45 -5.73 5.44
C SER A 253 -24.22 -4.86 4.46
N GLU A 254 -24.13 -3.55 4.65
CA GLU A 254 -24.79 -2.57 3.80
C GLU A 254 -23.73 -1.72 3.10
N GLY A 255 -23.82 -1.63 1.79
CA GLY A 255 -22.89 -0.84 1.02
C GLY A 255 -22.63 -1.47 -0.34
N VAL A 256 -21.53 -1.05 -0.95
CA VAL A 256 -21.13 -1.50 -2.27
C VAL A 256 -19.81 -2.26 -2.17
N ARG A 257 -19.72 -3.39 -2.84
CA ARG A 257 -18.47 -4.11 -3.00
C ARG A 257 -17.85 -3.71 -4.33
N VAL A 258 -16.69 -3.06 -4.27
CA VAL A 258 -16.05 -2.49 -5.45
C VAL A 258 -14.76 -3.26 -5.71
N VAL A 259 -14.61 -3.77 -6.93
CA VAL A 259 -13.45 -4.52 -7.35
C VAL A 259 -12.77 -3.78 -8.50
N ILE A 260 -11.48 -3.52 -8.36
CA ILE A 260 -10.68 -2.85 -9.38
C ILE A 260 -9.75 -3.89 -9.99
N HIS A 261 -9.89 -4.11 -11.29
CA HIS A 261 -9.21 -5.20 -11.98
C HIS A 261 -8.93 -4.77 -13.41
N PRO A 262 -8.01 -5.46 -14.10
CA PRO A 262 -7.72 -5.13 -15.51
C PRO A 262 -8.98 -5.18 -16.37
N PRO A 263 -8.96 -4.54 -17.54
CA PRO A 263 -10.21 -4.36 -18.30
C PRO A 263 -10.90 -5.65 -18.71
N SER A 264 -10.17 -6.72 -18.99
CA SER A 264 -10.78 -7.93 -19.54
C SER A 264 -10.58 -9.13 -18.64
N THR A 265 -10.81 -8.96 -17.34
CA THR A 265 -10.61 -10.04 -16.37
C THR A 265 -11.88 -10.23 -15.54
N THR A 266 -12.10 -11.47 -15.10
CA THR A 266 -13.25 -11.78 -14.27
C THR A 266 -12.98 -11.33 -12.83
N PRO A 267 -13.83 -10.48 -12.25
CA PRO A 267 -13.63 -10.07 -10.87
C PRO A 267 -14.01 -11.16 -9.88
N TYR A 268 -13.39 -11.10 -8.71
CA TYR A 268 -13.63 -12.06 -7.63
C TYR A 268 -13.90 -11.28 -6.35
N PRO A 269 -15.15 -10.86 -6.14
CA PRO A 269 -15.45 -9.98 -5.00
C PRO A 269 -15.09 -10.58 -3.64
N PHE A 270 -15.25 -11.89 -3.46
CA PHE A 270 -15.01 -12.50 -2.16
C PHE A 270 -13.54 -12.70 -1.86
N THR A 271 -12.65 -12.48 -2.83
CA THR A 271 -11.21 -12.57 -2.62
C THR A 271 -10.51 -11.22 -2.73
N GLU A 272 -10.95 -10.36 -3.65
CA GLU A 272 -10.39 -9.04 -3.84
C GLU A 272 -11.52 -8.02 -3.91
N GLY A 273 -11.20 -6.78 -3.56
CA GLY A 273 -12.14 -5.69 -3.63
C GLY A 273 -12.13 -4.84 -2.38
N TYR A 274 -12.96 -3.80 -2.40
CA TYR A 274 -13.06 -2.85 -1.31
C TYR A 274 -14.53 -2.58 -1.01
N ASP A 275 -14.78 -2.16 0.23
CA ASP A 275 -16.14 -1.91 0.71
C ASP A 275 -16.37 -0.41 0.84
N VAL A 276 -17.57 0.02 0.46
CA VAL A 276 -17.93 1.44 0.51
C VAL A 276 -19.28 1.58 1.22
N PRO A 277 -19.32 2.21 2.39
CA PRO A 277 -20.60 2.34 3.11
C PRO A 277 -21.48 3.38 2.43
N PRO A 278 -22.80 3.26 2.57
CA PRO A 278 -23.69 4.28 2.01
C PRO A 278 -23.55 5.60 2.75
N GLY A 279 -23.81 6.69 2.04
CA GLY A 279 -23.67 8.01 2.60
C GLY A 279 -22.26 8.55 2.63
N PHE A 280 -21.31 7.90 1.96
CA PHE A 280 -19.92 8.33 1.93
C PHE A 280 -19.44 8.39 0.49
N SER A 281 -18.51 9.30 0.23
CA SER A 281 -17.87 9.43 -1.07
C SER A 281 -16.49 8.76 -0.98
N ALA A 282 -16.31 7.68 -1.75
CA ALA A 282 -15.09 6.90 -1.72
C ALA A 282 -14.16 7.34 -2.84
N SER A 283 -12.91 7.64 -2.48
CA SER A 283 -11.88 8.02 -3.45
C SER A 283 -10.90 6.86 -3.59
N PHE A 284 -10.73 6.38 -4.82
CA PHE A 284 -9.83 5.27 -5.12
C PHE A 284 -8.67 5.79 -5.95
N GLY A 285 -7.60 6.23 -5.28
CA GLY A 285 -6.40 6.65 -5.95
C GLY A 285 -5.63 5.47 -6.50
N ILE A 286 -5.57 5.35 -7.82
CA ILE A 286 -5.01 4.18 -8.49
C ILE A 286 -3.57 4.47 -8.87
N HIS A 287 -2.65 3.67 -8.37
CA HIS A 287 -1.25 3.72 -8.79
C HIS A 287 -0.92 2.47 -9.60
N PRO A 288 -0.79 2.59 -10.92
CA PRO A 288 -0.63 1.39 -11.75
C PRO A 288 0.74 0.76 -11.58
N ARG A 289 0.78 -0.55 -11.85
CA ARG A 289 2.03 -1.32 -11.85
C ARG A 289 1.99 -2.30 -13.01
N ARG A 290 3.18 -2.65 -13.51
CA ARG A 290 3.33 -3.66 -14.54
C ARG A 290 4.46 -4.60 -14.16
N ASN A 291 4.23 -5.90 -14.31
CA ASN A 291 5.23 -6.92 -14.01
C ASN A 291 5.48 -7.74 -15.27
N ILE A 292 6.75 -7.88 -15.64
CA ILE A 292 7.15 -8.65 -16.81
C ILE A 292 8.00 -9.83 -16.32
N ARG A 293 7.64 -11.03 -16.75
CA ARG A 293 8.28 -12.25 -16.29
C ARG A 293 8.77 -13.05 -17.49
N ILE A 294 9.70 -13.97 -17.23
CA ILE A 294 10.35 -14.72 -18.30
C ILE A 294 10.11 -16.21 -18.14
N GLY A 295 10.69 -17.01 -19.05
CA GLY A 295 10.19 -18.33 -19.34
C GLY A 295 10.64 -19.46 -18.42
N PRO A 296 10.42 -20.68 -18.88
CA PRO A 296 10.62 -21.87 -18.04
C PRO A 296 12.01 -21.99 -17.45
N PRO A 297 13.09 -21.88 -18.26
CA PRO A 297 14.41 -22.20 -17.70
C PRO A 297 14.81 -21.31 -16.52
N HIS A 298 14.38 -20.05 -16.52
CA HIS A 298 14.72 -19.13 -15.45
C HIS A 298 13.62 -18.96 -14.41
N GLY A 299 12.37 -19.12 -14.82
CA GLY A 299 11.26 -18.97 -13.89
C GLY A 299 10.06 -19.75 -14.38
N ASN A 300 8.88 -19.33 -13.91
CA ASN A 300 7.61 -19.87 -14.37
C ASN A 300 6.66 -18.73 -14.69
N CYS A 301 6.14 -18.73 -15.92
CA CYS A 301 5.08 -17.80 -16.29
C CYS A 301 4.29 -18.40 -17.44
N SER A 302 3.03 -17.98 -17.57
CA SER A 302 2.14 -18.47 -18.60
C SER A 302 1.40 -17.31 -19.23
N ASP A 303 1.18 -17.38 -20.54
CA ASP A 303 0.47 -16.35 -21.28
C ASP A 303 -1.02 -16.62 -21.40
N LYS A 304 -1.49 -17.81 -21.02
CA LYS A 304 -2.89 -18.17 -21.17
C LYS A 304 -3.28 -19.16 -20.09
N ASN A 305 -4.53 -19.08 -19.65
CA ASN A 305 -5.05 -19.97 -18.62
C ASN A 305 -5.16 -21.39 -19.18
N PRO A 306 -4.53 -22.39 -18.56
CA PRO A 306 -4.67 -23.76 -19.07
C PRO A 306 -6.10 -24.26 -19.10
N PHE A 307 -6.92 -23.86 -18.13
CA PHE A 307 -8.31 -24.29 -18.06
C PHE A 307 -9.26 -23.36 -18.79
N GLY A 308 -8.76 -22.25 -19.34
CA GLY A 308 -9.61 -21.26 -19.95
C GLY A 308 -9.92 -21.53 -21.41
N ASP A 309 -10.71 -20.63 -21.99
CA ASP A 309 -11.10 -20.69 -23.40
C ASP A 309 -10.38 -19.66 -24.26
N GLY A 310 -9.53 -18.83 -23.68
CA GLY A 310 -8.81 -17.82 -24.44
C GLY A 310 -9.63 -16.61 -24.84
N THR A 311 -10.59 -16.20 -24.02
CA THR A 311 -11.37 -14.99 -24.26
C THR A 311 -11.35 -14.07 -23.05
N GLU A 312 -10.24 -14.05 -22.32
CA GLU A 312 -10.10 -13.23 -21.13
C GLU A 312 -8.62 -13.08 -20.81
N ARG A 313 -8.24 -11.92 -20.30
CA ARG A 313 -6.87 -11.66 -19.91
C ARG A 313 -6.49 -12.56 -18.73
N TYR A 314 -5.29 -13.13 -18.80
CA TYR A 314 -4.89 -14.17 -17.85
C TYR A 314 -4.60 -13.59 -16.47
N ARG A 315 -5.02 -14.32 -15.44
CA ARG A 315 -4.66 -14.04 -14.06
C ARG A 315 -4.40 -15.36 -13.34
N LEU A 316 -3.46 -15.33 -12.39
CA LEU A 316 -3.11 -16.54 -11.64
C LEU A 316 -4.26 -16.99 -10.75
N MET A 317 -5.03 -16.04 -10.21
CA MET A 317 -6.14 -16.37 -9.32
C MET A 317 -7.18 -17.21 -10.06
N ALA A 318 -7.49 -16.83 -11.30
CA ALA A 318 -8.45 -17.61 -12.09
C ALA A 318 -7.95 -19.03 -12.33
N CYS A 319 -6.66 -19.17 -12.64
CA CYS A 319 -6.10 -20.51 -12.86
C CYS A 319 -6.21 -21.35 -11.60
N GLN A 320 -5.88 -20.77 -10.44
CA GLN A 320 -5.95 -21.54 -9.19
C GLN A 320 -7.39 -21.93 -8.86
N LYS A 321 -8.33 -21.01 -9.03
CA LYS A 321 -9.73 -21.32 -8.75
C LYS A 321 -10.25 -22.39 -9.69
N MET A 322 -9.90 -22.32 -10.98
CA MET A 322 -10.35 -23.34 -11.91
C MET A 322 -9.66 -24.68 -11.66
N CYS A 323 -8.42 -24.67 -11.17
CA CYS A 323 -7.79 -25.93 -10.76
C CYS A 323 -8.52 -26.56 -9.58
N MET A 324 -8.91 -25.74 -8.61
CA MET A 324 -9.70 -26.25 -7.49
C MET A 324 -11.02 -26.83 -7.97
N GLN A 325 -11.69 -26.12 -8.89
CA GLN A 325 -12.94 -26.62 -9.45
C GLN A 325 -12.73 -27.92 -10.20
N HIS A 326 -11.63 -28.03 -10.95
CA HIS A 326 -11.32 -29.26 -11.66
C HIS A 326 -11.14 -30.43 -10.70
N TYR A 327 -10.44 -30.20 -9.58
CA TYR A 327 -10.28 -31.26 -8.59
C TYR A 327 -11.60 -31.62 -7.94
N ILE A 328 -12.46 -30.64 -7.68
CA ILE A 328 -13.76 -30.93 -7.08
C ILE A 328 -14.62 -31.77 -8.02
N VAL A 329 -14.66 -31.39 -9.31
CA VAL A 329 -15.49 -32.09 -10.27
C VAL A 329 -15.00 -33.52 -10.47
N GLU A 330 -13.68 -33.70 -10.50
CA GLU A 330 -13.10 -35.02 -10.72
C GLU A 330 -13.48 -35.99 -9.61
N THR A 331 -13.45 -35.54 -8.36
CA THR A 331 -13.67 -36.43 -7.22
C THR A 331 -15.14 -36.54 -6.84
N CYS A 332 -15.78 -35.39 -6.52
CA CYS A 332 -17.15 -35.42 -6.04
C CYS A 332 -18.18 -35.57 -7.16
N GLY A 333 -17.77 -35.43 -8.42
CA GLY A 333 -18.70 -35.53 -9.52
C GLY A 333 -19.60 -34.33 -9.72
N CYS A 334 -19.29 -33.20 -9.08
CA CYS A 334 -20.12 -32.00 -9.19
C CYS A 334 -19.23 -30.78 -9.04
N ALA A 335 -19.77 -29.64 -9.43
CA ALA A 335 -19.05 -28.37 -9.41
C ALA A 335 -19.51 -27.52 -8.21
N ASP A 336 -18.55 -26.88 -7.55
CA ASP A 336 -18.85 -26.00 -6.44
C ASP A 336 -19.34 -24.66 -6.97
N VAL A 337 -20.44 -24.16 -6.39
CA VAL A 337 -21.01 -22.89 -6.82
C VAL A 337 -20.11 -21.72 -6.46
N GLY A 338 -19.23 -21.88 -5.48
CA GLY A 338 -18.32 -20.83 -5.07
C GLY A 338 -17.10 -20.66 -5.95
N LEU A 339 -16.98 -21.47 -7.00
CA LEU A 339 -15.85 -21.40 -7.91
C LEU A 339 -16.36 -21.35 -9.34
N PRO A 340 -15.56 -20.78 -10.26
CA PRO A 340 -16.05 -20.61 -11.64
C PRO A 340 -16.29 -21.95 -12.34
N LYS A 341 -17.27 -21.94 -13.23
CA LYS A 341 -17.53 -23.10 -14.08
C LYS A 341 -16.41 -23.25 -15.11
N LEU A 342 -16.01 -24.49 -15.35
CA LEU A 342 -14.96 -24.76 -16.32
C LEU A 342 -15.49 -24.59 -17.73
N PRO A 343 -14.91 -23.70 -18.54
CA PRO A 343 -15.43 -23.52 -19.92
C PRO A 343 -15.35 -24.77 -20.77
N LEU A 344 -14.34 -25.62 -20.56
CA LEU A 344 -14.15 -26.80 -21.39
C LEU A 344 -14.94 -28.01 -20.90
N GLN A 345 -15.61 -27.91 -19.75
CA GLN A 345 -16.36 -29.01 -19.16
C GLN A 345 -17.74 -28.54 -18.74
N ALA A 346 -18.44 -27.88 -19.65
CA ALA A 346 -19.77 -27.36 -19.37
C ALA A 346 -20.76 -28.50 -19.13
N ASN A 347 -21.99 -28.12 -18.78
CA ASN A 347 -23.07 -29.06 -18.47
C ASN A 347 -22.71 -29.94 -17.27
N ILE A 348 -22.30 -29.30 -16.17
CA ILE A 348 -22.03 -29.96 -14.92
C ILE A 348 -22.91 -29.35 -13.84
N SER A 349 -23.68 -30.19 -13.16
CA SER A 349 -24.59 -29.70 -12.13
C SER A 349 -23.82 -29.25 -10.89
N TRP A 350 -24.34 -28.23 -10.23
CA TRP A 350 -23.75 -27.76 -8.99
C TRP A 350 -23.88 -28.82 -7.90
N CYS A 351 -22.93 -28.80 -6.96
CA CYS A 351 -22.99 -29.73 -5.84
C CYS A 351 -24.20 -29.44 -4.94
N ARG A 352 -24.62 -28.18 -4.86
CA ARG A 352 -25.76 -27.79 -4.04
C ARG A 352 -27.09 -27.99 -4.73
N ASP A 353 -27.09 -28.44 -5.99
CA ASP A 353 -28.33 -28.74 -6.69
C ASP A 353 -29.06 -29.87 -5.97
N ASP A 354 -30.37 -29.72 -5.81
CA ASP A 354 -31.18 -30.72 -5.12
C ASP A 354 -31.50 -31.93 -5.98
N ASP A 355 -31.14 -31.91 -7.26
CA ASP A 355 -31.30 -33.06 -8.16
C ASP A 355 -32.77 -33.48 -8.27
N ASN A 356 -33.59 -32.54 -8.74
CA ASN A 356 -35.02 -32.77 -8.97
C ASN A 356 -35.70 -33.30 -7.71
N PHE A 357 -35.60 -32.50 -6.65
CA PHE A 357 -36.23 -32.84 -5.39
C PHE A 357 -37.74 -32.83 -5.57
N PRO A 358 -38.44 -33.92 -5.23
CA PRO A 358 -39.85 -34.04 -5.63
C PRO A 358 -40.75 -33.06 -4.91
N ASP A 359 -41.84 -32.71 -5.58
CA ASP A 359 -42.82 -31.78 -5.02
C ASP A 359 -43.67 -32.42 -3.93
N GLU A 360 -43.79 -33.75 -3.92
CA GLU A 360 -44.61 -34.41 -2.91
C GLU A 360 -44.06 -34.24 -1.50
N CYS A 361 -42.79 -33.85 -1.37
CA CYS A 361 -42.23 -33.60 -0.04
C CYS A 361 -42.90 -32.43 0.66
N MET A 362 -43.62 -31.58 -0.08
CA MET A 362 -44.32 -30.45 0.51
C MET A 362 -45.40 -30.89 1.49
N PHE A 363 -45.93 -32.10 1.32
CA PHE A 363 -47.04 -32.58 2.14
C PHE A 363 -46.61 -33.53 3.25
N THR A 364 -45.60 -34.37 3.01
CA THR A 364 -45.14 -35.35 3.98
C THR A 364 -43.63 -35.24 4.13
N ALA A 365 -43.16 -35.33 5.38
CA ALA A 365 -41.73 -35.33 5.68
C ALA A 365 -41.22 -36.78 5.81
N SER A 366 -41.34 -37.51 4.70
CA SER A 366 -40.97 -38.91 4.69
C SER A 366 -39.45 -39.07 4.71
N GLU A 367 -39.03 -40.29 5.03
CA GLU A 367 -37.59 -40.59 5.13
C GLU A 367 -36.90 -40.48 3.78
N GLU A 368 -37.64 -40.70 2.68
CA GLU A 368 -37.05 -40.59 1.35
C GLU A 368 -36.59 -39.17 1.06
N CYS A 369 -37.42 -38.19 1.40
CA CYS A 369 -37.05 -36.79 1.20
C CYS A 369 -35.83 -36.43 2.04
N LEU A 370 -35.79 -36.93 3.27
CA LEU A 370 -34.64 -36.72 4.14
C LEU A 370 -33.39 -37.38 3.59
N GLN A 371 -33.52 -38.55 2.95
CA GLN A 371 -32.36 -39.19 2.34
C GLN A 371 -31.83 -38.38 1.17
N LEU A 372 -32.73 -37.77 0.40
CA LEU A 372 -32.28 -36.89 -0.68
C LEU A 372 -31.53 -35.68 -0.13
N LEU A 373 -32.06 -35.06 0.92
CA LEU A 373 -31.34 -33.95 1.55
C LEU A 373 -30.02 -34.42 2.14
N MET A 374 -29.99 -35.64 2.67
CA MET A 374 -28.76 -36.22 3.21
C MET A 374 -27.71 -36.36 2.12
N GLN A 375 -28.12 -36.82 0.94
CA GLN A 375 -27.18 -36.94 -0.16
C GLN A 375 -26.68 -35.57 -0.60
N LEU A 376 -27.56 -34.57 -0.59
CA LEU A 376 -27.12 -33.21 -0.90
C LEU A 376 -26.07 -32.72 0.09
N HIS A 377 -26.30 -32.97 1.38
CA HIS A 377 -25.34 -32.57 2.40
C HIS A 377 -24.01 -33.33 2.24
N ASN A 378 -24.08 -34.61 1.89
CA ASN A 378 -22.87 -35.38 1.66
C ASN A 378 -22.09 -34.81 0.48
N ARG A 379 -22.77 -34.40 -0.58
CA ARG A 379 -22.08 -33.78 -1.70
C ARG A 379 -21.40 -32.48 -1.28
N ILE A 380 -22.09 -31.65 -0.49
CA ILE A 380 -21.49 -30.41 -0.01
C ILE A 380 -20.25 -30.71 0.82
N LYS A 381 -20.33 -31.71 1.71
CA LYS A 381 -19.20 -32.06 2.56
C LYS A 381 -18.05 -32.61 1.73
N CYS A 382 -18.35 -33.38 0.69
CA CYS A 382 -17.30 -33.87 -0.21
C CYS A 382 -16.57 -32.70 -0.85
N ALA A 383 -17.32 -31.72 -1.36
CA ALA A 383 -16.70 -30.56 -1.98
C ALA A 383 -15.83 -29.79 -0.98
N ARG A 384 -16.35 -29.59 0.23
CA ARG A 384 -15.60 -28.85 1.25
C ARG A 384 -14.32 -29.59 1.62
N SER A 385 -14.40 -30.91 1.80
CA SER A 385 -13.21 -31.69 2.15
C SER A 385 -12.19 -31.67 1.03
N ILE A 386 -12.64 -31.75 -0.23
CA ILE A 386 -11.71 -31.69 -1.35
C ILE A 386 -11.02 -30.34 -1.41
N LYS A 387 -11.76 -29.26 -1.15
CA LYS A 387 -11.15 -27.93 -1.15
C LYS A 387 -10.06 -27.82 -0.08
N SER A 388 -10.32 -28.34 1.11
CA SER A 388 -9.33 -28.28 2.18
C SER A 388 -8.14 -29.19 1.89
N LYS A 389 -8.41 -30.41 1.42
CA LYS A 389 -7.33 -31.37 1.19
C LYS A 389 -6.38 -30.88 0.10
N ILE A 390 -6.91 -30.34 -0.99
CA ILE A 390 -6.07 -29.90 -2.10
C ILE A 390 -5.19 -28.74 -1.68
N THR A 391 -5.68 -27.88 -0.79
CA THR A 391 -4.88 -26.74 -0.34
C THR A 391 -3.59 -27.20 0.33
N LYS A 392 -3.68 -28.18 1.21
CA LYS A 392 -2.48 -28.74 1.82
C LYS A 392 -1.71 -29.62 0.85
N ASN A 393 -2.42 -30.22 -0.12
CA ASN A 393 -1.84 -31.12 -1.10
C ASN A 393 -1.14 -30.29 -2.17
N THR A 394 0.09 -29.87 -1.85
CA THR A 394 0.83 -28.96 -2.72
C THR A 394 1.12 -29.58 -4.09
N THR A 395 1.24 -30.90 -4.15
CA THR A 395 1.53 -31.56 -5.42
C THR A 395 0.39 -31.34 -6.41
N ALA A 396 -0.85 -31.30 -5.93
CA ALA A 396 -1.99 -31.04 -6.81
C ALA A 396 -1.91 -29.63 -7.40
N MET A 397 -1.53 -28.65 -6.58
CA MET A 397 -1.41 -27.28 -7.07
C MET A 397 -0.35 -27.16 -8.15
N GLU A 398 0.78 -27.86 -7.96
CA GLU A 398 1.82 -27.87 -8.98
C GLU A 398 1.37 -28.62 -10.23
N ALA A 399 0.56 -29.66 -10.08
CA ALA A 399 0.11 -30.45 -11.22
C ALA A 399 -0.80 -29.65 -12.16
N CYS A 400 -1.43 -28.59 -11.67
CA CYS A 400 -2.31 -27.78 -12.52
C CYS A 400 -1.55 -26.78 -13.38
N ASN A 401 -0.23 -26.63 -13.16
CA ASN A 401 0.63 -25.78 -13.99
C ASN A 401 0.13 -24.34 -14.01
N CYS A 402 -0.31 -23.83 -12.86
CA CYS A 402 -0.72 -22.45 -12.72
C CYS A 402 0.49 -21.59 -12.39
N PHE A 403 0.78 -20.63 -13.25
CA PHE A 403 1.94 -19.76 -13.12
C PHE A 403 1.51 -18.31 -13.28
N PRO A 404 2.25 -17.37 -12.70
CA PRO A 404 1.89 -15.95 -12.84
C PRO A 404 1.99 -15.50 -14.28
N PRO A 405 1.21 -14.51 -14.69
CA PRO A 405 1.27 -14.06 -16.09
C PRO A 405 2.63 -13.51 -16.46
N CYS A 406 3.01 -13.72 -17.72
CA CYS A 406 4.30 -13.23 -18.21
C CYS A 406 4.29 -11.71 -18.40
N ASP A 407 3.11 -11.10 -18.51
CA ASP A 407 2.99 -9.66 -18.64
C ASP A 407 1.71 -9.26 -17.91
N GLU A 408 1.85 -8.80 -16.68
CA GLU A 408 0.73 -8.54 -15.79
C GLU A 408 0.62 -7.06 -15.49
N VAL A 409 -0.62 -6.55 -15.50
CA VAL A 409 -0.91 -5.19 -15.10
C VAL A 409 -1.72 -5.23 -13.82
N SER A 410 -1.24 -4.52 -12.80
CA SER A 410 -1.87 -4.51 -11.48
C SER A 410 -2.00 -3.07 -11.00
N TYR A 411 -2.88 -2.86 -10.03
CA TYR A 411 -3.20 -1.53 -9.54
C TYR A 411 -3.13 -1.49 -8.02
N ASP A 412 -2.58 -0.40 -7.49
CA ASP A 412 -2.60 -0.11 -6.07
C ASP A 412 -3.66 0.95 -5.79
N VAL A 413 -4.41 0.76 -4.70
CA VAL A 413 -5.57 1.59 -4.40
C VAL A 413 -5.30 2.37 -3.13
N SER A 414 -5.52 3.69 -3.19
CA SER A 414 -5.47 4.56 -2.02
C SER A 414 -6.89 4.80 -1.57
N TYR A 415 -7.29 4.16 -0.47
CA TYR A 415 -8.66 4.19 -0.01
C TYR A 415 -8.91 5.42 0.87
N SER A 416 -10.05 6.07 0.65
CA SER A 416 -10.43 7.24 1.41
C SER A 416 -11.94 7.34 1.45
N LEU A 417 -12.45 8.06 2.45
CA LEU A 417 -13.88 8.22 2.63
C LEU A 417 -14.20 9.64 3.08
N SER A 418 -15.41 10.09 2.73
CA SER A 418 -15.94 11.38 3.15
C SER A 418 -17.44 11.38 2.89
N LYS A 419 -18.23 11.83 3.87
CA LYS A 419 -19.68 11.83 3.71
C LYS A 419 -20.07 12.70 2.51
N TRP A 420 -20.84 12.11 1.58
CA TRP A 420 -21.07 12.79 0.31
C TRP A 420 -22.10 13.90 0.42
N PRO A 421 -23.34 13.65 0.91
CA PRO A 421 -24.30 14.76 1.04
C PRO A 421 -23.99 15.61 2.26
N SER A 422 -23.48 16.81 2.03
CA SER A 422 -23.16 17.71 3.12
C SER A 422 -24.42 18.20 3.82
N ALA A 423 -24.30 18.46 5.12
CA ALA A 423 -25.41 19.00 5.87
C ALA A 423 -25.73 20.42 5.41
N GLY A 424 -27.00 20.77 5.48
CA GLY A 424 -27.42 22.10 5.06
C GLY A 424 -27.55 22.21 3.55
N TYR A 425 -27.59 23.47 3.10
CA TYR A 425 -27.74 23.77 1.68
C TYR A 425 -26.54 23.36 0.84
N GLU A 426 -25.42 23.01 1.46
CA GLU A 426 -24.26 22.54 0.70
C GLU A 426 -24.59 21.23 -0.02
N GLY A 427 -25.31 20.33 0.64
CA GLY A 427 -25.67 19.05 0.08
C GLY A 427 -26.87 19.02 -0.83
N ASP A 428 -27.51 20.18 -1.07
CA ASP A 428 -28.65 20.22 -1.97
C ASP A 428 -28.27 19.90 -3.41
N ALA A 429 -26.99 20.04 -3.75
CA ALA A 429 -26.54 19.73 -5.10
C ALA A 429 -26.75 18.26 -5.44
N ALA A 430 -26.50 17.38 -4.47
CA ALA A 430 -26.69 15.95 -4.70
C ALA A 430 -28.15 15.64 -5.02
N TYR A 431 -29.09 16.17 -4.23
CA TYR A 431 -30.50 15.93 -4.48
C TYR A 431 -30.93 16.54 -5.80
N PHE A 432 -30.44 17.74 -6.12
CA PHE A 432 -30.80 18.38 -7.38
C PHE A 432 -30.31 17.56 -8.57
N ASP A 433 -29.11 17.01 -8.47
CA ASP A 433 -28.57 16.19 -9.54
C ASP A 433 -29.35 14.90 -9.69
N VAL A 434 -29.63 14.23 -8.57
CA VAL A 434 -30.25 12.91 -8.63
C VAL A 434 -31.70 13.01 -9.09
N PHE A 435 -32.46 13.95 -8.52
CA PHE A 435 -33.90 13.99 -8.73
C PHE A 435 -34.39 15.14 -9.59
N GLY A 436 -33.55 16.16 -9.82
CA GLY A 436 -33.98 17.30 -10.60
C GLY A 436 -33.49 17.29 -12.03
N ILE A 437 -32.30 16.73 -12.25
CA ILE A 437 -31.68 16.67 -13.56
C ILE A 437 -31.68 15.25 -14.12
N GLU A 438 -31.16 14.29 -13.35
CA GLU A 438 -31.23 12.90 -13.77
C GLU A 438 -32.65 12.33 -13.65
N LYS A 439 -33.48 12.93 -12.79
CA LYS A 439 -34.87 12.51 -12.60
C LYS A 439 -34.93 11.01 -12.29
N PHE A 440 -34.33 10.65 -11.16
CA PHE A 440 -34.17 9.24 -10.80
C PHE A 440 -35.52 8.56 -10.60
N ASN A 441 -36.49 9.26 -10.00
CA ASN A 441 -37.79 8.67 -9.74
C ASN A 441 -38.51 8.32 -11.04
N GLU A 442 -38.40 9.19 -12.05
CA GLU A 442 -39.16 9.00 -13.29
C GLU A 442 -38.66 7.84 -14.13
N ARG A 443 -37.50 7.25 -13.80
CA ARG A 443 -37.09 6.02 -14.48
C ARG A 443 -38.07 4.89 -14.20
N PHE A 444 -38.60 4.83 -12.98
CA PHE A 444 -39.42 3.73 -12.51
C PHE A 444 -40.90 3.93 -12.79
N ASN A 445 -41.28 5.00 -13.50
CA ASN A 445 -42.68 5.27 -13.85
C ASN A 445 -43.07 4.44 -15.08
N LYS A 446 -42.92 3.12 -14.95
CA LYS A 446 -43.21 2.18 -16.01
C LYS A 446 -44.34 1.26 -15.58
N THR A 447 -44.84 0.48 -16.54
CA THR A 447 -45.98 -0.39 -16.27
C THR A 447 -45.66 -1.45 -15.23
N GLY A 448 -44.47 -2.06 -15.32
CA GLY A 448 -44.11 -3.14 -14.42
C GLY A 448 -43.22 -2.73 -13.27
N THR A 449 -43.16 -1.42 -13.00
CA THR A 449 -42.29 -0.93 -11.92
C THR A 449 -43.01 0.16 -11.12
N GLN A 450 -44.35 0.16 -11.13
CA GLN A 450 -45.10 1.20 -10.43
C GLN A 450 -44.87 1.14 -8.92
N GLY A 451 -44.78 -0.07 -8.36
CA GLY A 451 -44.59 -0.19 -6.92
C GLY A 451 -43.31 0.47 -6.44
N LYS A 452 -42.22 0.28 -7.18
CA LYS A 452 -40.95 0.93 -6.84
C LYS A 452 -41.07 2.45 -6.96
N TYR A 453 -41.79 2.92 -7.99
CA TYR A 453 -41.90 4.36 -8.23
C TYR A 453 -42.58 5.07 -7.06
N GLU A 454 -43.68 4.49 -6.56
CA GLU A 454 -44.40 5.12 -5.44
C GLU A 454 -43.53 5.14 -4.19
N LEU A 455 -42.82 4.04 -3.92
CA LEU A 455 -41.98 3.98 -2.73
C LEU A 455 -40.86 5.00 -2.80
N PHE A 456 -40.21 5.14 -3.96
CA PHE A 456 -39.16 6.14 -4.09
C PHE A 456 -39.72 7.56 -4.05
N THR A 457 -40.93 7.77 -4.56
CA THR A 457 -41.55 9.09 -4.46
C THR A 457 -41.81 9.45 -3.01
N LYS A 458 -42.29 8.50 -2.21
CA LYS A 458 -42.57 8.78 -0.81
C LYS A 458 -41.29 8.94 0.00
N TYR A 459 -40.31 8.06 -0.20
CA TYR A 459 -39.13 8.06 0.65
C TYR A 459 -38.23 9.25 0.38
N PHE A 460 -38.08 9.65 -0.87
CA PHE A 460 -37.12 10.68 -1.27
C PHE A 460 -37.77 12.05 -1.45
N ASN A 461 -38.76 12.39 -0.64
CA ASN A 461 -39.37 13.71 -0.76
C ASN A 461 -38.43 14.79 -0.23
N VAL A 462 -38.77 16.04 -0.55
CA VAL A 462 -37.87 17.16 -0.30
C VAL A 462 -37.65 17.39 1.19
N SER A 463 -38.69 17.19 2.01
CA SER A 463 -38.58 17.52 3.43
C SER A 463 -37.62 16.58 4.15
N ASN A 464 -37.64 15.29 3.81
CA ASN A 464 -36.76 14.30 4.43
C ASN A 464 -35.43 14.17 3.69
N ARG A 465 -34.99 15.25 3.04
CA ARG A 465 -33.78 15.23 2.22
C ARG A 465 -32.56 14.74 2.99
N GLU A 466 -32.39 15.24 4.23
CA GLU A 466 -31.16 14.98 4.97
C GLU A 466 -31.00 13.50 5.30
N GLU A 467 -32.07 12.85 5.78
CA GLU A 467 -31.97 11.44 6.14
C GLU A 467 -32.04 10.53 4.93
N SER A 468 -32.93 10.83 3.97
CA SER A 468 -33.17 9.91 2.87
C SER A 468 -31.96 9.78 1.96
N MET A 469 -31.21 10.87 1.78
CA MET A 469 -30.09 10.85 0.84
C MET A 469 -28.91 10.03 1.35
N LYS A 470 -28.92 9.59 2.61
CA LYS A 470 -27.83 8.79 3.14
C LYS A 470 -27.77 7.40 2.53
N ASP A 471 -28.81 6.97 1.81
CA ASP A 471 -28.81 5.66 1.17
C ASP A 471 -27.96 5.63 -0.08
N PHE A 472 -27.59 6.78 -0.63
CA PHE A 472 -26.77 6.86 -1.82
C PHE A 472 -25.29 6.88 -1.46
N ALA A 473 -24.46 6.52 -2.42
CA ALA A 473 -23.01 6.55 -2.28
C ALA A 473 -22.38 6.96 -3.60
N ARG A 474 -21.18 7.55 -3.52
CA ARG A 474 -20.46 8.02 -4.69
C ARG A 474 -19.08 7.39 -4.72
N LEU A 475 -18.68 6.92 -5.90
CA LEU A 475 -17.36 6.33 -6.11
C LEU A 475 -16.57 7.20 -7.07
N ASN A 476 -15.33 7.52 -6.70
CA ASN A 476 -14.40 8.25 -7.56
C ASN A 476 -13.17 7.38 -7.75
N VAL A 477 -12.99 6.86 -8.95
CA VAL A 477 -11.82 6.05 -9.31
C VAL A 477 -10.99 6.88 -10.29
N TYR A 478 -9.80 7.29 -9.85
CA TYR A 478 -8.96 8.17 -10.64
C TYR A 478 -7.52 7.68 -10.56
N ILE A 479 -6.77 7.94 -11.63
CA ILE A 479 -5.35 7.61 -11.67
C ILE A 479 -4.59 8.71 -10.94
N ALA A 480 -3.94 8.37 -9.83
CA ALA A 480 -3.20 9.33 -9.04
C ALA A 480 -1.77 9.54 -9.52
N ASP A 481 -1.21 8.56 -10.23
CA ASP A 481 0.16 8.66 -10.76
C ASP A 481 0.16 8.08 -12.16
N SER A 482 0.31 8.94 -13.17
CA SER A 482 0.29 8.49 -14.55
C SER A 482 1.51 7.66 -14.91
N ASN A 483 2.60 7.77 -14.16
CA ASN A 483 3.80 6.99 -14.42
C ASN A 483 3.68 5.63 -13.76
N VAL A 484 4.05 4.58 -14.49
CA VAL A 484 3.83 3.21 -14.07
C VAL A 484 5.12 2.65 -13.50
N VAL A 485 5.02 2.01 -12.33
CA VAL A 485 6.15 1.31 -11.73
C VAL A 485 6.29 -0.06 -12.42
N LYS A 486 7.40 -0.27 -13.09
CA LYS A 486 7.64 -1.48 -13.87
C LYS A 486 8.61 -2.39 -13.13
N THR A 487 8.22 -3.66 -12.97
CA THR A 487 9.07 -4.68 -12.35
C THR A 487 9.33 -5.74 -13.41
N GLN A 488 10.51 -5.69 -14.03
CA GLN A 488 10.85 -6.58 -15.13
C GLN A 488 11.90 -7.59 -14.67
N GLU A 489 11.64 -8.86 -14.94
CA GLU A 489 12.57 -9.94 -14.63
C GLU A 489 13.37 -10.30 -15.88
N SER A 490 14.67 -10.53 -15.69
CA SER A 490 15.56 -10.87 -16.79
C SER A 490 16.59 -11.87 -16.30
N GLU A 491 17.18 -12.60 -17.25
CA GLU A 491 18.20 -13.59 -16.91
C GLU A 491 19.46 -12.89 -16.42
N ASP A 492 19.92 -13.30 -15.23
CA ASP A 492 21.08 -12.66 -14.61
C ASP A 492 22.40 -13.13 -15.22
N TYR A 493 22.48 -14.39 -15.63
CA TYR A 493 23.74 -15.01 -16.05
C TYR A 493 23.51 -15.66 -17.42
N THR A 494 23.81 -14.92 -18.48
CA THR A 494 23.60 -15.40 -19.84
C THR A 494 24.72 -16.33 -20.27
N ARG A 495 24.55 -16.92 -21.46
CA ARG A 495 25.57 -17.81 -22.00
C ARG A 495 26.86 -17.04 -22.34
N ASN A 496 26.72 -15.80 -22.81
CA ASN A 496 27.90 -15.01 -23.15
C ASN A 496 28.73 -14.70 -21.90
N GLN A 497 28.05 -14.35 -20.79
CA GLN A 497 28.76 -14.14 -19.54
C GLN A 497 29.43 -15.42 -19.06
N LEU A 498 28.75 -16.56 -19.24
CA LEU A 498 29.34 -17.84 -18.89
C LEU A 498 30.61 -18.10 -19.70
N VAL A 499 30.56 -17.80 -21.01
CA VAL A 499 31.72 -17.99 -21.86
C VAL A 499 32.86 -17.07 -21.44
N SER A 500 32.53 -15.83 -21.08
CA SER A 500 33.56 -14.89 -20.63
C SER A 500 34.22 -15.37 -19.33
N ASP A 501 33.42 -15.89 -18.40
CA ASP A 501 33.98 -16.41 -17.15
C ASP A 501 34.84 -17.63 -17.41
N ILE A 502 34.39 -18.52 -18.30
CA ILE A 502 35.21 -19.68 -18.67
C ILE A 502 36.52 -19.23 -19.29
N GLY A 503 36.48 -18.19 -20.13
CA GLY A 503 37.71 -17.69 -20.72
C GLY A 503 38.66 -17.12 -19.68
N GLY A 504 38.14 -16.33 -18.76
CA GLY A 504 38.98 -15.80 -17.69
C GLY A 504 39.62 -16.89 -16.86
N GLN A 505 38.83 -17.91 -16.49
CA GLN A 505 39.37 -19.00 -15.69
C GLN A 505 40.37 -19.83 -16.47
N LEU A 506 40.12 -20.06 -17.76
CA LEU A 506 41.08 -20.77 -18.62
C LEU A 506 42.38 -20.00 -18.76
N GLY A 507 42.31 -18.66 -18.78
CA GLY A 507 43.50 -17.86 -18.94
C GLY A 507 44.25 -17.62 -17.65
N LEU A 508 43.57 -17.81 -16.51
CA LEU A 508 44.19 -17.61 -15.22
C LEU A 508 44.91 -18.88 -14.74
N TRP A 509 44.18 -19.99 -14.63
CA TRP A 509 44.72 -21.20 -14.01
C TRP A 509 45.56 -22.02 -14.99
N VAL A 510 44.93 -22.53 -16.06
CA VAL A 510 45.59 -23.53 -16.88
C VAL A 510 46.42 -22.87 -17.99
N GLY A 511 45.99 -21.70 -18.47
CA GLY A 511 46.74 -20.96 -19.46
C GLY A 511 46.48 -21.35 -20.91
N ILE A 512 45.66 -22.37 -21.15
CA ILE A 512 45.40 -22.85 -22.51
C ILE A 512 44.32 -22.00 -23.15
N SER A 513 44.20 -22.08 -24.48
CA SER A 513 43.16 -21.37 -25.25
C SER A 513 42.57 -22.39 -26.21
N LEU A 514 41.79 -21.94 -27.20
CA LEU A 514 41.14 -22.88 -28.13
C LEU A 514 42.08 -23.11 -29.29
N ILE A 515 42.79 -22.07 -29.71
CA ILE A 515 43.83 -22.29 -30.74
C ILE A 515 44.93 -23.21 -30.14
N THR A 516 45.03 -23.32 -28.81
CA THR A 516 46.02 -24.22 -28.14
C THR A 516 45.41 -25.58 -27.84
N LEU A 517 44.08 -25.69 -27.82
CA LEU A 517 43.46 -27.03 -27.65
C LEU A 517 43.40 -27.66 -29.03
N ALA A 518 43.88 -26.96 -30.04
CA ALA A 518 43.99 -27.60 -31.36
C ALA A 518 45.30 -28.37 -31.32
N GLU A 519 46.31 -27.76 -30.74
CA GLU A 519 47.64 -28.33 -30.53
C GLU A 519 47.54 -29.79 -30.08
N VAL A 520 46.78 -30.04 -29.02
CA VAL A 520 46.65 -31.40 -28.51
C VAL A 520 45.85 -32.27 -29.49
N LEU A 521 44.93 -31.67 -30.25
CA LEU A 521 44.22 -32.44 -31.27
C LEU A 521 45.18 -32.95 -32.34
N GLU A 522 46.09 -32.07 -32.81
CA GLU A 522 47.12 -32.50 -33.73
C GLU A 522 48.05 -33.52 -33.09
N LEU A 523 48.34 -33.35 -31.79
CA LEU A 523 49.20 -34.31 -31.10
C LEU A 523 48.58 -35.70 -31.07
N ILE A 524 47.27 -35.78 -30.79
CA ILE A 524 46.61 -37.08 -30.76
C ILE A 524 46.48 -37.66 -32.17
N ILE A 525 46.32 -36.82 -33.19
CA ILE A 525 46.35 -37.34 -34.56
C ILE A 525 47.72 -37.92 -34.88
N ASP A 526 48.79 -37.22 -34.47
CA ASP A 526 50.14 -37.71 -34.71
C ASP A 526 50.39 -39.01 -33.96
N LEU A 527 49.85 -39.12 -32.73
CA LEU A 527 49.98 -40.37 -31.98
C LEU A 527 49.24 -41.51 -32.67
N PHE A 528 48.05 -41.22 -33.22
CA PHE A 528 47.32 -42.25 -33.95
C PHE A 528 48.08 -42.71 -35.19
N ARG A 529 48.68 -41.77 -35.93
CA ARG A 529 49.34 -42.08 -37.18
C ARG A 529 50.84 -42.30 -37.01
N LEU A 530 51.31 -42.46 -35.77
CA LEU A 530 52.72 -42.74 -35.50
C LEU A 530 53.21 -43.98 -36.25
N ALA B 3 62.05 -9.81 -49.40
CA ALA B 3 62.36 -10.37 -48.09
C ALA B 3 61.08 -10.64 -47.30
N ILE B 4 59.96 -10.73 -48.01
CA ILE B 4 58.68 -10.98 -47.35
C ILE B 4 58.70 -12.33 -46.64
N ARG B 5 59.20 -13.36 -47.32
CA ARG B 5 59.25 -14.68 -46.71
C ARG B 5 60.13 -14.67 -45.46
N ASP B 6 61.29 -14.00 -45.54
CA ASP B 6 62.20 -13.97 -44.41
C ASP B 6 61.60 -13.25 -43.21
N VAL B 7 60.96 -12.09 -43.45
CA VAL B 7 60.40 -11.34 -42.34
C VAL B 7 59.23 -12.08 -41.70
N MET B 8 58.38 -12.71 -42.52
CA MET B 8 57.29 -13.49 -41.95
C MET B 8 57.80 -14.70 -41.18
N THR B 9 58.86 -15.36 -41.68
CA THR B 9 59.42 -16.49 -40.96
C THR B 9 60.02 -16.07 -39.63
N LYS B 10 60.77 -14.96 -39.62
CA LYS B 10 61.34 -14.46 -38.37
C LYS B 10 60.24 -14.06 -37.39
N PHE B 11 59.18 -13.42 -37.90
CA PHE B 11 58.04 -13.08 -37.06
C PHE B 11 57.44 -14.33 -36.44
N ALA B 12 57.19 -15.36 -37.26
CA ALA B 12 56.57 -16.58 -36.76
C ALA B 12 57.46 -17.26 -35.73
N GLU B 13 58.78 -17.23 -35.93
CA GLU B 13 59.67 -17.87 -34.98
C GLU B 13 59.84 -17.07 -33.69
N GLN B 14 59.61 -15.76 -33.72
CA GLN B 14 59.81 -14.93 -32.53
C GLN B 14 58.53 -14.44 -31.88
N THR B 15 57.40 -14.48 -32.59
CA THR B 15 56.16 -13.93 -32.06
C THR B 15 55.54 -14.87 -31.04
N THR B 16 54.65 -14.31 -30.21
CA THR B 16 53.87 -15.12 -29.28
C THR B 16 52.46 -15.42 -29.78
N MET B 17 52.03 -14.80 -30.89
CA MET B 17 50.77 -15.17 -31.51
C MET B 17 50.63 -16.69 -31.57
N HIS B 18 49.57 -17.20 -30.95
CA HIS B 18 49.45 -18.62 -30.74
C HIS B 18 49.02 -19.38 -32.00
N GLY B 19 48.51 -18.70 -33.02
CA GLY B 19 48.03 -19.38 -34.21
C GLY B 19 48.85 -19.19 -35.47
N VAL B 20 49.44 -17.99 -35.63
CA VAL B 20 50.14 -17.67 -36.88
C VAL B 20 51.29 -18.61 -37.19
N PRO B 21 52.16 -18.99 -36.25
CA PRO B 21 53.28 -19.87 -36.62
C PRO B 21 52.87 -21.17 -37.29
N LYS B 22 51.73 -21.76 -36.89
CA LYS B 22 51.29 -23.00 -37.52
C LYS B 22 50.87 -22.75 -38.96
N VAL B 23 50.25 -21.60 -39.24
CA VAL B 23 49.88 -21.26 -40.60
C VAL B 23 51.12 -20.99 -41.45
N ILE B 24 52.08 -20.27 -40.90
CA ILE B 24 53.28 -19.91 -41.66
C ILE B 24 54.19 -21.12 -41.80
N ASN B 25 54.59 -21.71 -40.68
CA ASN B 25 55.44 -22.91 -40.70
C ASN B 25 54.58 -24.17 -40.79
N ALA B 26 53.83 -24.25 -41.88
CA ALA B 26 52.89 -25.34 -42.08
C ALA B 26 53.62 -26.64 -42.39
N LYS B 27 53.04 -27.75 -41.92
CA LYS B 27 53.61 -29.06 -42.20
C LYS B 27 53.37 -29.48 -43.65
N SER B 28 52.17 -29.20 -44.16
CA SER B 28 51.81 -29.56 -45.54
C SER B 28 50.65 -28.67 -45.97
N SER B 29 50.19 -28.88 -47.20
CA SER B 29 49.07 -28.11 -47.72
C SER B 29 47.81 -28.34 -46.89
N MET B 30 47.53 -29.60 -46.55
CA MET B 30 46.39 -29.90 -45.71
C MET B 30 46.57 -29.30 -44.32
N GLY B 31 47.80 -29.30 -43.81
CA GLY B 31 48.06 -28.66 -42.52
C GLY B 31 47.80 -27.17 -42.55
N ARG B 32 48.29 -26.49 -43.60
CA ARG B 32 48.04 -25.06 -43.70
C ARG B 32 46.54 -24.77 -43.83
N LEU B 33 45.83 -25.58 -44.62
CA LEU B 33 44.40 -25.39 -44.77
C LEU B 33 43.68 -25.55 -43.43
N PHE B 34 44.08 -26.58 -42.68
CA PHE B 34 43.38 -26.85 -41.41
C PHE B 34 43.64 -25.67 -40.49
N TRP B 35 44.90 -25.34 -40.29
CA TRP B 35 45.16 -24.29 -39.31
C TRP B 35 44.52 -22.97 -39.73
N SER B 36 44.42 -22.72 -41.04
CA SER B 36 43.71 -21.53 -41.51
C SER B 36 42.24 -21.57 -41.11
N LEU B 37 41.59 -22.72 -41.28
CA LEU B 37 40.18 -22.79 -40.90
C LEU B 37 40.01 -22.71 -39.39
N VAL B 38 40.95 -23.27 -38.62
CA VAL B 38 40.89 -23.11 -37.16
C VAL B 38 40.98 -21.63 -36.78
N CYS B 39 41.91 -20.91 -37.40
CA CYS B 39 42.06 -19.50 -37.10
C CYS B 39 40.80 -18.72 -37.48
N LEU B 40 40.28 -18.97 -38.69
CA LEU B 40 39.05 -18.35 -39.15
C LEU B 40 37.89 -18.61 -38.19
N ALA B 41 37.72 -19.87 -37.78
CA ALA B 41 36.65 -20.21 -36.85
C ALA B 41 36.81 -19.48 -35.52
N ALA B 42 38.03 -19.44 -34.99
CA ALA B 42 38.27 -18.74 -33.74
C ALA B 42 37.93 -17.25 -33.88
N GLY B 43 38.37 -16.62 -34.97
CA GLY B 43 38.07 -15.21 -35.17
C GLY B 43 36.60 -14.95 -35.33
N ALA B 44 35.90 -15.83 -36.06
CA ALA B 44 34.47 -15.64 -36.29
C ALA B 44 33.67 -15.75 -35.00
N MET B 45 33.97 -16.79 -34.20
CA MET B 45 33.30 -16.92 -32.91
C MET B 45 33.63 -15.74 -32.01
N PHE B 46 34.89 -15.30 -32.05
CA PHE B 46 35.30 -14.12 -31.30
C PHE B 46 34.45 -12.90 -31.64
N CYS B 47 34.32 -12.61 -32.94
CA CYS B 47 33.54 -11.44 -33.37
C CYS B 47 32.07 -11.60 -33.03
N LEU B 48 31.53 -12.81 -33.19
CA LEU B 48 30.12 -13.03 -32.86
C LEU B 48 29.85 -12.80 -31.38
N GLN B 49 30.77 -13.22 -30.50
CA GLN B 49 30.58 -13.01 -29.08
C GLN B 49 30.77 -11.54 -28.69
N MET B 50 31.74 -10.87 -29.32
CA MET B 50 31.98 -9.46 -28.99
C MET B 50 30.87 -8.56 -29.49
N SER B 51 30.20 -8.93 -30.59
CA SER B 51 29.02 -8.17 -31.01
C SER B 51 27.97 -8.20 -29.92
N GLU B 52 27.71 -9.37 -29.35
CA GLU B 52 26.76 -9.48 -28.24
C GLU B 52 27.23 -8.71 -27.02
N VAL B 53 28.52 -8.80 -26.71
CA VAL B 53 29.04 -8.11 -25.52
C VAL B 53 28.88 -6.60 -25.66
N LEU B 54 29.26 -6.06 -26.81
CA LEU B 54 29.14 -4.62 -27.03
C LEU B 54 27.68 -4.20 -27.11
N GLN B 55 26.80 -5.05 -27.65
CA GLN B 55 25.38 -4.75 -27.63
C GLN B 55 24.85 -4.66 -26.21
N ARG B 56 25.31 -5.57 -25.33
CA ARG B 56 24.92 -5.49 -23.92
C ARG B 56 25.46 -4.23 -23.27
N TYR B 57 26.70 -3.87 -23.56
CA TYR B 57 27.30 -2.70 -22.91
C TYR B 57 26.62 -1.41 -23.35
N PHE B 58 26.46 -1.20 -24.65
CA PHE B 58 25.86 0.02 -25.15
C PHE B 58 24.36 0.10 -24.89
N SER B 59 23.74 -1.00 -24.47
CA SER B 59 22.38 -0.92 -23.96
C SER B 59 22.31 -0.16 -22.64
N TYR B 60 23.44 -0.05 -21.94
CA TYR B 60 23.52 0.64 -20.66
C TYR B 60 22.50 0.12 -19.66
N PRO B 61 22.59 -1.14 -19.24
CA PRO B 61 21.62 -1.68 -18.29
C PRO B 61 21.79 -1.06 -16.91
N LYS B 62 20.74 -1.19 -16.11
CA LYS B 62 20.72 -0.66 -14.75
C LYS B 62 20.57 -1.79 -13.74
N LYS B 63 21.15 -1.58 -12.56
CA LYS B 63 21.00 -2.50 -11.44
C LYS B 63 20.28 -1.77 -10.31
N VAL B 64 19.21 -2.39 -9.81
CA VAL B 64 18.36 -1.79 -8.79
C VAL B 64 18.41 -2.66 -7.54
N THR B 65 18.68 -2.03 -6.40
CA THR B 65 18.72 -2.71 -5.11
C THR B 65 17.68 -2.10 -4.18
N VAL B 66 16.97 -2.97 -3.47
CA VAL B 66 15.95 -2.56 -2.50
C VAL B 66 16.37 -3.09 -1.14
N GLU B 67 16.47 -2.18 -0.16
CA GLU B 67 16.92 -2.56 1.16
C GLU B 67 16.35 -1.59 2.18
N VAL B 68 16.42 -1.99 3.45
CA VAL B 68 15.94 -1.19 4.57
C VAL B 68 17.15 -0.59 5.27
N VAL B 69 17.16 0.74 5.41
CA VAL B 69 18.31 1.45 5.96
C VAL B 69 17.85 2.36 7.10
N PRO B 70 18.70 2.62 8.09
CA PRO B 70 18.31 3.51 9.20
C PRO B 70 18.45 4.99 8.89
N THR B 71 18.89 5.37 7.69
CA THR B 71 19.07 6.77 7.37
C THR B 71 17.72 7.48 7.38
N PRO B 72 17.57 8.56 8.14
CA PRO B 72 16.26 9.21 8.28
C PRO B 72 15.94 10.12 7.11
N VAL B 73 14.66 10.44 7.00
CA VAL B 73 14.14 11.38 6.02
C VAL B 73 13.33 12.43 6.76
N PRO B 74 13.19 13.63 6.21
CA PRO B 74 12.45 14.68 6.93
C PRO B 74 10.99 14.32 7.09
N PHE B 75 10.41 14.83 8.18
CA PHE B 75 9.00 14.57 8.47
C PHE B 75 8.14 15.17 7.36
N PRO B 76 7.16 14.44 6.83
CA PRO B 76 6.40 14.94 5.68
C PRO B 76 5.60 16.19 6.02
N SER B 77 5.50 17.07 5.04
CA SER B 77 4.64 18.24 5.17
C SER B 77 3.18 17.85 4.94
N ILE B 78 2.29 18.44 5.72
CA ILE B 78 0.87 18.08 5.69
C ILE B 78 0.09 19.30 5.21
N SER B 79 -0.66 19.13 4.13
CA SER B 79 -1.51 20.17 3.58
C SER B 79 -2.97 19.75 3.74
N ILE B 80 -3.77 20.65 4.32
CA ILE B 80 -5.16 20.37 4.63
C ILE B 80 -6.04 21.38 3.90
N CYS B 81 -7.05 20.88 3.19
CA CYS B 81 -8.03 21.70 2.50
C CYS B 81 -9.42 21.33 3.00
N ASN B 82 -10.16 22.32 3.48
CA ASN B 82 -11.54 22.10 3.90
C ASN B 82 -12.42 22.02 2.65
N MET B 83 -13.22 20.96 2.57
CA MET B 83 -14.10 20.79 1.42
C MET B 83 -15.18 21.86 1.35
N ARG B 84 -15.44 22.56 2.46
CA ARG B 84 -16.27 23.76 2.45
C ARG B 84 -15.34 24.95 2.21
N ASN B 85 -15.44 25.54 1.02
CA ASN B 85 -14.46 26.53 0.58
C ASN B 85 -14.63 27.86 1.29
N LEU B 86 -15.87 28.29 1.52
CA LEU B 86 -16.14 29.61 2.09
C LEU B 86 -16.40 29.54 3.58
N ASP B 87 -16.34 30.70 4.22
CA ASP B 87 -16.62 30.80 5.64
C ASP B 87 -18.10 30.58 5.91
N VAL B 88 -18.40 30.15 7.14
CA VAL B 88 -19.79 29.86 7.51
C VAL B 88 -20.63 31.13 7.48
N HIS B 89 -20.09 32.23 8.00
CA HIS B 89 -20.84 33.48 8.03
C HIS B 89 -21.17 33.97 6.63
N ILE B 90 -20.19 33.90 5.72
CA ILE B 90 -20.41 34.38 4.35
C ILE B 90 -21.47 33.53 3.66
N LEU B 91 -21.39 32.20 3.81
CA LEU B 91 -22.37 31.33 3.18
C LEU B 91 -23.78 31.57 3.74
N ASN B 92 -23.89 31.70 5.05
CA ASN B 92 -25.19 31.97 5.66
C ASN B 92 -25.75 33.31 5.19
N THR B 93 -24.88 34.33 5.10
CA THR B 93 -25.33 35.63 4.60
C THR B 93 -25.82 35.53 3.17
N LEU B 94 -25.08 34.82 2.32
CA LEU B 94 -25.50 34.67 0.92
C LEU B 94 -26.83 33.95 0.82
N ASN B 95 -27.01 32.89 1.61
CA ASN B 95 -28.28 32.16 1.62
C ASN B 95 -29.42 33.08 2.05
N ARG B 96 -29.20 33.89 3.09
CA ARG B 96 -30.24 34.79 3.56
C ARG B 96 -30.59 35.85 2.52
N MET B 97 -29.59 36.42 1.85
CA MET B 97 -29.86 37.42 0.82
C MET B 97 -30.62 36.82 -0.35
N PHE B 98 -30.25 35.62 -0.80
CA PHE B 98 -31.00 35.00 -1.88
C PHE B 98 -32.39 34.57 -1.44
N ILE B 99 -32.59 34.30 -0.15
CA ILE B 99 -33.94 34.06 0.35
C ILE B 99 -34.77 35.34 0.31
N GLU B 100 -34.17 36.45 0.74
CA GLU B 100 -34.91 37.71 0.85
C GLU B 100 -35.29 38.25 -0.53
N ASP B 101 -34.36 38.22 -1.49
CA ASP B 101 -34.63 38.73 -2.83
C ASP B 101 -33.83 37.89 -3.82
N ASP B 102 -34.53 37.31 -4.79
CA ASP B 102 -33.86 36.43 -5.75
C ASP B 102 -33.08 37.24 -6.78
N ARG B 103 -33.47 38.47 -7.04
CA ARG B 103 -32.82 39.27 -8.08
C ARG B 103 -31.41 39.67 -7.64
N PRO B 104 -30.36 39.31 -8.39
CA PRO B 104 -29.00 39.69 -7.97
C PRO B 104 -28.71 41.17 -8.13
N PHE B 105 -29.38 41.86 -9.06
CA PHE B 105 -29.11 43.27 -9.28
C PHE B 105 -29.45 44.11 -8.07
N SER B 106 -30.43 43.68 -7.28
CA SER B 106 -30.84 44.40 -6.08
C SER B 106 -29.91 44.16 -4.89
N ASN B 107 -28.93 43.27 -5.03
CA ASN B 107 -28.06 42.87 -3.93
C ASN B 107 -26.62 43.31 -4.14
N ILE B 108 -26.37 44.27 -5.03
CA ILE B 108 -25.00 44.66 -5.36
C ILE B 108 -24.32 45.31 -4.17
N ASN B 109 -24.98 46.29 -3.55
CA ASN B 109 -24.40 47.05 -2.45
C ASN B 109 -25.10 46.79 -1.12
N LYS B 110 -25.71 45.62 -0.96
CA LYS B 110 -26.46 45.30 0.25
C LYS B 110 -25.59 44.70 1.35
N SER B 111 -24.33 44.39 1.08
CA SER B 111 -23.46 43.76 2.05
C SER B 111 -22.17 44.55 2.22
N GLU B 112 -21.61 44.47 3.43
CA GLU B 112 -20.36 45.15 3.74
C GLU B 112 -19.12 44.34 3.35
N HIS B 113 -19.28 43.07 2.99
CA HIS B 113 -18.16 42.23 2.62
C HIS B 113 -17.85 42.41 1.14
N GLU B 114 -16.58 42.67 0.83
CA GLU B 114 -16.18 42.94 -0.55
C GLU B 114 -16.39 41.72 -1.44
N PHE B 115 -16.11 40.53 -0.91
CA PHE B 115 -16.29 39.31 -1.69
C PHE B 115 -17.74 39.13 -2.09
N ILE B 116 -18.67 39.39 -1.17
CA ILE B 116 -20.10 39.27 -1.48
C ILE B 116 -20.49 40.27 -2.57
N ARG B 117 -19.98 41.50 -2.49
CA ARG B 117 -20.29 42.50 -3.50
C ARG B 117 -19.76 42.08 -4.88
N ALA B 118 -18.52 41.58 -4.93
CA ALA B 118 -17.96 41.14 -6.21
C ALA B 118 -18.74 39.95 -6.76
N TYR B 119 -19.10 39.00 -5.90
CA TYR B 119 -19.88 37.84 -6.33
C TYR B 119 -21.23 38.27 -6.88
N MET B 120 -21.91 39.20 -6.19
CA MET B 120 -23.19 39.68 -6.67
C MET B 120 -23.05 40.43 -7.99
N LYS B 121 -21.97 41.20 -8.14
CA LYS B 121 -21.73 41.89 -9.41
C LYS B 121 -21.57 40.89 -10.55
N LYS B 122 -20.79 39.84 -10.33
CA LYS B 122 -20.60 38.84 -11.37
C LYS B 122 -21.90 38.11 -11.69
N VAL B 123 -22.67 37.75 -10.66
CA VAL B 123 -23.94 37.05 -10.88
C VAL B 123 -24.92 37.95 -11.64
N ALA B 124 -24.98 39.23 -11.29
CA ALA B 124 -25.86 40.16 -11.98
C ALA B 124 -25.40 40.40 -13.41
N LYS B 125 -24.09 40.34 -13.67
CA LYS B 125 -23.60 40.51 -15.03
C LYS B 125 -23.86 39.29 -15.89
N TYR B 126 -23.92 38.10 -15.28
CA TYR B 126 -24.13 36.88 -16.06
C TYR B 126 -25.60 36.47 -16.15
N ALA B 127 -26.43 36.86 -15.20
CA ALA B 127 -27.79 36.32 -15.12
C ALA B 127 -28.68 36.69 -16.30
N PRO B 128 -28.76 37.94 -16.76
CA PRO B 128 -29.70 38.26 -17.86
C PRO B 128 -29.48 37.41 -19.10
N LEU B 129 -28.22 37.12 -19.43
CA LEU B 129 -27.96 36.23 -20.56
C LEU B 129 -28.35 34.80 -20.25
N PHE B 130 -28.20 34.38 -18.99
CA PHE B 130 -28.63 33.05 -18.58
C PHE B 130 -30.14 32.89 -18.73
N TRP B 131 -30.90 33.90 -18.28
CA TRP B 131 -32.34 33.82 -18.36
C TRP B 131 -32.84 33.80 -19.80
N ASN B 132 -32.10 34.40 -20.72
CA ASN B 132 -32.55 34.54 -22.10
C ASN B 132 -32.05 33.44 -23.01
N TYR B 133 -30.86 32.88 -22.73
CA TYR B 133 -30.21 31.96 -23.67
C TYR B 133 -29.81 30.65 -23.01
N GLN B 134 -30.45 30.26 -21.92
CA GLN B 134 -30.11 29.00 -21.26
C GLN B 134 -30.41 27.81 -22.16
N ASP B 135 -31.59 27.80 -22.78
CA ASP B 135 -31.98 26.67 -23.62
C ASP B 135 -31.20 26.64 -24.93
N GLU B 136 -30.89 27.82 -25.50
CA GLU B 136 -30.22 27.85 -26.79
C GLU B 136 -28.77 27.39 -26.67
N TYR B 137 -28.07 27.81 -25.62
CA TYR B 137 -26.66 27.47 -25.42
C TYR B 137 -26.44 26.99 -24.00
N PRO B 138 -26.97 25.82 -23.64
CA PRO B 138 -26.79 25.33 -22.26
C PRO B 138 -25.34 25.10 -21.88
N GLU B 139 -24.51 24.65 -22.82
CA GLU B 139 -23.13 24.29 -22.49
C GLU B 139 -22.31 25.51 -22.07
N VAL B 140 -22.58 26.67 -22.69
CA VAL B 140 -21.81 27.86 -22.39
C VAL B 140 -22.00 28.28 -20.94
N PHE B 141 -23.25 28.29 -20.48
CA PHE B 141 -23.54 28.69 -19.11
C PHE B 141 -23.19 27.62 -18.08
N GLN B 142 -23.03 26.37 -18.53
CA GLN B 142 -22.58 25.32 -17.61
C GLN B 142 -21.13 25.56 -17.17
N GLU B 143 -20.35 26.26 -17.99
CA GLU B 143 -18.96 26.55 -17.65
C GLU B 143 -18.80 27.93 -17.02
N ILE B 144 -19.61 28.91 -17.44
CA ILE B 144 -19.51 30.25 -16.88
C ILE B 144 -19.89 30.23 -15.40
N PHE B 145 -20.97 29.54 -15.05
CA PHE B 145 -21.40 29.40 -13.66
C PHE B 145 -20.67 28.21 -13.04
N SER B 146 -19.40 28.42 -12.73
CA SER B 146 -18.56 27.41 -12.11
C SER B 146 -17.71 28.05 -11.04
N ARG B 147 -17.33 27.24 -10.05
CA ARG B 147 -16.51 27.75 -8.95
C ARG B 147 -15.14 28.21 -9.45
N THR B 148 -14.54 27.45 -10.38
CA THR B 148 -13.24 27.83 -10.92
C THR B 148 -13.33 29.14 -11.70
N THR B 149 -14.42 29.32 -12.45
CA THR B 149 -14.59 30.56 -13.22
C THR B 149 -14.67 31.77 -12.31
N PHE B 150 -15.41 31.66 -11.20
CA PHE B 150 -15.52 32.77 -10.27
C PHE B 150 -14.20 33.05 -9.57
N SER B 151 -13.43 32.00 -9.29
CA SER B 151 -12.12 32.19 -8.66
C SER B 151 -11.15 32.92 -9.57
N ALA B 152 -11.27 32.73 -10.88
CA ALA B 152 -10.38 33.40 -11.83
C ALA B 152 -10.79 34.82 -12.15
N ASN B 153 -12.01 35.23 -11.81
CA ASN B 153 -12.50 36.57 -12.09
C ASN B 153 -12.64 37.43 -10.85
N ILE B 154 -12.22 36.94 -9.68
CA ILE B 154 -12.26 37.68 -8.44
C ILE B 154 -10.85 37.70 -7.85
N ASP B 155 -10.45 38.84 -7.32
CA ASP B 155 -9.09 38.99 -6.81
C ASP B 155 -8.81 37.98 -5.71
N PRO B 156 -7.69 37.25 -5.77
CA PRO B 156 -7.39 36.27 -4.71
C PRO B 156 -7.30 36.90 -3.32
N GLU B 157 -6.81 38.13 -3.21
CA GLU B 157 -6.76 38.79 -1.92
C GLU B 157 -8.15 39.08 -1.36
N VAL B 158 -9.16 39.18 -2.23
CA VAL B 158 -10.53 39.38 -1.76
C VAL B 158 -11.11 38.05 -1.30
N ILE B 159 -10.86 36.97 -2.04
CA ILE B 159 -11.38 35.66 -1.67
C ILE B 159 -10.74 35.18 -0.37
N ALA B 160 -9.45 35.48 -0.18
CA ALA B 160 -8.74 34.96 0.99
C ALA B 160 -9.35 35.45 2.30
N LEU B 161 -9.92 36.66 2.30
CA LEU B 161 -10.54 37.19 3.50
C LEU B 161 -11.93 36.63 3.76
N ALA B 162 -12.57 36.06 2.73
CA ALA B 162 -13.89 35.46 2.90
C ALA B 162 -13.86 33.94 2.96
N ALA B 163 -12.76 33.31 2.56
CA ALA B 163 -12.65 31.87 2.60
C ALA B 163 -12.37 31.41 4.03
N VAL B 164 -12.09 30.10 4.18
CA VAL B 164 -11.84 29.55 5.49
C VAL B 164 -10.53 30.10 6.05
N GLN B 165 -10.58 30.60 7.28
CA GLN B 165 -9.43 31.17 7.94
C GLN B 165 -8.75 30.14 8.83
N LEU B 166 -7.45 30.33 9.05
CA LEU B 166 -6.69 29.38 9.86
C LEU B 166 -7.20 29.35 11.31
N GLU B 167 -7.54 30.52 11.86
CA GLU B 167 -8.02 30.57 13.24
C GLU B 167 -9.34 29.83 13.41
N GLY B 168 -10.19 29.84 12.38
CA GLY B 168 -11.45 29.14 12.40
C GLY B 168 -11.42 27.74 11.82
N PHE B 169 -10.26 27.21 11.49
CA PHE B 169 -10.13 25.88 10.90
C PHE B 169 -9.33 24.93 11.77
N VAL B 170 -8.16 25.36 12.24
CA VAL B 170 -7.29 24.54 13.07
C VAL B 170 -7.60 24.89 14.52
N VAL B 171 -8.37 24.02 15.19
CA VAL B 171 -8.70 24.24 16.59
C VAL B 171 -7.47 24.03 17.47
N ASN B 172 -6.72 22.97 17.22
CA ASN B 172 -5.57 22.62 18.05
C ASN B 172 -4.56 21.88 17.18
N CYS B 173 -3.28 22.06 17.52
CA CYS B 173 -2.20 21.37 16.82
C CYS B 173 -1.14 20.98 17.84
N HIS B 174 -0.49 19.85 17.60
CA HIS B 174 0.56 19.36 18.50
C HIS B 174 1.51 18.48 17.71
N TYR B 175 2.74 18.95 17.50
CA TYR B 175 3.80 18.15 16.92
C TYR B 175 4.72 17.69 18.05
N ALA B 176 4.93 16.39 18.16
CA ALA B 176 5.66 15.78 19.29
C ALA B 176 4.90 16.18 20.56
N GLY B 177 5.60 16.52 21.63
CA GLY B 177 4.96 16.96 22.86
C GLY B 177 4.73 18.44 22.99
N HIS B 178 5.04 19.22 21.96
CA HIS B 178 4.96 20.67 22.02
C HIS B 178 3.82 21.19 21.15
N ARG B 179 3.30 22.34 21.54
CA ARG B 179 2.30 23.03 20.74
C ARG B 179 2.92 23.50 19.43
N CYS B 180 2.16 23.37 18.34
CA CYS B 180 2.61 23.90 17.06
C CYS B 180 2.63 25.42 17.09
N ASN B 181 3.70 26.01 16.54
CA ASN B 181 3.74 27.46 16.38
C ASN B 181 2.80 27.81 15.22
N LYS B 182 1.55 28.12 15.53
CA LYS B 182 0.50 28.21 14.52
C LYS B 182 0.76 29.32 13.51
N THR B 183 1.52 30.36 13.88
CA THR B 183 1.80 31.44 12.95
C THR B 183 3.10 31.23 12.18
N ARG B 184 3.97 30.34 12.63
CA ARG B 184 5.24 30.07 11.97
C ARG B 184 5.21 28.85 11.07
N ASP B 185 4.48 27.81 11.45
CA ASP B 185 4.53 26.53 10.74
C ASP B 185 3.48 26.41 9.64
N PHE B 186 2.39 27.17 9.70
CA PHE B 186 1.31 27.07 8.73
C PHE B 186 1.49 28.12 7.65
N TYR B 187 1.43 27.69 6.40
CA TYR B 187 1.52 28.56 5.24
C TYR B 187 0.26 28.44 4.41
N ARG B 188 -0.33 29.58 4.06
CA ARG B 188 -1.57 29.61 3.28
C ARG B 188 -1.24 29.63 1.80
N PHE B 189 -1.94 28.80 1.03
CA PHE B 189 -1.83 28.81 -0.42
C PHE B 189 -3.23 28.68 -1.01
N PHE B 190 -3.37 29.14 -2.25
CA PHE B 190 -4.67 29.28 -2.90
C PHE B 190 -4.90 28.13 -3.88
N ASP B 191 -6.08 27.53 -3.82
CA ASP B 191 -6.53 26.52 -4.74
C ASP B 191 -7.79 26.99 -5.46
N PRO B 192 -7.90 26.77 -6.77
CA PRO B 192 -9.08 27.27 -7.50
C PRO B 192 -10.40 26.73 -6.98
N TYR B 193 -10.43 25.49 -6.48
CA TYR B 193 -11.67 24.87 -6.04
C TYR B 193 -11.86 24.93 -4.54
N TYR B 194 -10.81 24.71 -3.75
CA TYR B 194 -10.91 24.76 -2.30
C TYR B 194 -10.61 26.13 -1.72
N PHE B 195 -10.29 27.12 -2.57
CA PHE B 195 -9.93 28.46 -2.12
C PHE B 195 -8.76 28.42 -1.15
N ASN B 196 -8.99 28.78 0.11
CA ASN B 196 -7.92 28.82 1.09
C ASN B 196 -7.53 27.41 1.51
N CYS B 197 -6.24 27.11 1.45
CA CYS B 197 -5.67 25.87 1.95
C CYS B 197 -4.42 26.19 2.74
N PHE B 198 -4.07 25.30 3.67
CA PHE B 198 -2.98 25.55 4.60
C PHE B 198 -2.01 24.37 4.58
N THR B 199 -0.72 24.69 4.63
CA THR B 199 0.34 23.70 4.58
C THR B 199 1.17 23.79 5.85
N TYR B 200 1.36 22.65 6.52
CA TYR B 200 2.16 22.56 7.73
C TYR B 200 3.57 22.11 7.38
N LYS B 201 4.57 22.86 7.86
CA LYS B 201 5.98 22.51 7.66
C LYS B 201 6.65 22.48 9.02
N ALA B 202 7.18 21.31 9.38
CA ALA B 202 7.87 21.18 10.67
C ALA B 202 9.14 22.00 10.69
N HIS B 203 9.38 22.69 11.80
CA HIS B 203 10.57 23.52 11.93
C HIS B 203 11.79 22.64 12.13
N GLU B 204 12.82 22.88 11.31
CA GLU B 204 14.05 22.11 11.40
C GLU B 204 15.27 23.01 11.24
N GLU B 209 19.88 17.50 8.60
CA GLU B 209 18.93 16.40 8.72
C GLU B 209 18.64 16.09 10.18
N ASP B 210 17.58 15.32 10.42
CA ASP B 210 17.20 14.94 11.77
C ASP B 210 16.60 13.54 11.73
N ASN B 211 16.73 12.84 12.86
CA ASN B 211 16.21 11.48 12.95
C ASN B 211 14.69 11.50 13.08
N LEU B 212 14.07 10.39 12.69
CA LEU B 212 12.62 10.27 12.67
C LEU B 212 12.17 9.43 13.86
N SER B 213 11.22 9.96 14.62
CA SER B 213 10.67 9.29 15.79
C SER B 213 9.38 8.56 15.44
N GLU B 214 9.17 7.42 16.09
CA GLU B 214 8.00 6.59 15.85
C GLU B 214 6.93 6.83 16.92
N GLY B 215 5.72 6.40 16.61
CA GLY B 215 4.63 6.46 17.57
C GLY B 215 3.64 7.57 17.25
N ILE B 216 2.38 7.36 17.65
CA ILE B 216 1.34 8.36 17.44
C ILE B 216 1.63 9.60 18.28
N GLU B 217 2.00 9.41 19.55
CA GLU B 217 2.24 10.52 20.45
C GLU B 217 3.42 11.38 20.03
N ASN B 218 4.34 10.83 19.23
CA ASN B 218 5.47 11.59 18.71
C ASN B 218 5.20 12.21 17.35
N GLY B 219 4.00 12.04 16.80
CA GLY B 219 3.65 12.53 15.50
C GLY B 219 2.92 13.86 15.55
N TRP B 220 2.17 14.13 14.49
CA TRP B 220 1.43 15.38 14.33
C TRP B 220 -0.06 15.12 14.56
N SER B 221 -0.61 15.75 15.60
CA SER B 221 -2.01 15.59 15.95
C SER B 221 -2.69 16.95 15.88
N SER B 222 -3.84 17.02 15.21
CA SER B 222 -4.55 18.27 15.06
C SER B 222 -6.05 18.01 15.05
N ILE B 223 -6.80 19.02 15.50
CA ILE B 223 -8.26 18.99 15.50
C ILE B 223 -8.75 20.09 14.59
N LEU B 224 -9.63 19.74 13.65
CA LEU B 224 -10.12 20.68 12.66
C LEU B 224 -11.64 20.73 12.67
N LEU B 225 -12.18 21.92 12.37
CA LEU B 225 -13.61 22.11 12.19
C LEU B 225 -13.91 22.02 10.70
N SER B 226 -14.58 20.93 10.29
CA SER B 226 -14.86 20.68 8.89
C SER B 226 -16.32 20.40 8.59
N GLY B 227 -17.19 20.42 9.60
CA GLY B 227 -18.57 20.09 9.39
C GLY B 227 -19.35 21.21 8.72
N SER B 228 -20.63 20.92 8.44
CA SER B 228 -21.52 21.89 7.83
C SER B 228 -22.87 21.93 8.55
N GLY B 229 -22.95 21.37 9.75
CA GLY B 229 -24.17 21.42 10.52
C GLY B 229 -24.52 22.80 11.04
N MET B 230 -23.54 23.70 11.12
CA MET B 230 -23.80 25.06 11.55
C MET B 230 -24.63 25.82 10.54
N LEU B 231 -24.57 25.43 9.27
CA LEU B 231 -25.25 26.15 8.21
C LEU B 231 -26.77 26.06 8.37
N ASP B 232 -27.44 27.11 7.92
CA ASP B 232 -28.90 27.14 7.96
C ASP B 232 -29.47 26.05 7.06
N LYS B 233 -30.58 25.44 7.50
CA LYS B 233 -31.26 24.42 6.75
C LYS B 233 -32.51 25.01 6.10
N ASN B 234 -32.63 24.83 4.79
CA ASN B 234 -33.68 25.46 4.00
C ASN B 234 -34.82 24.48 3.75
N ASP B 235 -36.06 24.98 3.80
CA ASP B 235 -37.22 24.15 3.53
C ASP B 235 -37.31 23.73 2.08
N GLU B 236 -36.66 24.47 1.18
CA GLU B 236 -36.69 24.15 -0.25
C GLU B 236 -35.27 24.36 -0.80
N ILE B 237 -34.98 23.66 -1.89
CA ILE B 237 -33.65 23.70 -2.48
C ILE B 237 -33.45 25.03 -3.18
N ARG B 238 -32.44 25.78 -2.73
CA ARG B 238 -32.00 27.01 -3.37
C ARG B 238 -30.49 26.99 -3.47
N MET B 239 -29.96 27.52 -4.57
CA MET B 239 -28.55 27.34 -4.89
C MET B 239 -27.86 28.68 -5.09
N LEU B 240 -26.62 28.75 -4.65
CA LEU B 240 -25.77 29.89 -4.96
C LEU B 240 -25.16 29.66 -6.35
N PRO B 241 -25.44 30.51 -7.33
CA PRO B 241 -24.86 30.31 -8.66
C PRO B 241 -23.33 30.30 -8.62
N GLY B 242 -22.75 29.36 -9.35
CA GLY B 242 -21.30 29.22 -9.39
C GLY B 242 -20.67 28.53 -8.19
N LEU B 243 -21.05 28.94 -6.97
CA LEU B 243 -20.45 28.36 -5.78
C LEU B 243 -20.85 26.90 -5.61
N HIS B 244 -22.14 26.59 -5.78
CA HIS B 244 -22.62 25.21 -5.74
C HIS B 244 -22.57 24.65 -7.15
N GLU B 245 -21.75 23.63 -7.35
CA GLU B 245 -21.52 23.03 -8.67
C GLU B 245 -21.83 21.55 -8.59
N TRP B 246 -23.07 21.19 -8.94
CA TRP B 246 -23.47 19.79 -8.94
C TRP B 246 -22.74 18.96 -9.99
N ARG B 247 -22.14 19.61 -10.98
CA ARG B 247 -21.50 18.91 -12.09
C ARG B 247 -20.07 18.48 -11.77
N SER B 248 -19.53 18.87 -10.62
CA SER B 248 -18.17 18.50 -10.26
C SER B 248 -18.12 17.11 -9.65
N ALA B 249 -16.97 16.46 -9.79
CA ALA B 249 -16.78 15.14 -9.21
C ALA B 249 -16.65 15.17 -7.70
N VAL B 250 -16.26 16.31 -7.13
CA VAL B 250 -16.19 16.46 -5.67
C VAL B 250 -17.52 16.98 -5.13
N SER B 251 -18.02 18.07 -5.71
CA SER B 251 -19.34 18.61 -5.41
C SER B 251 -19.56 18.86 -3.91
N ALA B 252 -20.61 18.25 -3.36
CA ALA B 252 -21.07 18.54 -2.01
C ALA B 252 -20.33 17.75 -0.93
N SER B 253 -19.13 17.24 -1.22
CA SER B 253 -18.41 16.45 -0.22
C SER B 253 -18.13 17.26 1.03
N GLU B 254 -18.26 16.60 2.18
CA GLU B 254 -18.01 17.22 3.49
C GLU B 254 -16.84 16.51 4.15
N GLY B 255 -15.86 17.28 4.57
CA GLY B 255 -14.69 16.72 5.25
C GLY B 255 -13.45 17.52 4.92
N VAL B 256 -12.31 16.89 5.15
CA VAL B 256 -11.00 17.51 4.94
C VAL B 256 -10.26 16.74 3.86
N ARG B 257 -9.65 17.47 2.94
CA ARG B 257 -8.74 16.89 1.95
C ARG B 257 -7.32 17.03 2.49
N VAL B 258 -6.67 15.90 2.76
CA VAL B 258 -5.36 15.86 3.40
C VAL B 258 -4.35 15.34 2.39
N VAL B 259 -3.28 16.10 2.19
CA VAL B 259 -2.21 15.73 1.26
C VAL B 259 -0.92 15.60 2.04
N ILE B 260 -0.24 14.48 1.89
CA ILE B 260 1.04 14.22 2.54
C ILE B 260 2.12 14.24 1.47
N HIS B 261 3.07 15.15 1.63
CA HIS B 261 4.05 15.43 0.59
C HIS B 261 5.34 15.86 1.26
N PRO B 262 6.47 15.83 0.53
CA PRO B 262 7.75 16.27 1.11
C PRO B 262 7.67 17.71 1.60
N PRO B 263 8.59 18.12 2.49
CA PRO B 263 8.43 19.40 3.18
C PRO B 263 8.36 20.62 2.28
N SER B 264 9.06 20.62 1.14
CA SER B 264 9.15 21.83 0.33
C SER B 264 8.59 21.62 -1.07
N THR B 265 7.43 20.99 -1.17
CA THR B 265 6.81 20.70 -2.45
C THR B 265 5.39 21.26 -2.49
N THR B 266 4.93 21.62 -3.68
CA THR B 266 3.58 22.12 -3.86
C THR B 266 2.59 20.96 -3.87
N PRO B 267 1.60 20.95 -2.99
CA PRO B 267 0.61 19.87 -2.99
C PRO B 267 -0.36 20.01 -4.15
N TYR B 268 -0.92 18.87 -4.55
CA TYR B 268 -1.89 18.80 -5.64
C TYR B 268 -3.10 18.00 -5.15
N PRO B 269 -4.04 18.66 -4.47
CA PRO B 269 -5.15 17.91 -3.84
C PRO B 269 -6.00 17.11 -4.83
N PHE B 270 -6.20 17.60 -6.04
CA PHE B 270 -7.07 16.92 -6.99
C PHE B 270 -6.40 15.73 -7.66
N THR B 271 -5.09 15.53 -7.47
CA THR B 271 -4.38 14.38 -7.99
C THR B 271 -3.90 13.43 -6.90
N GLU B 272 -3.46 13.96 -5.76
CA GLU B 272 -3.01 13.16 -4.64
C GLU B 272 -3.67 13.66 -3.37
N GLY B 273 -3.79 12.78 -2.39
CA GLY B 273 -4.33 13.12 -1.10
C GLY B 273 -5.34 12.10 -0.62
N TYR B 274 -5.85 12.35 0.58
CA TYR B 274 -6.81 11.46 1.23
C TYR B 274 -7.94 12.28 1.82
N ASP B 275 -9.09 11.64 1.97
CA ASP B 275 -10.31 12.27 2.47
C ASP B 275 -10.58 11.83 3.89
N VAL B 276 -11.03 12.78 4.72
CA VAL B 276 -11.34 12.49 6.12
C VAL B 276 -12.73 13.04 6.45
N PRO B 277 -13.70 12.19 6.76
CA PRO B 277 -15.04 12.70 7.06
C PRO B 277 -15.08 13.34 8.43
N PRO B 278 -15.98 14.29 8.65
CA PRO B 278 -16.11 14.90 9.98
C PRO B 278 -16.65 13.89 10.98
N GLY B 279 -16.26 14.08 12.25
CA GLY B 279 -16.67 13.18 13.30
C GLY B 279 -15.85 11.92 13.41
N PHE B 280 -14.73 11.83 12.70
CA PHE B 280 -13.87 10.66 12.73
C PHE B 280 -12.44 11.08 13.01
N SER B 281 -11.68 10.19 13.65
CA SER B 281 -10.26 10.40 13.91
C SER B 281 -9.48 9.57 12.89
N ALA B 282 -8.74 10.27 12.03
CA ALA B 282 -7.99 9.62 10.95
C ALA B 282 -6.54 9.40 11.39
N SER B 283 -6.07 8.17 11.23
CA SER B 283 -4.69 7.80 11.53
C SER B 283 -3.95 7.57 10.23
N PHE B 284 -2.85 8.30 10.04
CA PHE B 284 -2.05 8.22 8.82
C PHE B 284 -0.69 7.63 9.20
N GLY B 285 -0.59 6.30 9.15
CA GLY B 285 0.68 5.63 9.37
C GLY B 285 1.61 5.80 8.19
N ILE B 286 2.69 6.54 8.39
CA ILE B 286 3.59 6.92 7.30
C ILE B 286 4.77 5.96 7.28
N HIS B 287 4.96 5.29 6.15
CA HIS B 287 6.14 4.46 5.92
C HIS B 287 7.01 5.13 4.87
N PRO B 288 8.14 5.73 5.27
CA PRO B 288 8.93 6.51 4.31
C PRO B 288 9.65 5.63 3.29
N ARG B 289 9.92 6.23 2.14
CA ARG B 289 10.70 5.59 1.08
C ARG B 289 11.62 6.62 0.46
N ARG B 290 12.75 6.14 -0.06
CA ARG B 290 13.69 6.98 -0.80
C ARG B 290 14.10 6.26 -2.09
N ASN B 291 14.11 7.00 -3.19
CA ASN B 291 14.51 6.47 -4.48
C ASN B 291 15.68 7.29 -5.01
N ILE B 292 16.76 6.60 -5.40
CA ILE B 292 17.95 7.24 -5.94
C ILE B 292 18.12 6.76 -7.38
N ARG B 293 18.27 7.71 -8.30
CA ARG B 293 18.33 7.43 -9.73
C ARG B 293 19.59 8.03 -10.32
N ILE B 294 19.98 7.53 -11.49
CA ILE B 294 21.24 7.91 -12.10
C ILE B 294 21.02 8.55 -13.47
N GLY B 295 22.11 8.92 -14.14
CA GLY B 295 22.07 9.94 -15.16
C GLY B 295 21.65 9.51 -16.56
N PRO B 296 21.92 10.38 -17.53
CA PRO B 296 21.40 10.19 -18.89
C PRO B 296 21.79 8.86 -19.53
N PRO B 297 23.08 8.48 -19.53
CA PRO B 297 23.45 7.29 -20.32
C PRO B 297 22.74 6.03 -19.89
N HIS B 298 22.44 5.88 -18.60
CA HIS B 298 21.78 4.68 -18.10
C HIS B 298 20.28 4.86 -17.88
N GLY B 299 19.84 6.08 -17.60
CA GLY B 299 18.43 6.34 -17.38
C GLY B 299 18.09 7.78 -17.65
N ASN B 300 17.00 8.24 -17.05
CA ASN B 300 16.61 9.64 -17.10
C ASN B 300 16.25 10.11 -15.70
N CYS B 301 16.90 11.18 -15.25
CA CYS B 301 16.53 11.84 -14.01
C CYS B 301 16.98 13.29 -14.07
N SER B 302 16.29 14.14 -13.30
CA SER B 302 16.58 15.57 -13.26
C SER B 302 16.59 16.04 -11.82
N ASP B 303 17.50 16.96 -11.52
CA ASP B 303 17.63 17.53 -10.18
C ASP B 303 16.82 18.80 -9.99
N LYS B 304 16.26 19.37 -11.06
CA LYS B 304 15.54 20.63 -10.97
C LYS B 304 14.47 20.67 -12.05
N ASN B 305 13.36 21.33 -11.74
CA ASN B 305 12.26 21.47 -12.68
C ASN B 305 12.66 22.38 -13.83
N PRO B 306 12.59 21.93 -15.08
CA PRO B 306 12.94 22.82 -16.21
C PRO B 306 12.11 24.09 -16.26
N PHE B 307 10.83 24.01 -15.90
CA PHE B 307 9.93 25.16 -15.94
C PHE B 307 9.91 25.93 -14.62
N GLY B 308 10.63 25.46 -13.60
CA GLY B 308 10.56 26.06 -12.29
C GLY B 308 11.54 27.21 -12.11
N ASP B 309 11.49 27.80 -10.91
CA ASP B 309 12.37 28.89 -10.53
C ASP B 309 13.47 28.48 -9.55
N GLY B 310 13.50 27.21 -9.15
CA GLY B 310 14.51 26.74 -8.22
C GLY B 310 14.29 27.12 -6.78
N THR B 311 13.04 27.23 -6.33
CA THR B 311 12.73 27.50 -4.93
C THR B 311 11.76 26.47 -4.37
N GLU B 312 11.86 25.23 -4.83
CA GLU B 312 10.98 24.15 -4.41
C GLU B 312 11.62 22.82 -4.76
N ARG B 313 11.41 21.83 -3.89
CA ARG B 313 11.95 20.49 -4.14
C ARG B 313 11.26 19.88 -5.36
N TYR B 314 12.06 19.24 -6.21
CA TYR B 314 11.59 18.79 -7.50
C TYR B 314 10.66 17.59 -7.39
N ARG B 315 9.59 17.60 -8.21
CA ARG B 315 8.71 16.45 -8.38
C ARG B 315 8.34 16.33 -9.85
N LEU B 316 8.16 15.09 -10.32
CA LEU B 316 7.81 14.87 -11.71
C LEU B 316 6.42 15.40 -12.03
N MET B 317 5.50 15.30 -11.08
CA MET B 317 4.13 15.76 -11.30
C MET B 317 4.10 17.25 -11.60
N ALA B 318 4.89 18.04 -10.87
CA ALA B 318 4.95 19.47 -11.14
C ALA B 318 5.48 19.76 -12.53
N CYS B 319 6.51 19.02 -12.95
CA CYS B 319 7.06 19.22 -14.29
C CYS B 319 6.02 18.90 -15.35
N GLN B 320 5.29 17.79 -15.19
CA GLN B 320 4.28 17.43 -16.19
C GLN B 320 3.15 18.46 -16.23
N LYS B 321 2.68 18.91 -15.06
CA LYS B 321 1.62 19.91 -15.05
C LYS B 321 2.07 21.22 -15.68
N MET B 322 3.30 21.65 -15.39
CA MET B 322 3.80 22.89 -15.99
C MET B 322 4.05 22.73 -17.48
N CYS B 323 4.41 21.53 -17.93
CA CYS B 323 4.52 21.28 -19.37
C CYS B 323 3.16 21.40 -20.05
N MET B 324 2.13 20.84 -19.42
CA MET B 324 0.77 20.99 -19.95
C MET B 324 0.37 22.45 -20.00
N GLN B 325 0.67 23.21 -18.94
CA GLN B 325 0.35 24.63 -18.93
C GLN B 325 1.11 25.38 -20.01
N HIS B 326 2.38 25.01 -20.23
CA HIS B 326 3.16 25.63 -21.29
C HIS B 326 2.55 25.38 -22.66
N TYR B 327 2.08 24.16 -22.91
CA TYR B 327 1.43 23.87 -24.18
C TYR B 327 0.12 24.62 -24.32
N ILE B 328 -0.65 24.76 -23.22
CA ILE B 328 -1.90 25.49 -23.29
C ILE B 328 -1.65 26.97 -23.60
N VAL B 329 -0.68 27.57 -22.92
CA VAL B 329 -0.40 29.00 -23.11
C VAL B 329 0.11 29.25 -24.53
N GLU B 330 0.94 28.36 -25.05
CA GLU B 330 1.49 28.55 -26.38
C GLU B 330 0.42 28.56 -27.45
N THR B 331 -0.58 27.68 -27.33
CA THR B 331 -1.58 27.52 -28.38
C THR B 331 -2.78 28.44 -28.17
N CYS B 332 -3.45 28.32 -27.02
CA CYS B 332 -4.67 29.08 -26.78
C CYS B 332 -4.41 30.51 -26.37
N GLY B 333 -3.17 30.88 -26.04
CA GLY B 333 -2.85 32.22 -25.61
C GLY B 333 -3.28 32.55 -24.20
N CYS B 334 -3.63 31.55 -23.39
CA CYS B 334 -4.08 31.79 -22.03
C CYS B 334 -3.69 30.60 -21.16
N ALA B 335 -3.74 30.80 -19.85
CA ALA B 335 -3.36 29.78 -18.88
C ALA B 335 -4.60 29.15 -18.27
N ASP B 336 -4.56 27.83 -18.09
CA ASP B 336 -5.65 27.12 -17.46
C ASP B 336 -5.58 27.28 -15.95
N VAL B 337 -6.72 27.59 -15.32
CA VAL B 337 -6.74 27.80 -13.88
C VAL B 337 -6.52 26.49 -13.12
N GLY B 338 -6.75 25.34 -13.76
CA GLY B 338 -6.55 24.06 -13.11
C GLY B 338 -5.11 23.59 -13.09
N LEU B 339 -4.19 24.37 -13.62
CA LEU B 339 -2.78 24.02 -13.65
C LEU B 339 -1.95 25.19 -13.11
N PRO B 340 -0.76 24.90 -12.58
CA PRO B 340 0.04 25.96 -11.95
C PRO B 340 0.48 27.02 -12.95
N LYS B 341 0.58 28.25 -12.46
CA LYS B 341 1.13 29.34 -13.26
C LYS B 341 2.64 29.15 -13.46
N LEU B 342 3.10 29.44 -14.66
CA LEU B 342 4.52 29.29 -14.97
C LEU B 342 5.31 30.43 -14.31
N PRO B 343 6.28 30.12 -13.45
CA PRO B 343 7.05 31.20 -12.81
C PRO B 343 7.80 32.08 -13.79
N LEU B 344 8.28 31.52 -14.90
CA LEU B 344 9.08 32.28 -15.86
C LEU B 344 8.24 33.03 -16.88
N GLN B 345 6.93 32.86 -16.87
CA GLN B 345 6.03 33.48 -17.84
C GLN B 345 4.84 34.10 -17.13
N ALA B 346 5.13 34.90 -16.09
CA ALA B 346 4.07 35.53 -15.32
C ALA B 346 3.31 36.55 -16.17
N ASN B 347 2.27 37.13 -15.56
CA ASN B 347 1.39 38.11 -16.21
C ASN B 347 0.68 37.49 -17.43
N ILE B 348 0.05 36.34 -17.19
CA ILE B 348 -0.76 35.66 -18.21
C ILE B 348 -2.16 35.50 -17.65
N SER B 349 -3.16 35.99 -18.38
CA SER B 349 -4.54 35.93 -17.94
C SER B 349 -5.07 34.50 -18.03
N TRP B 350 -5.93 34.13 -17.10
CA TRP B 350 -6.57 32.82 -17.13
C TRP B 350 -7.49 32.70 -18.34
N CYS B 351 -7.65 31.46 -18.81
CA CYS B 351 -8.56 31.22 -19.93
C CYS B 351 -10.01 31.51 -19.55
N ARG B 352 -10.36 31.32 -18.28
CA ARG B 352 -11.72 31.56 -17.81
C ARG B 352 -11.96 33.01 -17.45
N ASP B 353 -10.96 33.88 -17.57
CA ASP B 353 -11.17 35.30 -17.34
C ASP B 353 -12.15 35.86 -18.37
N ASP B 354 -13.07 36.69 -17.90
CA ASP B 354 -14.08 37.26 -18.78
C ASP B 354 -13.58 38.44 -19.61
N ASP B 355 -12.33 38.88 -19.38
CA ASP B 355 -11.69 39.92 -20.18
C ASP B 355 -12.48 41.22 -20.15
N ASN B 356 -12.63 41.76 -18.93
CA ASN B 356 -13.32 43.03 -18.70
C ASN B 356 -14.71 43.02 -19.30
N PHE B 357 -15.52 42.06 -18.85
CA PHE B 357 -16.89 41.94 -19.28
C PHE B 357 -17.68 43.17 -18.82
N PRO B 358 -18.33 43.90 -19.73
CA PRO B 358 -18.88 45.21 -19.37
C PRO B 358 -20.03 45.12 -18.38
N ASP B 359 -20.17 46.19 -17.59
CA ASP B 359 -21.24 46.25 -16.59
C ASP B 359 -22.60 46.51 -17.21
N GLU B 360 -22.64 47.08 -18.42
CA GLU B 360 -23.92 47.36 -19.06
C GLU B 360 -24.71 46.10 -19.39
N CYS B 361 -24.06 44.95 -19.41
CA CYS B 361 -24.77 43.69 -19.65
C CYS B 361 -25.77 43.38 -18.55
N MET B 362 -25.63 44.01 -17.38
CA MET B 362 -26.57 43.78 -16.28
C MET B 362 -27.99 44.20 -16.64
N PHE B 363 -28.15 45.13 -17.58
CA PHE B 363 -29.46 45.67 -17.92
C PHE B 363 -30.04 45.08 -19.19
N THR B 364 -29.22 44.77 -20.18
CA THR B 364 -29.68 44.25 -21.46
C THR B 364 -28.88 43.00 -21.82
N ALA B 365 -29.58 41.99 -22.33
CA ALA B 365 -28.94 40.76 -22.80
C ALA B 365 -28.70 40.83 -24.31
N SER B 366 -27.88 41.81 -24.69
CA SER B 366 -27.59 42.06 -26.10
C SER B 366 -26.69 40.97 -26.67
N GLU B 367 -26.65 40.92 -28.00
CA GLU B 367 -25.84 39.92 -28.69
C GLU B 367 -24.36 40.11 -28.45
N GLU B 368 -23.93 41.35 -28.18
CA GLU B 368 -22.52 41.62 -27.93
C GLU B 368 -22.04 40.92 -26.66
N CYS B 369 -22.85 40.98 -25.60
CA CYS B 369 -22.51 40.31 -24.35
C CYS B 369 -22.43 38.81 -24.56
N LEU B 370 -23.37 38.27 -25.33
CA LEU B 370 -23.37 36.85 -25.66
C LEU B 370 -22.15 36.47 -26.49
N GLN B 371 -21.69 37.36 -27.39
CA GLN B 371 -20.48 37.07 -28.16
C GLN B 371 -19.26 37.04 -27.26
N LEU B 372 -19.21 37.93 -26.25
CA LEU B 372 -18.11 37.86 -25.30
C LEU B 372 -18.11 36.55 -24.52
N LEU B 373 -19.29 36.13 -24.04
CA LEU B 373 -19.38 34.84 -23.36
C LEU B 373 -19.02 33.69 -24.30
N MET B 374 -19.39 33.83 -25.59
CA MET B 374 -19.05 32.82 -26.59
C MET B 374 -17.55 32.70 -26.74
N GLN B 375 -16.85 33.84 -26.78
CA GLN B 375 -15.40 33.80 -26.87
C GLN B 375 -14.79 33.16 -25.63
N LEU B 376 -15.36 33.44 -24.45
CA LEU B 376 -14.88 32.80 -23.24
C LEU B 376 -15.03 31.28 -23.32
N HIS B 377 -16.20 30.83 -23.80
CA HIS B 377 -16.43 29.39 -23.94
C HIS B 377 -15.47 28.78 -24.96
N ASN B 378 -15.21 29.50 -26.06
CA ASN B 378 -14.26 29.00 -27.05
C ASN B 378 -12.87 28.87 -26.45
N ARG B 379 -12.45 29.82 -25.61
CA ARG B 379 -11.16 29.72 -24.95
C ARG B 379 -11.11 28.50 -24.04
N ILE B 380 -12.18 28.26 -23.28
CA ILE B 380 -12.23 27.08 -22.40
C ILE B 380 -12.12 25.81 -23.22
N LYS B 381 -12.86 25.75 -24.34
CA LYS B 381 -12.82 24.55 -25.19
C LYS B 381 -11.45 24.36 -25.82
N CYS B 382 -10.78 25.45 -26.20
CA CYS B 382 -9.43 25.35 -26.71
C CYS B 382 -8.50 24.74 -25.68
N ALA B 383 -8.58 25.24 -24.43
CA ALA B 383 -7.73 24.69 -23.38
C ALA B 383 -8.02 23.21 -23.15
N ARG B 384 -9.31 22.83 -23.11
CA ARG B 384 -9.67 21.44 -22.88
C ARG B 384 -9.17 20.55 -24.01
N SER B 385 -9.33 20.99 -25.26
CA SER B 385 -8.86 20.20 -26.39
C SER B 385 -7.34 20.05 -26.38
N ILE B 386 -6.63 21.13 -26.03
CA ILE B 386 -5.17 21.05 -25.95
C ILE B 386 -4.74 20.06 -24.87
N LYS B 387 -5.43 20.08 -23.72
CA LYS B 387 -5.09 19.14 -22.66
C LYS B 387 -5.27 17.69 -23.11
N SER B 388 -6.37 17.41 -23.81
CA SER B 388 -6.61 16.04 -24.29
C SER B 388 -5.64 15.66 -25.40
N LYS B 389 -5.39 16.57 -26.34
CA LYS B 389 -4.52 16.24 -27.47
C LYS B 389 -3.09 15.96 -27.02
N ILE B 390 -2.56 16.79 -26.10
CA ILE B 390 -1.18 16.61 -25.65
C ILE B 390 -1.01 15.29 -24.92
N THR B 391 -2.04 14.84 -24.20
CA THR B 391 -1.94 13.58 -23.46
C THR B 391 -1.67 12.42 -24.40
N LYS B 392 -2.40 12.35 -25.52
CA LYS B 392 -2.13 11.31 -26.52
C LYS B 392 -0.87 11.63 -27.31
N ASN B 393 -0.52 12.91 -27.44
CA ASN B 393 0.65 13.36 -28.20
C ASN B 393 1.89 13.12 -27.35
N THR B 394 2.37 11.88 -27.38
CA THR B 394 3.49 11.49 -26.53
C THR B 394 4.76 12.26 -26.84
N THR B 395 4.93 12.69 -28.10
CA THR B 395 6.12 13.44 -28.47
C THR B 395 6.21 14.75 -27.72
N ALA B 396 5.07 15.39 -27.45
CA ALA B 396 5.08 16.63 -26.68
C ALA B 396 5.54 16.38 -25.26
N MET B 397 5.09 15.29 -24.65
CA MET B 397 5.51 14.98 -23.28
C MET B 397 7.02 14.74 -23.21
N GLU B 398 7.58 14.06 -24.22
CA GLU B 398 9.02 13.86 -24.26
C GLU B 398 9.76 15.16 -24.52
N ALA B 399 9.17 16.07 -25.31
CA ALA B 399 9.82 17.32 -25.64
C ALA B 399 9.99 18.24 -24.42
N CYS B 400 9.19 18.05 -23.39
CA CYS B 400 9.31 18.87 -22.18
C CYS B 400 10.42 18.42 -21.25
N ASN B 401 11.05 17.27 -21.53
CA ASN B 401 12.20 16.78 -20.76
C ASN B 401 11.88 16.63 -19.28
N CYS B 402 10.68 16.13 -18.98
CA CYS B 402 10.28 15.86 -17.60
C CYS B 402 10.74 14.45 -17.23
N PHE B 403 11.57 14.36 -16.20
CA PHE B 403 12.15 13.11 -15.74
C PHE B 403 11.98 12.99 -14.23
N PRO B 404 11.95 11.77 -13.70
CA PRO B 404 11.79 11.60 -12.26
C PRO B 404 12.99 12.17 -11.52
N PRO B 405 12.81 12.60 -10.28
CA PRO B 405 13.94 13.20 -9.53
C PRO B 405 15.04 12.18 -9.29
N CYS B 406 16.29 12.68 -9.30
CA CYS B 406 17.44 11.82 -9.08
C CYS B 406 17.55 11.37 -7.62
N ASP B 407 16.91 12.10 -6.70
CA ASP B 407 16.90 11.72 -5.28
C ASP B 407 15.53 12.12 -4.74
N GLU B 408 14.62 11.16 -4.66
CA GLU B 408 13.23 11.41 -4.32
C GLU B 408 12.88 10.77 -2.99
N VAL B 409 12.12 11.51 -2.17
CA VAL B 409 11.59 11.02 -0.91
C VAL B 409 10.07 10.90 -1.06
N SER B 410 9.54 9.72 -0.78
CA SER B 410 8.12 9.45 -0.90
C SER B 410 7.63 8.74 0.35
N TYR B 411 6.31 8.77 0.54
CA TYR B 411 5.69 8.26 1.76
C TYR B 411 4.53 7.34 1.40
N ASP B 412 4.41 6.24 2.14
CA ASP B 412 3.26 5.35 2.07
C ASP B 412 2.37 5.59 3.28
N VAL B 413 1.06 5.60 3.04
CA VAL B 413 0.09 6.00 4.05
C VAL B 413 -0.78 4.79 4.41
N SER B 414 -0.89 4.51 5.71
CA SER B 414 -1.82 3.50 6.21
C SER B 414 -3.05 4.22 6.72
N TYR B 415 -4.14 4.14 5.97
CA TYR B 415 -5.36 4.88 6.26
C TYR B 415 -6.22 4.13 7.25
N SER B 416 -6.76 4.86 8.22
CA SER B 416 -7.64 4.29 9.24
C SER B 416 -8.59 5.36 9.73
N LEU B 417 -9.71 4.91 10.30
CA LEU B 417 -10.74 5.81 10.80
C LEU B 417 -11.31 5.28 12.10
N SER B 418 -11.79 6.21 12.93
CA SER B 418 -12.48 5.90 14.17
C SER B 418 -13.19 7.15 14.65
N LYS B 419 -14.46 7.03 15.05
CA LYS B 419 -15.21 8.20 15.49
C LYS B 419 -14.53 8.83 16.70
N TRP B 420 -14.24 10.14 16.59
CA TRP B 420 -13.40 10.78 17.59
C TRP B 420 -14.16 11.08 18.88
N PRO B 421 -15.28 11.82 18.87
CA PRO B 421 -16.01 12.05 20.13
C PRO B 421 -16.81 10.83 20.53
N SER B 422 -16.34 10.14 21.58
CA SER B 422 -17.03 8.96 22.05
C SER B 422 -18.36 9.32 22.69
N ALA B 423 -19.33 8.41 22.58
CA ALA B 423 -20.62 8.62 23.20
C ALA B 423 -20.49 8.59 24.72
N GLY B 424 -21.33 9.37 25.39
CA GLY B 424 -21.30 9.43 26.84
C GLY B 424 -20.18 10.33 27.36
N TYR B 425 -19.88 10.15 28.63
CA TYR B 425 -18.86 10.95 29.31
C TYR B 425 -17.44 10.68 28.79
N GLU B 426 -17.24 9.62 28.02
CA GLU B 426 -15.92 9.37 27.44
C GLU B 426 -15.51 10.49 26.49
N GLY B 427 -16.46 10.99 25.69
CA GLY B 427 -16.19 12.03 24.73
C GLY B 427 -16.20 13.44 25.26
N ASP B 428 -16.44 13.63 26.57
CA ASP B 428 -16.42 14.97 27.13
C ASP B 428 -15.04 15.61 27.08
N ALA B 429 -13.99 14.79 26.95
CA ALA B 429 -12.63 15.34 26.87
C ALA B 429 -12.46 16.21 25.64
N ALA B 430 -13.05 15.82 24.52
CA ALA B 430 -12.95 16.61 23.30
C ALA B 430 -13.58 17.98 23.48
N TYR B 431 -14.79 18.04 24.04
CA TYR B 431 -15.44 19.32 24.27
C TYR B 431 -14.68 20.17 25.28
N PHE B 432 -14.16 19.54 26.34
CA PHE B 432 -13.41 20.28 27.33
C PHE B 432 -12.13 20.87 26.73
N ASP B 433 -11.46 20.12 25.86
CA ASP B 433 -10.26 20.62 25.21
C ASP B 433 -10.59 21.76 24.26
N VAL B 434 -11.63 21.59 23.44
CA VAL B 434 -11.92 22.57 22.39
C VAL B 434 -12.45 23.86 23.00
N PHE B 435 -13.38 23.77 23.95
CA PHE B 435 -14.10 24.94 24.44
C PHE B 435 -13.74 25.36 25.86
N GLY B 436 -13.08 24.50 26.62
CA GLY B 436 -12.75 24.83 27.99
C GLY B 436 -11.32 25.27 28.19
N ILE B 437 -10.40 24.71 27.40
CA ILE B 437 -8.99 25.01 27.50
C ILE B 437 -8.51 25.84 26.31
N GLU B 438 -8.77 25.38 25.08
CA GLU B 438 -8.45 26.18 23.91
C GLU B 438 -9.39 27.37 23.75
N LYS B 439 -10.60 27.29 24.32
CA LYS B 439 -11.59 28.36 24.27
C LYS B 439 -11.83 28.79 22.82
N PHE B 440 -12.35 27.84 22.04
CA PHE B 440 -12.50 28.04 20.60
C PHE B 440 -13.46 29.18 20.28
N ASN B 441 -14.54 29.30 21.06
CA ASN B 441 -15.52 30.35 20.80
C ASN B 441 -14.93 31.74 21.00
N GLU B 442 -14.09 31.90 22.01
CA GLU B 442 -13.56 33.22 22.35
C GLU B 442 -12.56 33.75 21.34
N ARG B 443 -12.10 32.92 20.39
CA ARG B 443 -11.28 33.44 19.31
C ARG B 443 -12.07 34.43 18.45
N PHE B 444 -13.35 34.16 18.25
CA PHE B 444 -14.18 34.92 17.33
C PHE B 444 -14.89 36.11 17.99
N ASN B 445 -14.58 36.38 19.26
CA ASN B 445 -15.16 37.52 19.98
C ASN B 445 -14.41 38.81 19.62
N LYS B 446 -14.37 39.09 18.33
CA LYS B 446 -13.69 40.26 17.79
C LYS B 446 -14.70 41.20 17.13
N THR B 447 -14.22 42.39 16.78
CA THR B 447 -15.10 43.41 16.22
C THR B 447 -15.70 42.97 14.88
N GLY B 448 -14.89 42.37 14.02
CA GLY B 448 -15.34 41.99 12.69
C GLY B 448 -15.73 40.53 12.56
N THR B 449 -15.95 39.85 13.69
CA THR B 449 -16.28 38.42 13.64
C THR B 449 -17.39 38.12 14.65
N GLN B 450 -18.20 39.11 15.03
CA GLN B 450 -19.24 38.89 16.03
C GLN B 450 -20.29 37.91 15.55
N GLY B 451 -20.65 37.96 14.26
CA GLY B 451 -21.66 37.06 13.74
C GLY B 451 -21.29 35.60 13.88
N LYS B 452 -20.02 35.27 13.59
CA LYS B 452 -19.55 33.91 13.78
C LYS B 452 -19.56 33.50 15.24
N TYR B 453 -19.20 34.44 16.12
CA TYR B 453 -19.12 34.13 17.55
C TYR B 453 -20.47 33.72 18.11
N GLU B 454 -21.53 34.46 17.76
CA GLU B 454 -22.86 34.15 18.27
C GLU B 454 -23.33 32.79 17.74
N LEU B 455 -23.08 32.52 16.46
CA LEU B 455 -23.51 31.25 15.88
C LEU B 455 -22.79 30.07 16.53
N PHE B 456 -21.49 30.20 16.78
CA PHE B 456 -20.77 29.12 17.45
C PHE B 456 -21.17 28.99 18.92
N THR B 457 -21.51 30.11 19.56
CA THR B 457 -22.02 30.03 20.94
C THR B 457 -23.33 29.28 20.99
N LYS B 458 -24.23 29.54 20.04
CA LYS B 458 -25.52 28.85 20.05
C LYS B 458 -25.39 27.39 19.65
N TYR B 459 -24.61 27.11 18.61
CA TYR B 459 -24.55 25.74 18.06
C TYR B 459 -23.83 24.79 19.01
N PHE B 460 -22.75 25.24 19.63
CA PHE B 460 -21.88 24.37 20.42
C PHE B 460 -22.17 24.45 21.92
N ASN B 461 -23.42 24.60 22.31
CA ASN B 461 -23.74 24.64 23.73
C ASN B 461 -23.62 23.25 24.36
N VAL B 462 -23.61 23.23 25.69
CA VAL B 462 -23.28 22.00 26.42
C VAL B 462 -24.34 20.92 26.21
N SER B 463 -25.61 21.31 26.11
CA SER B 463 -26.67 20.32 26.04
C SER B 463 -26.64 19.54 24.73
N ASN B 464 -26.35 20.22 23.61
CA ASN B 464 -26.27 19.58 22.30
C ASN B 464 -24.88 19.05 22.00
N ARG B 465 -24.12 18.70 23.03
CA ARG B 465 -22.73 18.27 22.89
C ARG B 465 -22.59 17.10 21.91
N GLU B 466 -23.47 16.10 22.02
CA GLU B 466 -23.30 14.87 21.26
C GLU B 466 -23.43 15.10 19.76
N GLU B 467 -24.45 15.87 19.33
CA GLU B 467 -24.63 16.12 17.91
C GLU B 467 -23.68 17.19 17.38
N SER B 468 -23.48 18.26 18.14
CA SER B 468 -22.73 19.40 17.61
C SER B 468 -21.27 19.06 17.38
N MET B 469 -20.69 18.20 18.23
CA MET B 469 -19.28 17.89 18.13
C MET B 469 -18.93 17.04 16.92
N LYS B 470 -19.93 16.50 16.21
CA LYS B 470 -19.67 15.69 15.04
C LYS B 470 -19.09 16.49 13.88
N ASP B 471 -19.16 17.82 13.94
CA ASP B 471 -18.61 18.66 12.87
C ASP B 471 -17.09 18.74 12.91
N PHE B 472 -16.47 18.35 14.02
CA PHE B 472 -15.03 18.38 14.16
C PHE B 472 -14.41 17.06 13.68
N ALA B 473 -13.13 17.12 13.36
CA ALA B 473 -12.36 15.95 12.95
C ALA B 473 -10.95 16.07 13.49
N ARG B 474 -10.30 14.93 13.67
CA ARG B 474 -8.94 14.87 14.20
C ARG B 474 -8.05 14.10 13.24
N LEU B 475 -6.86 14.63 12.99
CA LEU B 475 -5.88 13.98 12.14
C LEU B 475 -4.65 13.61 12.96
N ASN B 476 -4.21 12.38 12.82
CA ASN B 476 -2.97 11.89 13.44
C ASN B 476 -2.05 11.40 12.35
N VAL B 477 -0.97 12.13 12.11
CA VAL B 477 0.04 11.76 11.12
C VAL B 477 1.30 11.39 11.90
N TYR B 478 1.67 10.11 11.85
CA TYR B 478 2.79 9.60 12.62
C TYR B 478 3.62 8.66 11.76
N ILE B 479 4.92 8.60 12.06
CA ILE B 479 5.82 7.70 11.37
C ILE B 479 5.68 6.32 12.01
N ALA B 480 5.20 5.34 11.23
CA ALA B 480 4.99 4.00 11.74
C ALA B 480 6.24 3.13 11.65
N ASP B 481 7.18 3.47 10.76
CA ASP B 481 8.42 2.71 10.61
C ASP B 481 9.55 3.70 10.41
N SER B 482 10.42 3.84 11.41
CA SER B 482 11.51 4.80 11.34
C SER B 482 12.56 4.39 10.31
N ASN B 483 12.63 3.12 9.94
CA ASN B 483 13.59 2.67 8.95
C ASN B 483 13.03 2.88 7.56
N VAL B 484 13.87 3.39 6.66
CA VAL B 484 13.44 3.83 5.33
C VAL B 484 13.78 2.75 4.32
N VAL B 485 12.82 2.41 3.46
CA VAL B 485 13.05 1.49 2.36
C VAL B 485 13.71 2.27 1.22
N LYS B 486 14.93 1.90 0.88
CA LYS B 486 15.72 2.61 -0.13
C LYS B 486 15.76 1.81 -1.42
N THR B 487 15.43 2.46 -2.52
CA THR B 487 15.49 1.86 -3.86
C THR B 487 16.51 2.65 -4.67
N GLN B 488 17.72 2.11 -4.79
CA GLN B 488 18.83 2.78 -5.44
C GLN B 488 19.12 2.13 -6.78
N GLU B 489 19.21 2.94 -7.82
CA GLU B 489 19.57 2.46 -9.16
C GLU B 489 21.06 2.70 -9.40
N SER B 490 21.71 1.71 -10.03
CA SER B 490 23.13 1.80 -10.32
C SER B 490 23.39 1.12 -11.66
N GLU B 491 24.52 1.47 -12.27
CA GLU B 491 24.91 0.89 -13.55
C GLU B 491 25.26 -0.58 -13.37
N ASP B 492 24.61 -1.43 -14.16
CA ASP B 492 24.82 -2.87 -14.03
C ASP B 492 26.10 -3.35 -14.68
N TYR B 493 26.52 -2.71 -15.78
CA TYR B 493 27.64 -3.19 -16.60
C TYR B 493 28.61 -2.02 -16.81
N THR B 494 29.61 -1.92 -15.95
CA THR B 494 30.56 -0.82 -16.00
C THR B 494 31.62 -1.08 -17.07
N ARG B 495 32.48 -0.06 -17.28
CA ARG B 495 33.55 -0.20 -18.26
C ARG B 495 34.58 -1.23 -17.81
N ASN B 496 34.84 -1.33 -16.51
CA ASN B 496 35.80 -2.31 -16.01
C ASN B 496 35.30 -3.73 -16.25
N GLN B 497 34.01 -3.98 -16.02
CA GLN B 497 33.45 -5.29 -16.31
C GLN B 497 33.50 -5.58 -17.81
N LEU B 498 33.26 -4.56 -18.63
CA LEU B 498 33.38 -4.73 -20.08
C LEU B 498 34.80 -5.11 -20.47
N VAL B 499 35.80 -4.46 -19.86
CA VAL B 499 37.20 -4.78 -20.15
C VAL B 499 37.52 -6.20 -19.71
N SER B 500 37.01 -6.60 -18.55
CA SER B 500 37.26 -7.97 -18.08
C SER B 500 36.65 -9.00 -19.02
N ASP B 501 35.42 -8.74 -19.50
CA ASP B 501 34.80 -9.67 -20.45
C ASP B 501 35.55 -9.72 -21.77
N ILE B 502 36.02 -8.56 -22.25
CA ILE B 502 36.84 -8.53 -23.46
C ILE B 502 38.12 -9.33 -23.24
N GLY B 503 38.74 -9.20 -22.07
CA GLY B 503 39.93 -9.97 -21.78
C GLY B 503 39.68 -11.47 -21.78
N GLY B 504 38.59 -11.89 -21.13
CA GLY B 504 38.25 -13.31 -21.12
C GLY B 504 38.02 -13.85 -22.53
N GLN B 505 37.28 -13.09 -23.34
CA GLN B 505 36.99 -13.54 -24.69
C GLN B 505 38.25 -13.55 -25.56
N LEU B 506 39.12 -12.56 -25.38
CA LEU B 506 40.40 -12.53 -26.09
C LEU B 506 41.29 -13.70 -25.70
N GLY B 507 41.22 -14.13 -24.44
CA GLY B 507 42.05 -15.22 -23.98
C GLY B 507 41.48 -16.58 -24.28
N LEU B 508 40.18 -16.64 -24.53
CA LEU B 508 39.52 -17.90 -24.84
C LEU B 508 39.61 -18.24 -26.33
N TRP B 509 39.11 -17.36 -27.20
CA TRP B 509 39.00 -17.66 -28.62
C TRP B 509 40.30 -17.44 -29.39
N VAL B 510 40.77 -16.19 -29.41
CA VAL B 510 41.86 -15.84 -30.34
C VAL B 510 43.22 -16.08 -29.68
N GLY B 511 43.30 -15.93 -28.35
CA GLY B 511 44.53 -16.19 -27.62
C GLY B 511 45.53 -15.06 -27.57
N ILE B 512 45.25 -13.93 -28.23
CA ILE B 512 46.18 -12.80 -28.27
C ILE B 512 46.00 -11.95 -27.02
N SER B 513 46.99 -11.09 -26.75
CA SER B 513 46.94 -10.14 -25.62
C SER B 513 47.37 -8.79 -26.16
N LEU B 514 47.67 -7.83 -25.29
CA LEU B 514 48.03 -6.48 -25.77
C LEU B 514 49.54 -6.44 -25.95
N ILE B 515 50.27 -7.12 -25.08
CA ILE B 515 51.73 -7.23 -25.32
C ILE B 515 51.95 -8.04 -26.61
N THR B 516 50.96 -8.83 -27.07
CA THR B 516 51.05 -9.60 -28.34
C THR B 516 50.47 -8.82 -29.52
N LEU B 517 49.65 -7.81 -29.27
CA LEU B 517 49.17 -6.96 -30.37
C LEU B 517 50.25 -5.90 -30.62
N ALA B 518 51.34 -5.95 -29.84
CA ALA B 518 52.47 -5.06 -30.14
C ALA B 518 53.24 -5.78 -31.23
N GLU B 519 53.39 -7.08 -31.08
CA GLU B 519 54.05 -7.97 -32.04
C GLU B 519 53.67 -7.62 -33.47
N VAL B 520 52.36 -7.54 -33.75
CA VAL B 520 51.93 -7.23 -35.11
C VAL B 520 52.24 -5.78 -35.46
N LEU B 521 52.27 -4.88 -34.47
CA LEU B 521 52.67 -3.50 -34.74
C LEU B 521 54.11 -3.44 -35.21
N GLU B 522 55.01 -4.17 -34.53
CA GLU B 522 56.38 -4.26 -34.99
C GLU B 522 56.47 -4.95 -36.36
N LEU B 523 55.61 -5.94 -36.60
CA LEU B 523 55.62 -6.62 -37.89
C LEU B 523 55.24 -5.67 -39.02
N ILE B 524 54.23 -4.83 -38.80
CA ILE B 524 53.85 -3.87 -39.84
C ILE B 524 54.90 -2.77 -40.00
N ILE B 525 55.57 -2.38 -38.92
CA ILE B 525 56.70 -1.46 -39.07
C ILE B 525 57.80 -2.09 -39.92
N ASP B 526 58.11 -3.36 -39.65
CA ASP B 526 59.13 -4.06 -40.42
C ASP B 526 58.72 -4.18 -41.89
N LEU B 527 57.44 -4.43 -42.14
CA LEU B 527 56.95 -4.49 -43.52
C LEU B 527 57.07 -3.14 -44.21
N PHE B 528 56.78 -2.05 -43.49
CA PHE B 528 56.93 -0.71 -44.06
C PHE B 528 58.40 -0.43 -44.39
N ARG B 529 59.31 -0.79 -43.50
CA ARG B 529 60.72 -0.47 -43.68
C ARG B 529 61.51 -1.61 -44.33
N LEU B 530 60.83 -2.59 -44.90
CA LEU B 530 61.47 -3.69 -45.62
C LEU B 530 62.40 -3.17 -46.73
N ALA C 3 77.27 -14.93 -13.90
CA ALA C 3 76.44 -15.69 -14.83
C ALA C 3 75.03 -15.09 -14.92
N ILE C 4 74.91 -13.81 -14.52
CA ILE C 4 73.61 -13.14 -14.57
C ILE C 4 73.11 -13.06 -16.00
N ARG C 5 73.98 -12.68 -16.94
CA ARG C 5 73.58 -12.58 -18.33
C ARG C 5 73.13 -13.93 -18.86
N ASP C 6 73.87 -15.00 -18.55
CA ASP C 6 73.53 -16.32 -19.05
C ASP C 6 72.20 -16.80 -18.50
N VAL C 7 71.96 -16.61 -17.19
CA VAL C 7 70.71 -17.10 -16.61
C VAL C 7 69.53 -16.30 -17.14
N MET C 8 69.67 -14.99 -17.29
CA MET C 8 68.57 -14.21 -17.87
C MET C 8 68.31 -14.58 -19.32
N THR C 9 69.37 -14.84 -20.09
CA THR C 9 69.18 -15.25 -21.48
C THR C 9 68.48 -16.60 -21.57
N LYS C 10 68.90 -17.57 -20.75
CA LYS C 10 68.24 -18.87 -20.75
C LYS C 10 66.78 -18.74 -20.31
N PHE C 11 66.52 -17.91 -19.30
CA PHE C 11 65.15 -17.66 -18.88
C PHE C 11 64.33 -17.10 -20.04
N ALA C 12 64.86 -16.08 -20.71
CA ALA C 12 64.12 -15.45 -21.81
C ALA C 12 63.86 -16.44 -22.94
N GLU C 13 64.83 -17.31 -23.23
CA GLU C 13 64.64 -18.29 -24.30
C GLU C 13 63.69 -19.41 -23.92
N GLN C 14 63.54 -19.72 -22.63
CA GLN C 14 62.70 -20.83 -22.20
C GLN C 14 61.39 -20.42 -21.55
N THR C 15 61.26 -19.17 -21.11
CA THR C 15 60.07 -18.75 -20.39
C THR C 15 58.90 -18.52 -21.35
N THR C 16 57.69 -18.51 -20.79
CA THR C 16 56.51 -18.16 -21.54
C THR C 16 56.06 -16.73 -21.33
N MET C 17 56.65 -16.01 -20.36
CA MET C 17 56.38 -14.58 -20.21
C MET C 17 56.38 -13.89 -21.57
N HIS C 18 55.26 -13.27 -21.90
CA HIS C 18 55.06 -12.77 -23.25
C HIS C 18 55.82 -11.47 -23.53
N GLY C 19 56.30 -10.77 -22.51
CA GLY C 19 56.97 -9.50 -22.73
C GLY C 19 58.47 -9.48 -22.45
N VAL C 20 58.92 -10.27 -21.46
CA VAL C 20 60.32 -10.20 -21.03
C VAL C 20 61.31 -10.54 -22.15
N PRO C 21 61.10 -11.57 -22.98
CA PRO C 21 62.11 -11.88 -24.02
C PRO C 21 62.42 -10.72 -24.94
N LYS C 22 61.43 -9.90 -25.28
CA LYS C 22 61.69 -8.76 -26.15
C LYS C 22 62.57 -7.73 -25.45
N VAL C 23 62.37 -7.53 -24.15
CA VAL C 23 63.22 -6.61 -23.40
C VAL C 23 64.64 -7.16 -23.28
N ILE C 24 64.77 -8.45 -23.00
CA ILE C 24 66.09 -9.05 -22.81
C ILE C 24 66.80 -9.21 -24.15
N ASN C 25 66.17 -9.91 -25.08
CA ASN C 25 66.74 -10.10 -26.42
C ASN C 25 66.33 -8.94 -27.34
N ALA C 26 66.74 -7.75 -26.94
CA ALA C 26 66.35 -6.54 -27.66
C ALA C 26 67.09 -6.43 -28.99
N LYS C 27 66.39 -5.86 -29.98
CA LYS C 27 67.00 -5.65 -31.29
C LYS C 27 68.00 -4.50 -31.24
N SER C 28 67.68 -3.42 -30.53
CA SER C 28 68.55 -2.26 -30.44
C SER C 28 68.16 -1.48 -29.19
N SER C 29 68.87 -0.37 -28.95
CA SER C 29 68.56 0.47 -27.79
C SER C 29 67.14 1.03 -27.88
N MET C 30 66.75 1.51 -29.06
CA MET C 30 65.39 1.99 -29.24
C MET C 30 64.38 0.86 -29.06
N GLY C 31 64.73 -0.34 -29.52
CA GLY C 31 63.85 -1.48 -29.32
C GLY C 31 63.67 -1.81 -27.85
N ARG C 32 64.78 -1.84 -27.10
CA ARG C 32 64.67 -2.11 -25.67
C ARG C 32 63.84 -1.05 -24.97
N LEU C 33 64.07 0.22 -25.32
CA LEU C 33 63.29 1.30 -24.72
C LEU C 33 61.81 1.15 -25.02
N PHE C 34 61.49 0.82 -26.26
CA PHE C 34 60.06 0.72 -26.62
C PHE C 34 59.46 -0.42 -25.83
N TRP C 35 60.06 -1.59 -25.92
CA TRP C 35 59.41 -2.71 -25.25
C TRP C 35 59.32 -2.48 -23.74
N SER C 36 60.28 -1.76 -23.15
CA SER C 36 60.18 -1.41 -21.74
C SER C 36 58.97 -0.53 -21.48
N LEU C 37 58.74 0.47 -22.33
CA LEU C 37 57.59 1.33 -22.11
C LEU C 37 56.28 0.58 -22.36
N VAL C 38 56.26 -0.35 -23.32
CA VAL C 38 55.07 -1.18 -23.52
C VAL C 38 54.78 -1.99 -22.26
N CYS C 39 55.82 -2.61 -21.69
CA CYS C 39 55.62 -3.40 -20.48
C CYS C 39 55.14 -2.53 -19.33
N LEU C 40 55.78 -1.38 -19.13
CA LEU C 40 55.38 -0.43 -18.10
C LEU C 40 53.93 -0.01 -18.26
N ALA C 41 53.53 0.34 -19.49
CA ALA C 41 52.14 0.74 -19.74
C ALA C 41 51.17 -0.38 -19.42
N ALA C 42 51.50 -1.60 -19.86
CA ALA C 42 50.63 -2.74 -19.57
C ALA C 42 50.49 -2.95 -18.06
N GLY C 43 51.60 -2.91 -17.34
CA GLY C 43 51.54 -3.08 -15.90
C GLY C 43 50.75 -1.98 -15.20
N ALA C 44 50.93 -0.74 -15.64
CA ALA C 44 50.24 0.38 -15.02
C ALA C 44 48.74 0.29 -15.24
N MET C 45 48.30 0.01 -16.47
CA MET C 45 46.88 -0.16 -16.72
C MET C 45 46.33 -1.35 -15.96
N PHE C 46 47.12 -2.42 -15.86
CA PHE C 46 46.75 -3.59 -15.06
C PHE C 46 46.46 -3.20 -13.61
N CYS C 47 47.40 -2.48 -12.99
CA CYS C 47 47.23 -2.09 -11.60
C CYS C 47 46.07 -1.13 -11.41
N LEU C 48 45.89 -0.19 -12.35
CA LEU C 48 44.79 0.75 -12.27
C LEU C 48 43.44 0.03 -12.33
N GLN C 49 43.33 -0.99 -13.19
CA GLN C 49 42.07 -1.71 -13.29
C GLN C 49 41.85 -2.61 -12.07
N MET C 50 42.92 -3.23 -11.55
CA MET C 50 42.76 -4.10 -10.40
C MET C 50 42.44 -3.32 -9.13
N SER C 51 42.92 -2.09 -9.02
CA SER C 51 42.51 -1.26 -7.90
C SER C 51 41.00 -1.07 -7.89
N GLU C 52 40.42 -0.76 -9.06
CA GLU C 52 38.97 -0.63 -9.17
C GLU C 52 38.27 -1.94 -8.88
N VAL C 53 38.81 -3.05 -9.39
CA VAL C 53 38.17 -4.36 -9.19
C VAL C 53 38.13 -4.71 -7.71
N LEU C 54 39.26 -4.55 -7.02
CA LEU C 54 39.32 -4.86 -5.60
C LEU C 54 38.47 -3.88 -4.79
N GLN C 55 38.39 -2.62 -5.21
CA GLN C 55 37.51 -1.68 -4.55
C GLN C 55 36.05 -2.12 -4.67
N ARG C 56 35.67 -2.61 -5.85
CA ARG C 56 34.31 -3.14 -6.02
C ARG C 56 34.08 -4.36 -5.15
N TYR C 57 35.07 -5.27 -5.09
CA TYR C 57 34.88 -6.49 -4.33
C TYR C 57 34.77 -6.22 -2.84
N PHE C 58 35.71 -5.44 -2.28
CA PHE C 58 35.69 -5.17 -0.85
C PHE C 58 34.57 -4.23 -0.43
N SER C 59 33.88 -3.60 -1.39
CA SER C 59 32.65 -2.90 -1.06
C SER C 59 31.54 -3.87 -0.67
N TYR C 60 31.67 -5.13 -1.05
CA TYR C 60 30.69 -6.17 -0.74
C TYR C 60 29.28 -5.78 -1.19
N PRO C 61 29.06 -5.61 -2.49
CA PRO C 61 27.72 -5.23 -2.96
C PRO C 61 26.71 -6.36 -2.77
N LYS C 62 25.43 -5.98 -2.80
CA LYS C 62 24.34 -6.91 -2.63
C LYS C 62 23.48 -6.95 -3.89
N LYS C 63 22.89 -8.12 -4.13
CA LYS C 63 21.94 -8.31 -5.22
C LYS C 63 20.59 -8.66 -4.64
N VAL C 64 19.56 -7.92 -5.04
CA VAL C 64 18.22 -8.08 -4.50
C VAL C 64 17.28 -8.50 -5.63
N THR C 65 16.53 -9.57 -5.39
CA THR C 65 15.55 -10.07 -6.35
C THR C 65 14.16 -10.04 -5.74
N VAL C 66 13.19 -9.58 -6.53
CA VAL C 66 11.80 -9.52 -6.11
C VAL C 66 10.98 -10.41 -7.04
N GLU C 67 10.24 -11.35 -6.47
CA GLU C 67 9.48 -12.29 -7.27
C GLU C 67 8.29 -12.79 -6.45
N VAL C 68 7.35 -13.40 -7.16
CA VAL C 68 6.15 -13.97 -6.56
C VAL C 68 6.31 -15.48 -6.50
N VAL C 69 6.17 -16.04 -5.30
CA VAL C 69 6.41 -17.47 -5.10
C VAL C 69 5.20 -18.09 -4.40
N PRO C 70 4.93 -19.39 -4.64
CA PRO C 70 3.79 -20.04 -3.97
C PRO C 70 4.07 -20.50 -2.54
N THR C 71 5.27 -20.31 -2.04
CA THR C 71 5.59 -20.77 -0.69
C THR C 71 4.74 -20.03 0.33
N PRO C 72 4.02 -20.74 1.19
CA PRO C 72 3.10 -20.09 2.11
C PRO C 72 3.80 -19.53 3.35
N VAL C 73 3.09 -18.63 4.02
CA VAL C 73 3.53 -18.03 5.27
C VAL C 73 2.41 -18.23 6.29
N PRO C 74 2.72 -18.26 7.57
CA PRO C 74 1.67 -18.49 8.58
C PRO C 74 0.65 -17.36 8.60
N PHE C 75 -0.57 -17.72 8.96
CA PHE C 75 -1.65 -16.75 9.04
C PHE C 75 -1.32 -15.71 10.11
N PRO C 76 -1.47 -14.42 9.81
CA PRO C 76 -1.04 -13.40 10.77
C PRO C 76 -1.84 -13.44 12.07
N SER C 77 -1.14 -13.13 13.17
CA SER C 77 -1.81 -12.99 14.45
C SER C 77 -2.50 -11.64 14.54
N ILE C 78 -3.68 -11.63 15.14
CA ILE C 78 -4.52 -10.43 15.20
C ILE C 78 -4.64 -10.02 16.66
N SER C 79 -4.24 -8.80 16.97
CA SER C 79 -4.36 -8.23 18.30
C SER C 79 -5.37 -7.10 18.27
N ILE C 80 -6.33 -7.15 19.19
CA ILE C 80 -7.43 -6.19 19.24
C ILE C 80 -7.41 -5.49 20.59
N CYS C 81 -7.46 -4.16 20.57
CA CYS C 81 -7.54 -3.35 21.77
C CYS C 81 -8.77 -2.45 21.68
N ASN C 82 -9.63 -2.54 22.69
CA ASN C 82 -10.79 -1.66 22.76
C ASN C 82 -10.34 -0.29 23.23
N MET C 83 -10.73 0.75 22.49
CA MET C 83 -10.35 2.11 22.85
C MET C 83 -10.99 2.55 24.16
N ARG C 84 -12.04 1.88 24.60
CA ARG C 84 -12.58 2.06 25.95
C ARG C 84 -11.86 1.07 26.86
N ASN C 85 -10.99 1.60 27.73
CA ASN C 85 -10.07 0.75 28.49
C ASN C 85 -10.78 -0.01 29.62
N LEU C 86 -11.73 0.62 30.28
CA LEU C 86 -12.38 0.03 31.45
C LEU C 86 -13.72 -0.58 31.08
N ASP C 87 -14.23 -1.41 32.00
CA ASP C 87 -15.53 -2.04 31.81
C ASP C 87 -16.64 -1.01 31.95
N VAL C 88 -17.79 -1.31 31.32
CA VAL C 88 -18.91 -0.39 31.34
C VAL C 88 -19.44 -0.20 32.76
N HIS C 89 -19.56 -1.30 33.51
CA HIS C 89 -20.09 -1.21 34.87
C HIS C 89 -19.18 -0.36 35.76
N ILE C 90 -17.86 -0.56 35.65
CA ILE C 90 -16.93 0.20 36.48
C ILE C 90 -17.01 1.68 36.16
N LEU C 91 -17.04 2.03 34.87
CA LEU C 91 -17.11 3.43 34.47
C LEU C 91 -18.41 4.07 34.94
N ASN C 92 -19.53 3.36 34.77
CA ASN C 92 -20.81 3.89 35.23
C ASN C 92 -20.82 4.08 36.75
N THR C 93 -20.25 3.13 37.49
CA THR C 93 -20.17 3.25 38.93
C THR C 93 -19.33 4.46 39.32
N LEU C 94 -18.18 4.65 38.67
CA LEU C 94 -17.32 5.80 38.99
C LEU C 94 -18.04 7.10 38.71
N ASN C 95 -18.74 7.18 37.58
CA ASN C 95 -19.50 8.39 37.25
C ASN C 95 -20.56 8.66 38.30
N ARG C 96 -21.28 7.61 38.74
CA ARG C 96 -22.32 7.80 39.75
C ARG C 96 -21.73 8.26 41.08
N MET C 97 -20.61 7.67 41.50
CA MET C 97 -20.00 8.09 42.76
C MET C 97 -19.50 9.53 42.70
N PHE C 98 -18.89 9.94 41.58
CA PHE C 98 -18.47 11.34 41.47
C PHE C 98 -19.66 12.28 41.36
N ILE C 99 -20.80 11.80 40.84
CA ILE C 99 -22.00 12.61 40.86
C ILE C 99 -22.52 12.78 42.29
N GLU C 100 -22.53 11.69 43.06
CA GLU C 100 -23.09 11.72 44.40
C GLU C 100 -22.26 12.58 45.34
N ASP C 101 -20.94 12.43 45.30
CA ASP C 101 -20.05 13.19 46.17
C ASP C 101 -18.75 13.47 45.42
N ASP C 102 -18.40 14.75 45.30
CA ASP C 102 -17.19 15.11 44.55
C ASP C 102 -15.93 14.80 45.33
N ARG C 103 -15.99 14.79 46.66
CA ARG C 103 -14.80 14.59 47.47
C ARG C 103 -14.31 13.16 47.35
N PRO C 104 -13.06 12.93 46.92
CA PRO C 104 -12.58 11.55 46.79
C PRO C 104 -12.32 10.87 48.13
N PHE C 105 -12.01 11.65 49.18
CA PHE C 105 -11.71 11.04 50.48
C PHE C 105 -12.91 10.31 51.05
N SER C 106 -14.12 10.77 50.72
CA SER C 106 -15.33 10.13 51.22
C SER C 106 -15.70 8.86 50.46
N ASN C 107 -14.97 8.54 49.38
CA ASN C 107 -15.30 7.41 48.51
C ASN C 107 -14.26 6.29 48.58
N ILE C 108 -13.43 6.26 49.62
CA ILE C 108 -12.35 5.29 49.68
C ILE C 108 -12.90 3.87 49.82
N ASN C 109 -13.83 3.67 50.76
CA ASN C 109 -14.36 2.34 51.05
C ASN C 109 -15.83 2.20 50.66
N LYS C 110 -16.29 3.00 49.69
CA LYS C 110 -17.69 3.00 49.31
C LYS C 110 -18.03 1.95 48.24
N SER C 111 -17.03 1.29 47.68
CA SER C 111 -17.25 0.33 46.60
C SER C 111 -16.63 -1.01 46.96
N GLU C 112 -17.23 -2.08 46.43
CA GLU C 112 -16.74 -3.43 46.64
C GLU C 112 -15.66 -3.85 45.65
N HIS C 113 -15.43 -3.06 44.60
CA HIS C 113 -14.42 -3.37 43.60
C HIS C 113 -13.06 -2.84 44.06
N GLU C 114 -12.05 -3.72 44.02
CA GLU C 114 -10.73 -3.34 44.51
C GLU C 114 -10.11 -2.24 43.65
N PHE C 115 -10.32 -2.31 42.33
CA PHE C 115 -9.78 -1.29 41.44
C PHE C 115 -10.35 0.09 41.76
N ILE C 116 -11.65 0.16 42.04
CA ILE C 116 -12.26 1.43 42.39
C ILE C 116 -11.67 1.97 43.68
N ARG C 117 -11.47 1.10 44.67
CA ARG C 117 -10.89 1.54 45.93
C ARG C 117 -9.46 2.06 45.74
N ALA C 118 -8.64 1.35 44.95
CA ALA C 118 -7.28 1.82 44.71
C ALA C 118 -7.28 3.14 43.95
N TYR C 119 -8.15 3.28 42.95
CA TYR C 119 -8.24 4.51 42.19
C TYR C 119 -8.65 5.67 43.09
N MET C 120 -9.63 5.45 43.96
CA MET C 120 -10.06 6.49 44.89
C MET C 120 -8.95 6.85 45.87
N LYS C 121 -8.19 5.85 46.34
CA LYS C 121 -7.06 6.14 47.22
C LYS C 121 -6.03 7.02 46.52
N LYS C 122 -5.70 6.69 45.28
CA LYS C 122 -4.73 7.50 44.54
C LYS C 122 -5.25 8.91 44.31
N VAL C 123 -6.53 9.04 43.93
CA VAL C 123 -7.09 10.36 43.68
C VAL C 123 -7.12 11.18 44.96
N ALA C 124 -7.48 10.56 46.09
CA ALA C 124 -7.50 11.28 47.35
C ALA C 124 -6.09 11.64 47.81
N LYS C 125 -5.09 10.84 47.46
CA LYS C 125 -3.72 11.17 47.82
C LYS C 125 -3.16 12.29 46.96
N TYR C 126 -3.64 12.43 45.73
CA TYR C 126 -3.12 13.47 44.85
C TYR C 126 -3.92 14.76 44.88
N ALA C 127 -5.21 14.70 45.23
CA ALA C 127 -6.08 15.87 45.08
C ALA C 127 -5.69 17.07 45.96
N PRO C 128 -5.42 16.91 47.26
CA PRO C 128 -5.13 18.11 48.08
C PRO C 128 -3.99 18.95 47.53
N LEU C 129 -2.94 18.31 47.00
CA LEU C 129 -1.86 19.07 46.38
C LEU C 129 -2.32 19.72 45.08
N PHE C 130 -3.20 19.04 44.34
CA PHE C 130 -3.74 19.63 43.12
C PHE C 130 -4.55 20.89 43.42
N TRP C 131 -5.39 20.84 44.46
CA TRP C 131 -6.22 21.98 44.80
C TRP C 131 -5.38 23.17 45.27
N ASN C 132 -4.21 22.91 45.85
CA ASN C 132 -3.41 23.97 46.44
C ASN C 132 -2.33 24.51 45.50
N TYR C 133 -1.81 23.67 44.59
CA TYR C 133 -0.65 24.04 43.79
C TYR C 133 -0.88 23.86 42.29
N GLN C 134 -2.14 23.87 41.84
CA GLN C 134 -2.41 23.70 40.42
C GLN C 134 -1.84 24.87 39.61
N ASP C 135 -2.06 26.10 40.08
CA ASP C 135 -1.61 27.27 39.33
C ASP C 135 -0.10 27.44 39.42
N GLU C 136 0.50 27.09 40.57
CA GLU C 136 1.94 27.30 40.74
C GLU C 136 2.75 26.32 39.88
N TYR C 137 2.32 25.07 39.82
CA TYR C 137 3.03 24.02 39.07
C TYR C 137 2.06 23.24 38.21
N PRO C 138 1.49 23.87 37.18
CA PRO C 138 0.52 23.14 36.34
C PRO C 138 1.11 21.93 35.65
N GLU C 139 2.38 22.01 35.22
CA GLU C 139 2.97 20.92 34.43
C GLU C 139 3.10 19.63 35.24
N VAL C 140 3.39 19.76 36.54
CA VAL C 140 3.59 18.57 37.38
C VAL C 140 2.30 17.76 37.45
N PHE C 141 1.18 18.43 37.69
CA PHE C 141 -0.09 17.72 37.81
C PHE C 141 -0.65 17.29 36.46
N GLN C 142 -0.18 17.87 35.36
CA GLN C 142 -0.59 17.40 34.04
C GLN C 142 -0.07 16.00 33.75
N GLU C 143 1.04 15.61 34.40
CA GLU C 143 1.61 14.28 34.22
C GLU C 143 1.15 13.31 35.30
N ILE C 144 0.98 13.79 36.53
CA ILE C 144 0.55 12.90 37.61
C ILE C 144 -0.85 12.38 37.34
N PHE C 145 -1.76 13.24 36.89
CA PHE C 145 -3.12 12.83 36.55
C PHE C 145 -3.14 12.38 35.09
N SER C 146 -2.61 11.18 34.86
CA SER C 146 -2.57 10.58 33.54
C SER C 146 -2.91 9.10 33.64
N ARG C 147 -3.44 8.56 32.54
CA ARG C 147 -3.82 7.15 32.53
C ARG C 147 -2.60 6.25 32.70
N THR C 148 -1.48 6.60 32.06
CA THR C 148 -0.26 5.80 32.19
C THR C 148 0.26 5.82 33.62
N THR C 149 0.18 6.99 34.28
CA THR C 149 0.64 7.09 35.66
C THR C 149 -0.17 6.20 36.59
N PHE C 150 -1.49 6.18 36.42
CA PHE C 150 -2.32 5.33 37.25
C PHE C 150 -2.07 3.85 36.98
N SER C 151 -1.79 3.50 35.72
CA SER C 151 -1.51 2.11 35.39
C SER C 151 -0.22 1.62 36.03
N ALA C 152 0.76 2.51 36.21
CA ALA C 152 2.04 2.14 36.81
C ALA C 152 2.00 2.12 38.33
N ASN C 153 0.96 2.68 38.95
CA ASN C 153 0.85 2.72 40.40
C ASN C 153 -0.25 1.80 40.94
N ILE C 154 -0.90 1.02 40.08
CA ILE C 154 -1.93 0.08 40.48
C ILE C 154 -1.54 -1.30 39.96
N ASP C 155 -1.75 -2.32 40.78
CA ASP C 155 -1.33 -3.67 40.44
C ASP C 155 -2.00 -4.12 39.14
N PRO C 156 -1.24 -4.65 38.17
CA PRO C 156 -1.87 -5.12 36.93
C PRO C 156 -2.94 -6.18 37.13
N GLU C 157 -2.76 -7.06 38.12
CA GLU C 157 -3.77 -8.07 38.41
C GLU C 157 -5.06 -7.45 38.93
N VAL C 158 -5.00 -6.26 39.51
CA VAL C 158 -6.21 -5.56 39.94
C VAL C 158 -6.90 -4.90 38.76
N ILE C 159 -6.12 -4.28 37.87
CA ILE C 159 -6.68 -3.62 36.70
C ILE C 159 -7.31 -4.64 35.75
N ALA C 160 -6.69 -5.82 35.63
CA ALA C 160 -7.16 -6.82 34.68
C ALA C 160 -8.59 -7.27 34.99
N LEU C 161 -8.97 -7.29 36.26
CA LEU C 161 -10.32 -7.70 36.63
C LEU C 161 -11.36 -6.60 36.41
N ALA C 162 -10.92 -5.35 36.32
CA ALA C 162 -11.83 -4.24 36.08
C ALA C 162 -11.82 -3.74 34.65
N ALA C 163 -10.80 -4.10 33.86
CA ALA C 163 -10.73 -3.68 32.46
C ALA C 163 -11.68 -4.52 31.61
N VAL C 164 -11.59 -4.33 30.30
CA VAL C 164 -12.46 -5.05 29.38
C VAL C 164 -12.11 -6.53 29.41
N GLN C 165 -13.14 -7.37 29.57
CA GLN C 165 -12.97 -8.81 29.64
C GLN C 165 -13.24 -9.43 28.26
N LEU C 166 -12.63 -10.60 28.03
CA LEU C 166 -12.78 -11.27 26.75
C LEU C 166 -14.22 -11.68 26.51
N GLU C 167 -14.91 -12.16 27.55
CA GLU C 167 -16.29 -12.60 27.39
C GLU C 167 -17.21 -11.44 27.02
N GLY C 168 -16.91 -10.24 27.51
CA GLY C 168 -17.68 -9.06 27.20
C GLY C 168 -17.16 -8.24 26.03
N PHE C 169 -16.17 -8.73 25.30
CA PHE C 169 -15.58 -8.01 24.18
C PHE C 169 -15.76 -8.75 22.86
N VAL C 170 -15.43 -10.04 22.82
CA VAL C 170 -15.53 -10.84 21.61
C VAL C 170 -16.88 -11.55 21.67
N VAL C 171 -17.86 -11.03 20.91
CA VAL C 171 -19.17 -11.65 20.87
C VAL C 171 -19.11 -12.99 20.12
N ASN C 172 -18.42 -13.02 18.98
CA ASN C 172 -18.37 -14.20 18.14
C ASN C 172 -17.04 -14.21 17.40
N CYS C 173 -16.53 -15.41 17.12
CA CYS C 173 -15.31 -15.58 16.36
C CYS C 173 -15.45 -16.78 15.47
N HIS C 174 -14.82 -16.72 14.29
CA HIS C 174 -14.90 -17.83 13.33
C HIS C 174 -13.66 -17.78 12.44
N TYR C 175 -12.76 -18.74 12.60
CA TYR C 175 -11.62 -18.92 11.70
C TYR C 175 -11.94 -20.07 10.76
N ALA C 176 -11.86 -19.80 9.46
CA ALA C 176 -12.29 -20.75 8.42
C ALA C 176 -13.77 -21.05 8.68
N GLY C 177 -14.21 -22.29 8.55
CA GLY C 177 -15.58 -22.66 8.82
C GLY C 177 -15.87 -23.11 10.24
N HIS C 178 -14.88 -23.04 11.13
CA HIS C 178 -15.03 -23.55 12.48
C HIS C 178 -15.05 -22.41 13.49
N ARG C 179 -15.72 -22.67 14.61
CA ARG C 179 -15.71 -21.72 15.72
C ARG C 179 -14.30 -21.62 16.32
N CYS C 180 -13.90 -20.40 16.66
CA CYS C 180 -12.63 -20.21 17.35
C CYS C 180 -12.69 -20.80 18.75
N ASN C 181 -11.63 -21.49 19.14
CA ASN C 181 -11.51 -21.97 20.52
C ASN C 181 -11.17 -20.75 21.38
N LYS C 182 -12.20 -20.11 21.93
CA LYS C 182 -12.04 -18.79 22.56
C LYS C 182 -11.12 -18.82 23.78
N THR C 183 -10.98 -19.97 24.43
CA THR C 183 -10.09 -20.06 25.59
C THR C 183 -8.69 -20.52 25.24
N ARG C 184 -8.50 -21.10 24.05
CA ARG C 184 -7.18 -21.58 23.62
C ARG C 184 -6.45 -20.60 22.71
N ASP C 185 -7.18 -19.88 21.85
CA ASP C 185 -6.54 -19.06 20.83
C ASP C 185 -6.30 -17.62 21.27
N PHE C 186 -7.04 -17.13 22.25
CA PHE C 186 -6.92 -15.75 22.70
C PHE C 186 -5.98 -15.66 23.89
N TYR C 187 -5.02 -14.75 23.81
CA TYR C 187 -4.07 -14.49 24.89
C TYR C 187 -4.18 -13.04 25.32
N ARG C 188 -4.31 -12.83 26.63
CA ARG C 188 -4.44 -11.49 27.18
C ARG C 188 -3.07 -10.90 27.48
N PHE C 189 -2.87 -9.64 27.09
CA PHE C 189 -1.65 -8.92 27.42
C PHE C 189 -2.03 -7.50 27.82
N PHE C 190 -1.15 -6.87 28.60
CA PHE C 190 -1.44 -5.59 29.24
C PHE C 190 -0.76 -4.46 28.47
N ASP C 191 -1.52 -3.39 28.22
CA ASP C 191 -1.02 -2.17 27.62
C ASP C 191 -1.24 -1.01 28.58
N PRO C 192 -0.26 -0.11 28.73
CA PRO C 192 -0.42 0.99 29.70
C PRO C 192 -1.62 1.88 29.42
N TYR C 193 -1.99 2.08 28.16
CA TYR C 193 -3.08 2.98 27.81
C TYR C 193 -4.40 2.26 27.55
N TYR C 194 -4.37 1.11 26.87
CA TYR C 194 -5.58 0.36 26.57
C TYR C 194 -5.89 -0.69 27.64
N PHE C 195 -5.05 -0.81 28.67
CA PHE C 195 -5.23 -1.82 29.72
C PHE C 195 -5.28 -3.22 29.12
N ASN C 196 -6.44 -3.88 29.21
CA ASN C 196 -6.55 -5.24 28.71
C ASN C 196 -6.61 -5.25 27.19
N CYS C 197 -5.76 -6.07 26.58
CA CYS C 197 -5.78 -6.32 25.15
C CYS C 197 -5.65 -7.81 24.91
N PHE C 198 -6.15 -8.26 23.76
CA PHE C 198 -6.22 -9.68 23.47
C PHE C 198 -5.59 -9.96 22.11
N THR C 199 -4.84 -11.07 22.04
CA THR C 199 -4.13 -11.47 20.84
C THR C 199 -4.65 -12.83 20.38
N TYR C 200 -5.01 -12.92 19.11
CA TYR C 200 -5.48 -14.17 18.51
C TYR C 200 -4.32 -14.85 17.80
N LYS C 201 -4.11 -16.13 18.10
CA LYS C 201 -3.10 -16.95 17.44
C LYS C 201 -3.76 -18.20 16.90
N ALA C 202 -3.69 -18.38 15.58
CA ALA C 202 -4.28 -19.55 14.95
C ALA C 202 -3.54 -20.81 15.36
N HIS C 203 -4.31 -21.86 15.67
CA HIS C 203 -3.71 -23.11 16.09
C HIS C 203 -3.09 -23.83 14.89
N GLU C 204 -1.82 -24.22 15.03
CA GLU C 204 -1.11 -24.91 13.95
C GLU C 204 -0.27 -26.05 14.50
N GLU C 209 4.80 -25.99 8.76
CA GLU C 209 4.16 -24.95 7.98
C GLU C 209 2.83 -25.43 7.40
N ASP C 210 2.02 -24.49 6.92
CA ASP C 210 0.73 -24.82 6.33
C ASP C 210 0.43 -23.85 5.21
N ASN C 211 -0.35 -24.32 4.24
CA ASN C 211 -0.71 -23.49 3.10
C ASN C 211 -1.74 -22.44 3.50
N LEU C 212 -1.77 -21.36 2.74
CA LEU C 212 -2.64 -20.21 3.02
C LEU C 212 -3.84 -20.23 2.07
N SER C 213 -5.03 -20.15 2.64
CA SER C 213 -6.26 -20.16 1.87
C SER C 213 -6.77 -18.74 1.64
N GLU C 214 -7.37 -18.52 0.48
CA GLU C 214 -7.87 -17.21 0.07
C GLU C 214 -9.37 -17.10 0.32
N GLY C 215 -9.86 -15.88 0.34
CA GLY C 215 -11.28 -15.62 0.45
C GLY C 215 -11.66 -15.12 1.83
N ILE C 216 -12.74 -14.32 1.87
CA ILE C 216 -13.24 -13.80 3.14
C ILE C 216 -13.76 -14.94 4.02
N GLU C 217 -14.54 -15.85 3.42
CA GLU C 217 -15.15 -16.94 4.18
C GLU C 217 -14.11 -17.89 4.75
N ASN C 218 -12.90 -17.93 4.20
CA ASN C 218 -11.83 -18.76 4.71
C ASN C 218 -10.94 -18.03 5.70
N GLY C 219 -11.23 -16.76 6.00
CA GLY C 219 -10.42 -15.95 6.88
C GLY C 219 -10.95 -15.92 8.29
N TRP C 220 -10.57 -14.87 9.01
CA TRP C 220 -10.94 -14.69 10.41
C TRP C 220 -12.01 -13.62 10.52
N SER C 221 -13.19 -14.02 11.00
CA SER C 221 -14.32 -13.12 11.15
C SER C 221 -14.73 -13.07 12.63
N SER C 222 -14.90 -11.86 13.16
CA SER C 222 -15.25 -11.70 14.56
C SER C 222 -16.16 -10.49 14.73
N ILE C 223 -17.00 -10.55 15.75
CA ILE C 223 -17.89 -9.46 16.13
C ILE C 223 -17.49 -8.98 17.52
N LEU C 224 -17.28 -7.67 17.65
CA LEU C 224 -16.82 -7.09 18.91
C LEU C 224 -17.76 -5.99 19.37
N LEU C 225 -17.89 -5.86 20.68
CA LEU C 225 -18.62 -4.77 21.30
C LEU C 225 -17.62 -3.67 21.66
N SER C 226 -17.67 -2.55 20.94
CA SER C 226 -16.72 -1.47 21.13
C SER C 226 -17.37 -0.11 21.34
N GLY C 227 -18.70 -0.04 21.33
CA GLY C 227 -19.37 1.24 21.46
C GLY C 227 -19.33 1.78 22.87
N SER C 228 -19.89 2.99 23.03
CA SER C 228 -19.99 3.64 24.32
C SER C 228 -21.38 4.23 24.55
N GLY C 229 -22.37 3.82 23.75
CA GLY C 229 -23.72 4.28 23.95
C GLY C 229 -24.39 3.75 25.19
N MET C 230 -23.87 2.64 25.74
CA MET C 230 -24.42 2.09 26.97
C MET C 230 -24.15 3.00 28.16
N LEU C 231 -23.09 3.81 28.09
CA LEU C 231 -22.69 4.65 29.21
C LEU C 231 -23.74 5.72 29.50
N ASP C 232 -23.82 6.09 30.78
CA ASP C 232 -24.75 7.14 31.18
C ASP C 232 -24.36 8.47 30.55
N LYS C 233 -25.36 9.26 30.18
CA LYS C 233 -25.14 10.57 29.59
C LYS C 233 -25.42 11.64 30.65
N ASN C 234 -24.45 12.53 30.83
CA ASN C 234 -24.48 13.53 31.90
C ASN C 234 -24.95 14.88 31.35
N ASP C 235 -25.76 15.58 32.15
CA ASP C 235 -26.22 16.90 31.76
C ASP C 235 -25.11 17.93 31.75
N GLU C 236 -24.03 17.69 32.48
CA GLU C 236 -22.90 18.61 32.55
C GLU C 236 -21.62 17.81 32.48
N ILE C 237 -20.55 18.45 32.02
CA ILE C 237 -19.27 17.77 31.83
C ILE C 237 -18.63 17.52 33.20
N ARG C 238 -18.40 16.25 33.50
CA ARG C 238 -17.67 15.84 34.69
C ARG C 238 -16.67 14.77 34.28
N MET C 239 -15.49 14.80 34.90
CA MET C 239 -14.37 13.99 34.43
C MET C 239 -13.83 13.11 35.54
N LEU C 240 -13.42 11.90 35.15
CA LEU C 240 -12.69 11.03 36.06
C LEU C 240 -11.22 11.43 36.02
N PRO C 241 -10.63 11.88 37.13
CA PRO C 241 -9.22 12.28 37.11
C PRO C 241 -8.32 11.13 36.68
N GLY C 242 -7.36 11.44 35.82
CA GLY C 242 -6.44 10.42 35.30
C GLY C 242 -6.99 9.54 34.20
N LEU C 243 -8.19 8.99 34.39
CA LEU C 243 -8.75 8.10 33.38
C LEU C 243 -9.09 8.83 32.09
N HIS C 244 -9.72 9.99 32.21
CA HIS C 244 -10.01 10.84 31.05
C HIS C 244 -8.85 11.80 30.85
N GLU C 245 -8.16 11.67 29.72
CA GLU C 245 -6.95 12.45 29.44
C GLU C 245 -7.17 13.18 28.11
N TRP C 246 -7.62 14.43 28.20
CA TRP C 246 -7.84 15.24 27.01
C TRP C 246 -6.54 15.58 26.30
N ARG C 247 -5.40 15.46 26.97
CA ARG C 247 -4.11 15.85 26.43
C ARG C 247 -3.48 14.77 25.57
N SER C 248 -4.08 13.58 25.50
CA SER C 248 -3.52 12.51 24.70
C SER C 248 -3.93 12.64 23.24
N ALA C 249 -3.10 12.08 22.35
CA ALA C 249 -3.39 12.12 20.93
C ALA C 249 -4.52 11.17 20.55
N VAL C 250 -4.76 10.14 21.36
CA VAL C 250 -5.88 9.22 21.13
C VAL C 250 -7.13 9.70 21.84
N SER C 251 -7.02 10.00 23.13
CA SER C 251 -8.07 10.62 23.92
C SER C 251 -9.40 9.86 23.85
N ALA C 252 -10.46 10.54 23.43
CA ALA C 252 -11.83 10.04 23.49
C ALA C 252 -12.20 9.17 22.30
N SER C 253 -11.23 8.63 21.56
CA SER C 253 -11.54 7.83 20.38
C SER C 253 -12.40 6.62 20.76
N GLU C 254 -13.36 6.30 19.90
CA GLU C 254 -14.26 5.18 20.08
C GLU C 254 -14.05 4.19 18.94
N GLY C 255 -13.81 2.93 19.29
CA GLY C 255 -13.62 1.90 18.29
C GLY C 255 -12.63 0.87 18.78
N VAL C 256 -12.09 0.11 17.82
CA VAL C 256 -11.15 -0.97 18.08
C VAL C 256 -9.82 -0.62 17.44
N ARG C 257 -8.73 -0.85 18.18
CA ARG C 257 -7.39 -0.76 17.63
C ARG C 257 -6.94 -2.17 17.24
N VAL C 258 -6.73 -2.38 15.94
CA VAL C 258 -6.44 -3.70 15.40
C VAL C 258 -5.00 -3.70 14.88
N VAL C 259 -4.20 -4.65 15.34
CA VAL C 259 -2.82 -4.80 14.95
C VAL C 259 -2.64 -6.15 14.28
N ILE C 260 -2.08 -6.16 13.08
CA ILE C 260 -1.81 -7.38 12.33
C ILE C 260 -0.30 -7.59 12.33
N HIS C 261 0.13 -8.72 12.87
CA HIS C 261 1.55 -8.98 13.12
C HIS C 261 1.79 -10.47 13.00
N PRO C 262 3.05 -10.89 12.85
CA PRO C 262 3.36 -12.32 12.77
C PRO C 262 2.88 -13.07 14.00
N PRO C 263 2.74 -14.40 13.92
CA PRO C 263 2.04 -15.13 14.98
C PRO C 263 2.68 -15.02 16.36
N SER C 264 4.00 -14.91 16.44
CA SER C 264 4.66 -14.97 17.74
C SER C 264 5.44 -13.68 18.05
N THR C 265 4.82 -12.53 17.81
CA THR C 265 5.48 -11.24 18.02
C THR C 265 4.61 -10.37 18.93
N THR C 266 5.28 -9.51 19.69
CA THR C 266 4.58 -8.57 20.57
C THR C 266 4.02 -7.42 19.76
N PRO C 267 2.71 -7.17 19.79
CA PRO C 267 2.15 -6.03 19.07
C PRO C 267 2.46 -4.71 19.74
N TYR C 268 2.47 -3.65 18.93
CA TYR C 268 2.75 -2.29 19.40
C TYR C 268 1.64 -1.38 18.86
N PRO C 269 0.51 -1.30 19.57
CA PRO C 269 -0.64 -0.55 19.02
C PRO C 269 -0.35 0.92 18.73
N PHE C 270 0.48 1.57 19.56
CA PHE C 270 0.72 2.99 19.39
C PHE C 270 1.70 3.30 18.27
N THR C 271 2.33 2.29 17.68
CA THR C 271 3.23 2.49 16.54
C THR C 271 2.69 1.86 15.26
N GLU C 272 2.04 0.71 15.35
CA GLU C 272 1.44 0.04 14.21
C GLU C 272 0.02 -0.37 14.55
N GLY C 273 -0.80 -0.50 13.51
CA GLY C 273 -2.17 -0.95 13.66
C GLY C 273 -3.13 -0.09 12.87
N TYR C 274 -4.41 -0.47 12.95
CA TYR C 274 -5.47 0.20 12.23
C TYR C 274 -6.66 0.42 13.16
N ASP C 275 -7.46 1.42 12.83
CA ASP C 275 -8.61 1.82 13.63
C ASP C 275 -9.90 1.39 12.95
N VAL C 276 -10.85 0.91 13.74
CA VAL C 276 -12.13 0.46 13.23
C VAL C 276 -13.25 1.11 14.03
N PRO C 277 -14.08 1.98 13.43
CA PRO C 277 -15.14 2.62 14.19
C PRO C 277 -16.27 1.64 14.47
N PRO C 278 -17.03 1.84 15.55
CA PRO C 278 -18.18 0.97 15.81
C PRO C 278 -19.27 1.18 14.77
N GLY C 279 -20.04 0.12 14.54
CA GLY C 279 -21.09 0.16 13.55
C GLY C 279 -20.64 -0.06 12.13
N PHE C 280 -19.40 -0.46 11.91
CA PHE C 280 -18.86 -0.69 10.57
C PHE C 280 -18.22 -2.07 10.52
N SER C 281 -18.24 -2.66 9.32
CA SER C 281 -17.59 -3.94 9.06
C SER C 281 -16.28 -3.65 8.35
N ALA C 282 -15.16 -3.97 8.99
CA ALA C 282 -13.84 -3.70 8.45
C ALA C 282 -13.29 -4.93 7.75
N SER C 283 -12.84 -4.74 6.51
CA SER C 283 -12.23 -5.80 5.72
C SER C 283 -10.74 -5.54 5.63
N PHE C 284 -9.93 -6.52 6.05
CA PHE C 284 -8.48 -6.41 6.05
C PHE C 284 -7.94 -7.41 5.03
N GLY C 285 -7.79 -6.97 3.80
CA GLY C 285 -7.18 -7.79 2.77
C GLY C 285 -5.68 -7.88 2.96
N ILE C 286 -5.19 -9.07 3.30
CA ILE C 286 -3.79 -9.28 3.68
C ILE C 286 -3.03 -9.79 2.47
N HIS C 287 -2.00 -9.05 2.07
CA HIS C 287 -1.07 -9.49 1.03
C HIS C 287 0.27 -9.81 1.67
N PRO C 288 0.62 -11.08 1.84
CA PRO C 288 1.84 -11.42 2.58
C PRO C 288 3.12 -11.07 1.82
N ARG C 289 4.18 -10.83 2.57
CA ARG C 289 5.50 -10.59 2.03
C ARG C 289 6.54 -11.31 2.89
N ARG C 290 7.65 -11.69 2.26
CA ARG C 290 8.78 -12.27 2.97
C ARG C 290 10.06 -11.60 2.51
N ASN C 291 10.93 -11.26 3.45
CA ASN C 291 12.22 -10.64 3.18
C ASN C 291 13.32 -11.52 3.75
N ILE C 292 14.30 -11.86 2.92
CA ILE C 292 15.45 -12.67 3.31
C ILE C 292 16.69 -11.81 3.18
N ARG C 293 17.49 -11.76 4.25
CA ARG C 293 18.66 -10.89 4.32
C ARG C 293 19.88 -11.73 4.67
N ILE C 294 21.06 -11.19 4.39
CA ILE C 294 22.31 -11.93 4.55
C ILE C 294 23.23 -11.22 5.54
N GLY C 295 24.41 -11.78 5.76
CA GLY C 295 25.18 -11.56 6.97
C GLY C 295 26.04 -10.31 7.01
N PRO C 296 26.94 -10.28 8.00
CA PRO C 296 27.71 -9.06 8.30
C PRO C 296 28.49 -8.52 7.11
N PRO C 297 29.28 -9.33 6.40
CA PRO C 297 30.18 -8.73 5.39
C PRO C 297 29.44 -7.98 4.30
N HIS C 298 28.24 -8.42 3.93
CA HIS C 298 27.48 -7.77 2.87
C HIS C 298 26.39 -6.85 3.40
N GLY C 299 25.85 -7.13 4.58
CA GLY C 299 24.82 -6.29 5.14
C GLY C 299 24.79 -6.43 6.65
N ASN C 300 23.63 -6.11 7.22
CA ASN C 300 23.38 -6.30 8.65
C ASN C 300 22.04 -6.99 8.85
N CYS C 301 22.05 -8.12 9.55
CA CYS C 301 20.83 -8.78 9.96
C CYS C 301 21.10 -9.60 11.21
N SER C 302 20.05 -9.83 11.99
CA SER C 302 20.15 -10.60 13.23
C SER C 302 19.00 -11.59 13.31
N ASP C 303 19.29 -12.77 13.85
CA ASP C 303 18.29 -13.82 14.01
C ASP C 303 17.61 -13.79 15.37
N LYS C 304 18.10 -12.98 16.31
CA LYS C 304 17.55 -12.95 17.66
C LYS C 304 17.74 -11.57 18.26
N ASN C 305 16.80 -11.16 19.10
CA ASN C 305 16.87 -9.86 19.75
C ASN C 305 18.00 -9.86 20.78
N PRO C 306 18.96 -8.93 20.68
CA PRO C 306 20.04 -8.89 21.69
C PRO C 306 19.53 -8.71 23.12
N PHE C 307 18.47 -7.92 23.29
CA PHE C 307 17.93 -7.65 24.62
C PHE C 307 16.85 -8.66 25.02
N GLY C 308 16.49 -9.59 24.15
CA GLY C 308 15.39 -10.50 24.40
C GLY C 308 15.81 -11.75 25.15
N ASP C 309 14.82 -12.60 25.42
CA ASP C 309 15.01 -13.86 26.10
C ASP C 309 14.92 -15.07 25.17
N GLY C 310 14.66 -14.85 23.89
CA GLY C 310 14.56 -15.96 22.95
C GLY C 310 13.27 -16.75 23.01
N THR C 311 12.15 -16.10 23.34
CA THR C 311 10.85 -16.76 23.33
C THR C 311 9.85 -15.97 22.51
N GLU C 312 10.31 -15.32 21.44
CA GLU C 312 9.47 -14.52 20.57
C GLU C 312 10.17 -14.32 19.24
N ARG C 313 9.39 -14.28 18.17
CA ARG C 313 9.95 -14.04 16.84
C ARG C 313 10.52 -12.64 16.75
N TYR C 314 11.70 -12.52 16.14
CA TYR C 314 12.45 -11.27 16.18
C TYR C 314 11.83 -10.21 15.29
N ARG C 315 11.82 -8.97 15.77
CA ARG C 315 11.46 -7.80 14.99
C ARG C 315 12.40 -6.65 15.36
N LEU C 316 12.69 -5.81 14.36
CA LEU C 316 13.60 -4.69 14.59
C LEU C 316 12.99 -3.66 15.54
N MET C 317 11.66 -3.47 15.46
CA MET C 317 11.00 -2.50 16.32
C MET C 317 11.17 -2.85 17.79
N ALA C 318 11.05 -4.13 18.13
CA ALA C 318 11.24 -4.56 19.51
C ALA C 318 12.67 -4.27 19.97
N CYS C 319 13.66 -4.54 19.11
CA CYS C 319 15.04 -4.27 19.47
C CYS C 319 15.26 -2.79 19.72
N GLN C 320 14.72 -1.93 18.85
CA GLN C 320 14.90 -0.49 19.03
C GLN C 320 14.22 0.00 20.31
N LYS C 321 13.01 -0.47 20.57
CA LYS C 321 12.30 -0.06 21.78
C LYS C 321 13.03 -0.52 23.03
N MET C 322 13.56 -1.75 23.03
CA MET C 322 14.29 -2.24 24.19
C MET C 322 15.63 -1.53 24.34
N CYS C 323 16.25 -1.11 23.24
CA CYS C 323 17.46 -0.29 23.34
C CYS C 323 17.16 1.06 23.98
N MET C 324 16.05 1.67 23.58
CA MET C 324 15.64 2.93 24.23
C MET C 324 15.37 2.72 25.71
N GLN C 325 14.70 1.63 26.06
CA GLN C 325 14.46 1.33 27.47
C GLN C 325 15.76 1.10 28.23
N HIS C 326 16.72 0.42 27.60
CA HIS C 326 18.02 0.19 28.22
C HIS C 326 18.73 1.51 28.49
N TYR C 327 18.68 2.44 27.55
CA TYR C 327 19.31 3.74 27.76
C TYR C 327 18.58 4.54 28.85
N ILE C 328 17.25 4.43 28.92
CA ILE C 328 16.51 5.14 29.97
C ILE C 328 16.87 4.58 31.34
N VAL C 329 16.90 3.25 31.47
CA VAL C 329 17.19 2.65 32.77
C VAL C 329 18.61 2.96 33.22
N GLU C 330 19.55 2.97 32.28
CA GLU C 330 20.95 3.22 32.63
C GLU C 330 21.13 4.62 33.21
N THR C 331 20.47 5.62 32.62
CA THR C 331 20.68 7.01 33.01
C THR C 331 19.76 7.44 34.14
N CYS C 332 18.45 7.34 33.92
CA CYS C 332 17.49 7.84 34.91
C CYS C 332 17.27 6.88 36.07
N GLY C 333 17.76 5.65 35.99
CA GLY C 333 17.57 4.69 37.05
C GLY C 333 16.18 4.09 37.13
N CYS C 334 15.36 4.25 36.10
CA CYS C 334 14.00 3.74 36.11
C CYS C 334 13.59 3.41 34.68
N ALA C 335 12.51 2.64 34.56
CA ALA C 335 12.00 2.18 33.27
C ALA C 335 10.78 2.99 32.87
N ASP C 336 10.70 3.35 31.59
CA ASP C 336 9.56 4.07 31.05
C ASP C 336 8.41 3.11 30.83
N VAL C 337 7.21 3.49 31.27
CA VAL C 337 6.04 2.63 31.11
C VAL C 337 5.62 2.52 29.65
N GLY C 338 6.01 3.47 28.82
CA GLY C 338 5.67 3.42 27.40
C GLY C 338 6.53 2.52 26.56
N LEU C 339 7.50 1.84 27.16
CA LEU C 339 8.40 0.93 26.47
C LEU C 339 8.44 -0.41 27.19
N PRO C 340 8.74 -1.49 26.47
CA PRO C 340 8.70 -2.82 27.08
C PRO C 340 9.73 -2.97 28.21
N LYS C 341 9.37 -3.78 29.20
CA LYS C 341 10.31 -4.14 30.26
C LYS C 341 11.39 -5.07 29.71
N LEU C 342 12.62 -4.85 30.16
CA LEU C 342 13.72 -5.69 29.70
C LEU C 342 13.66 -7.05 30.38
N PRO C 343 13.57 -8.15 29.62
CA PRO C 343 13.51 -9.47 30.26
C PRO C 343 14.71 -9.80 31.12
N LEU C 344 15.90 -9.34 30.74
CA LEU C 344 17.13 -9.68 31.45
C LEU C 344 17.40 -8.76 32.64
N GLN C 345 16.60 -7.71 32.83
CA GLN C 345 16.80 -6.73 33.90
C GLN C 345 15.49 -6.47 34.62
N ALA C 346 14.82 -7.55 35.03
CA ALA C 346 13.55 -7.43 35.72
C ALA C 346 13.73 -6.76 37.08
N ASN C 347 12.59 -6.54 37.76
CA ASN C 347 12.54 -5.88 39.06
C ASN C 347 13.09 -4.45 38.98
N ILE C 348 12.55 -3.68 38.03
CA ILE C 348 12.87 -2.28 37.87
C ILE C 348 11.59 -1.48 37.95
N SER C 349 11.55 -0.51 38.87
CA SER C 349 10.36 0.30 39.07
C SER C 349 10.15 1.26 37.91
N TRP C 350 8.89 1.51 37.57
CA TRP C 350 8.57 2.48 36.54
C TRP C 350 8.98 3.89 36.97
N CYS C 351 9.29 4.73 35.99
CA CYS C 351 9.62 6.12 36.28
C CYS C 351 8.43 6.87 36.85
N ARG C 352 7.22 6.50 36.46
CA ARG C 352 6.01 7.16 36.94
C ARG C 352 5.53 6.61 38.27
N ASP C 353 6.20 5.62 38.83
CA ASP C 353 5.85 5.12 40.15
C ASP C 353 6.06 6.21 41.19
N ASP C 354 5.09 6.34 42.10
CA ASP C 354 5.15 7.37 43.13
C ASP C 354 6.09 7.03 44.28
N ASP C 355 6.65 5.82 44.30
CA ASP C 355 7.65 5.41 45.28
C ASP C 355 7.10 5.49 46.71
N ASN C 356 6.04 4.74 46.95
CA ASN C 356 5.39 4.65 48.25
C ASN C 356 5.01 6.03 48.79
N PHE C 357 4.19 6.71 48.00
CA PHE C 357 3.70 8.04 48.37
C PHE C 357 2.83 7.91 49.61
N PRO C 358 3.12 8.64 50.69
CA PRO C 358 2.46 8.36 51.96
C PRO C 358 0.98 8.70 51.96
N ASP C 359 0.23 7.97 52.79
CA ASP C 359 -1.21 8.19 52.90
C ASP C 359 -1.55 9.46 53.66
N GLU C 360 -0.65 9.96 54.50
CA GLU C 360 -0.93 11.16 55.27
C GLU C 360 -1.11 12.39 54.40
N CYS C 361 -0.66 12.35 53.14
CA CYS C 361 -0.86 13.47 52.23
C CYS C 361 -2.34 13.71 51.94
N MET C 362 -3.19 12.72 52.21
CA MET C 362 -4.63 12.88 51.99
C MET C 362 -5.23 13.99 52.84
N PHE C 363 -4.61 14.30 53.98
CA PHE C 363 -5.16 15.26 54.92
C PHE C 363 -4.50 16.62 54.85
N THR C 364 -3.19 16.67 54.58
CA THR C 364 -2.44 17.92 54.53
C THR C 364 -1.63 17.99 53.24
N ALA C 365 -1.63 19.16 52.61
CA ALA C 365 -0.83 19.40 51.41
C ALA C 365 0.51 20.04 51.79
N SER C 366 1.29 19.28 52.57
CA SER C 366 2.57 19.77 53.07
C SER C 366 3.60 19.81 51.95
N GLU C 367 4.68 20.55 52.21
CA GLU C 367 5.75 20.70 51.22
C GLU C 367 6.47 19.38 50.96
N GLU C 368 6.47 18.47 51.93
CA GLU C 368 7.12 17.17 51.72
C GLU C 368 6.43 16.36 50.63
N CYS C 369 5.10 16.36 50.65
CA CYS C 369 4.34 15.64 49.63
C CYS C 369 4.59 16.26 48.26
N LEU C 370 4.65 17.59 48.21
CA LEU C 370 4.96 18.28 46.96
C LEU C 370 6.37 17.98 46.49
N GLN C 371 7.33 17.81 47.40
CA GLN C 371 8.68 17.45 46.99
C GLN C 371 8.71 16.05 46.41
N LEU C 372 7.93 15.13 46.97
CA LEU C 372 7.84 13.79 46.38
C LEU C 372 7.27 13.84 44.97
N LEU C 373 6.18 14.60 44.78
CA LEU C 373 5.64 14.76 43.44
C LEU C 373 6.63 15.46 42.51
N MET C 374 7.42 16.39 43.04
CA MET C 374 8.44 17.06 42.26
C MET C 374 9.49 16.07 41.77
N GLN C 375 9.91 15.17 42.65
CA GLN C 375 10.87 14.14 42.25
C GLN C 375 10.27 13.23 41.18
N LEU C 376 8.99 12.90 41.32
CA LEU C 376 8.33 12.10 40.29
C LEU C 376 8.35 12.80 38.94
N HIS C 377 8.03 14.11 38.94
CA HIS C 377 8.05 14.88 37.71
C HIS C 377 9.46 14.97 37.12
N ASN C 378 10.47 15.12 37.99
CA ASN C 378 11.84 15.15 37.51
C ASN C 378 12.23 13.82 36.86
N ARG C 379 11.78 12.70 37.44
CA ARG C 379 12.06 11.42 36.82
C ARG C 379 11.40 11.30 35.45
N ILE C 380 10.15 11.76 35.34
CA ILE C 380 9.47 11.74 34.05
C ILE C 380 10.22 12.59 33.02
N LYS C 381 10.66 13.78 33.44
CA LYS C 381 11.38 14.66 32.53
C LYS C 381 12.72 14.07 32.13
N CYS C 382 13.39 13.39 33.06
CA CYS C 382 14.64 12.70 32.72
C CYS C 382 14.40 11.65 31.64
N ALA C 383 13.35 10.85 31.82
CA ALA C 383 13.04 9.82 30.82
C ALA C 383 12.73 10.45 29.47
N ARG C 384 11.93 11.51 29.46
CA ARG C 384 11.58 12.17 28.21
C ARG C 384 12.80 12.76 27.52
N SER C 385 13.69 13.40 28.28
CA SER C 385 14.89 13.98 27.70
C SER C 385 15.81 12.90 27.15
N ILE C 386 15.93 11.78 27.85
CA ILE C 386 16.77 10.69 27.37
C ILE C 386 16.19 10.12 26.07
N LYS C 387 14.87 9.99 25.99
CA LYS C 387 14.26 9.48 24.76
C LYS C 387 14.55 10.40 23.58
N SER C 388 14.45 11.71 23.78
CA SER C 388 14.72 12.65 22.69
C SER C 388 16.20 12.69 22.35
N LYS C 389 17.07 12.70 23.36
CA LYS C 389 18.50 12.80 23.10
C LYS C 389 19.03 11.59 22.33
N ILE C 390 18.60 10.39 22.72
CA ILE C 390 19.09 9.16 22.08
C ILE C 390 18.66 9.11 20.62
N THR C 391 17.47 9.64 20.31
CA THR C 391 16.99 9.62 18.94
C THR C 391 17.94 10.37 18.00
N LYS C 392 18.37 11.57 18.42
CA LYS C 392 19.35 12.29 17.63
C LYS C 392 20.75 11.68 17.76
N ASN C 393 21.02 11.03 18.89
CA ASN C 393 22.32 10.42 19.18
C ASN C 393 22.41 9.11 18.42
N THR C 394 22.77 9.22 17.14
CA THR C 394 22.79 8.05 16.25
C THR C 394 23.79 7.01 16.72
N THR C 395 24.87 7.43 17.37
CA THR C 395 25.88 6.48 17.83
C THR C 395 25.30 5.49 18.84
N ALA C 396 24.37 5.98 19.69
CA ALA C 396 23.73 5.08 20.65
C ALA C 396 22.89 4.03 19.94
N MET C 397 22.16 4.42 18.89
CA MET C 397 21.35 3.46 18.15
C MET C 397 22.22 2.39 17.51
N GLU C 398 23.38 2.78 16.97
CA GLU C 398 24.30 1.80 16.40
C GLU C 398 24.91 0.92 17.48
N ALA C 399 25.16 1.48 18.67
CA ALA C 399 25.78 0.71 19.75
C ALA C 399 24.89 -0.42 20.25
N CYS C 400 23.58 -0.35 20.03
CA CYS C 400 22.67 -1.40 20.47
C CYS C 400 22.64 -2.59 19.52
N ASN C 401 23.27 -2.47 18.35
CA ASN C 401 23.38 -3.58 17.40
C ASN C 401 22.01 -4.12 16.99
N CYS C 402 21.06 -3.21 16.76
CA CYS C 402 19.73 -3.58 16.27
C CYS C 402 19.76 -3.62 14.76
N PHE C 403 19.45 -4.79 14.19
CA PHE C 403 19.49 -5.02 12.76
C PHE C 403 18.19 -5.68 12.33
N PRO C 404 17.78 -5.52 11.06
CA PRO C 404 16.55 -6.14 10.60
C PRO C 404 16.68 -7.66 10.62
N PRO C 405 15.57 -8.38 10.77
CA PRO C 405 15.65 -9.84 10.83
C PRO C 405 16.18 -10.44 9.53
N CYS C 406 16.92 -11.54 9.65
CA CYS C 406 17.47 -12.20 8.47
C CYS C 406 16.40 -12.94 7.68
N ASP C 407 15.26 -13.24 8.29
CA ASP C 407 14.14 -13.89 7.61
C ASP C 407 12.87 -13.32 8.22
N GLU C 408 12.28 -12.34 7.54
CA GLU C 408 11.16 -11.58 8.07
C GLU C 408 9.90 -11.83 7.26
N VAL C 409 8.78 -12.00 7.95
CA VAL C 409 7.47 -12.13 7.32
C VAL C 409 6.66 -10.89 7.67
N SER C 410 6.15 -10.21 6.64
CA SER C 410 5.39 -8.98 6.81
C SER C 410 4.11 -9.06 5.98
N TYR C 411 3.16 -8.20 6.32
CA TYR C 411 1.84 -8.22 5.71
C TYR C 411 1.42 -6.82 5.26
N ASP C 412 0.82 -6.75 4.09
CA ASP C 412 0.19 -5.52 3.60
C ASP C 412 -1.31 -5.63 3.76
N VAL C 413 -1.93 -4.53 4.19
CA VAL C 413 -3.33 -4.51 4.57
C VAL C 413 -4.11 -3.63 3.60
N SER C 414 -5.19 -4.16 3.05
CA SER C 414 -6.13 -3.40 2.23
C SER C 414 -7.31 -3.02 3.12
N TYR C 415 -7.37 -1.75 3.52
CA TYR C 415 -8.36 -1.29 4.48
C TYR C 415 -9.66 -0.92 3.77
N SER C 416 -10.78 -1.34 4.36
CA SER C 416 -12.09 -1.04 3.81
C SER C 416 -13.11 -1.00 4.95
N LEU C 417 -14.23 -0.32 4.70
CA LEU C 417 -15.27 -0.16 5.69
C LEU C 417 -16.64 -0.26 5.04
N SER C 418 -17.61 -0.72 5.83
CA SER C 418 -19.01 -0.79 5.42
C SER C 418 -19.86 -0.99 6.67
N LYS C 419 -20.95 -0.21 6.81
CA LYS C 419 -21.79 -0.33 7.99
C LYS C 419 -22.35 -1.74 8.09
N TRP C 420 -22.12 -2.38 9.26
CA TRP C 420 -22.43 -3.80 9.38
C TRP C 420 -23.91 -4.07 9.54
N PRO C 421 -24.62 -3.50 10.54
CA PRO C 421 -26.06 -3.74 10.64
C PRO C 421 -26.84 -2.93 9.63
N SER C 422 -27.35 -3.60 8.61
CA SER C 422 -28.11 -2.92 7.57
C SER C 422 -29.44 -2.42 8.12
N ALA C 423 -29.92 -1.32 7.57
CA ALA C 423 -31.21 -0.78 7.96
C ALA C 423 -32.33 -1.72 7.53
N GLY C 424 -33.40 -1.75 8.32
CA GLY C 424 -34.52 -2.60 8.01
C GLY C 424 -34.27 -4.05 8.41
N TYR C 425 -35.10 -4.93 7.83
CA TYR C 425 -35.03 -6.36 8.15
C TYR C 425 -33.76 -7.02 7.64
N GLU C 426 -32.98 -6.35 6.78
CA GLU C 426 -31.72 -6.91 6.34
C GLU C 426 -30.75 -7.10 7.50
N GLY C 427 -30.71 -6.13 8.41
CA GLY C 427 -29.82 -6.17 9.55
C GLY C 427 -30.29 -6.97 10.74
N ASP C 428 -31.47 -7.60 10.66
CA ASP C 428 -31.95 -8.43 11.76
C ASP C 428 -31.08 -9.66 11.99
N ALA C 429 -30.31 -10.06 10.98
CA ALA C 429 -29.44 -11.23 11.13
C ALA C 429 -28.39 -10.99 12.20
N ALA C 430 -27.85 -9.77 12.27
CA ALA C 430 -26.85 -9.46 13.28
C ALA C 430 -27.41 -9.60 14.68
N TYR C 431 -28.60 -9.04 14.92
CA TYR C 431 -29.21 -9.14 16.24
C TYR C 431 -29.57 -10.58 16.57
N PHE C 432 -30.08 -11.33 15.58
CA PHE C 432 -30.43 -12.72 15.82
C PHE C 432 -29.19 -13.54 16.18
N ASP C 433 -28.08 -13.28 15.50
CA ASP C 433 -26.84 -14.00 15.81
C ASP C 433 -26.31 -13.63 17.19
N VAL C 434 -26.30 -12.34 17.52
CA VAL C 434 -25.68 -11.90 18.77
C VAL C 434 -26.52 -12.32 19.96
N PHE C 435 -27.84 -12.11 19.89
CA PHE C 435 -28.69 -12.28 21.06
C PHE C 435 -29.62 -13.49 21.00
N GLY C 436 -29.80 -14.10 19.83
CA GLY C 436 -30.69 -15.24 19.72
C GLY C 436 -29.98 -16.57 19.69
N ILE C 437 -28.78 -16.60 19.11
CA ILE C 437 -28.00 -17.83 18.98
C ILE C 437 -26.79 -17.82 19.92
N GLU C 438 -25.97 -16.77 19.86
CA GLU C 438 -24.87 -16.65 20.80
C GLU C 438 -25.35 -16.29 22.20
N LYS C 439 -26.54 -15.68 22.32
CA LYS C 439 -27.13 -15.31 23.60
C LYS C 439 -26.15 -14.48 24.42
N PHE C 440 -25.82 -13.30 23.87
CA PHE C 440 -24.78 -12.47 24.45
C PHE C 440 -25.15 -11.99 25.84
N ASN C 441 -26.42 -11.66 26.07
CA ASN C 441 -26.84 -11.16 27.37
C ASN C 441 -26.68 -12.22 28.45
N GLU C 442 -26.98 -13.48 28.12
CA GLU C 442 -26.97 -14.55 29.13
C GLU C 442 -25.56 -14.91 29.60
N ARG C 443 -24.51 -14.42 28.93
CA ARG C 443 -23.17 -14.62 29.46
C ARG C 443 -23.00 -13.92 30.80
N PHE C 444 -23.62 -12.75 30.95
CA PHE C 444 -23.43 -11.89 32.12
C PHE C 444 -24.41 -12.18 33.24
N ASN C 445 -25.24 -13.22 33.11
CA ASN C 445 -26.19 -13.60 34.14
C ASN C 445 -25.48 -14.43 35.22
N LYS C 446 -24.45 -13.83 35.81
CA LYS C 446 -23.64 -14.47 36.84
C LYS C 446 -23.77 -13.69 38.14
N THR C 447 -23.23 -14.29 39.21
CA THR C 447 -23.36 -13.69 40.53
C THR C 447 -22.65 -12.34 40.61
N GLY C 448 -21.46 -12.24 40.05
CA GLY C 448 -20.67 -11.02 40.14
C GLY C 448 -20.75 -10.12 38.94
N THR C 449 -21.75 -10.34 38.07
CA THR C 449 -21.89 -9.55 36.86
C THR C 449 -23.35 -9.18 36.62
N GLN C 450 -24.17 -9.15 37.67
CA GLN C 450 -25.59 -8.86 37.51
C GLN C 450 -25.82 -7.45 36.99
N GLY C 451 -25.03 -6.48 37.45
CA GLY C 451 -25.21 -5.10 37.03
C GLY C 451 -25.04 -4.93 35.53
N LYS C 452 -24.04 -5.59 34.95
CA LYS C 452 -23.84 -5.54 33.50
C LYS C 452 -25.01 -6.21 32.77
N TYR C 453 -25.51 -7.31 33.32
CA TYR C 453 -26.58 -8.06 32.67
C TYR C 453 -27.84 -7.21 32.53
N GLU C 454 -28.23 -6.51 33.58
CA GLU C 454 -29.44 -5.68 33.53
C GLU C 454 -29.26 -4.54 32.53
N LEU C 455 -28.08 -3.91 32.52
CA LEU C 455 -27.85 -2.81 31.59
C LEU C 455 -27.91 -3.27 30.14
N PHE C 456 -27.30 -4.42 29.85
CA PHE C 456 -27.37 -4.94 28.48
C PHE C 456 -28.76 -5.41 28.12
N THR C 457 -29.52 -5.93 29.09
CA THR C 457 -30.91 -6.30 28.81
C THR C 457 -31.74 -5.08 28.45
N LYS C 458 -31.53 -3.97 29.17
CA LYS C 458 -32.30 -2.76 28.89
C LYS C 458 -31.86 -2.10 27.59
N TYR C 459 -30.55 -2.00 27.37
CA TYR C 459 -30.05 -1.24 26.23
C TYR C 459 -30.33 -1.95 24.90
N PHE C 460 -30.18 -3.27 24.88
CA PHE C 460 -30.25 -4.04 23.63
C PHE C 460 -31.61 -4.69 23.42
N ASN C 461 -32.70 -4.03 23.81
CA ASN C 461 -34.01 -4.62 23.59
C ASN C 461 -34.39 -4.54 22.10
N VAL C 462 -35.43 -5.28 21.75
CA VAL C 462 -35.78 -5.49 20.35
C VAL C 462 -36.23 -4.19 19.68
N SER C 463 -36.94 -3.33 20.42
CA SER C 463 -37.50 -2.13 19.80
C SER C 463 -36.42 -1.14 19.38
N ASN C 464 -35.37 -0.99 20.21
CA ASN C 464 -34.27 -0.07 19.92
C ASN C 464 -33.16 -0.75 19.12
N ARG C 465 -33.52 -1.77 18.32
CA ARG C 465 -32.54 -2.56 17.59
C ARG C 465 -31.65 -1.69 16.71
N GLU C 466 -32.24 -0.73 15.99
CA GLU C 466 -31.50 0.02 14.98
C GLU C 466 -30.39 0.87 15.60
N GLU C 467 -30.70 1.58 16.70
CA GLU C 467 -29.69 2.43 17.32
C GLU C 467 -28.72 1.64 18.19
N SER C 468 -29.23 0.66 18.95
CA SER C 468 -28.40 -0.02 19.94
C SER C 468 -27.31 -0.85 19.27
N MET C 469 -27.61 -1.44 18.11
CA MET C 469 -26.65 -2.33 17.47
C MET C 469 -25.46 -1.60 16.87
N LYS C 470 -25.49 -0.27 16.81
CA LYS C 470 -24.37 0.50 16.28
C LYS C 470 -23.13 0.42 17.15
N ASP C 471 -23.26 -0.04 18.40
CA ASP C 471 -22.10 -0.16 19.28
C ASP C 471 -21.22 -1.35 18.93
N PHE C 472 -21.71 -2.29 18.14
CA PHE C 472 -20.93 -3.45 17.73
C PHE C 472 -20.14 -3.16 16.46
N ALA C 473 -19.10 -3.95 16.24
CA ALA C 473 -18.28 -3.86 15.04
C ALA C 473 -17.84 -5.26 14.65
N ARG C 474 -17.55 -5.44 13.35
CA ARG C 474 -17.15 -6.72 12.81
C ARG C 474 -15.82 -6.56 12.07
N LEU C 475 -14.90 -7.49 12.30
CA LEU C 475 -13.61 -7.52 11.64
C LEU C 475 -13.51 -8.75 10.76
N ASN C 476 -13.09 -8.55 9.52
CA ASN C 476 -12.82 -9.65 8.59
C ASN C 476 -11.37 -9.54 8.14
N VAL C 477 -10.54 -10.48 8.59
CA VAL C 477 -9.13 -10.54 8.21
C VAL C 477 -8.97 -11.77 7.33
N TYR C 478 -8.67 -11.56 6.05
CA TYR C 478 -8.58 -12.64 5.08
C TYR C 478 -7.36 -12.43 4.20
N ILE C 479 -6.81 -13.54 3.73
CA ILE C 479 -5.68 -13.49 2.79
C ILE C 479 -6.23 -13.24 1.39
N ALA C 480 -5.88 -12.10 0.81
CA ALA C 480 -6.37 -11.73 -0.51
C ALA C 480 -5.51 -12.29 -1.64
N ASP C 481 -4.25 -12.62 -1.36
CA ASP C 481 -3.34 -13.18 -2.37
C ASP C 481 -2.52 -14.27 -1.70
N SER C 482 -2.79 -15.53 -2.06
CA SER C 482 -2.09 -16.64 -1.44
C SER C 482 -0.63 -16.71 -1.85
N ASN C 483 -0.26 -16.09 -2.97
CA ASN C 483 1.12 -16.08 -3.41
C ASN C 483 1.88 -14.96 -2.71
N VAL C 484 3.09 -15.27 -2.24
CA VAL C 484 3.87 -14.36 -1.39
C VAL C 484 4.90 -13.66 -2.25
N VAL C 485 5.01 -12.34 -2.09
CA VAL C 485 6.05 -11.56 -2.74
C VAL C 485 7.33 -11.70 -1.91
N LYS C 486 8.36 -12.28 -2.51
CA LYS C 486 9.61 -12.57 -1.82
C LYS C 486 10.68 -11.58 -2.26
N THR C 487 11.34 -10.95 -1.29
CA THR C 487 12.45 -10.03 -1.53
C THR C 487 13.68 -10.63 -0.88
N GLN C 488 14.54 -11.27 -1.69
CA GLN C 488 15.71 -11.97 -1.20
C GLN C 488 16.97 -11.20 -1.56
N GLU C 489 17.83 -10.98 -0.58
CA GLU C 489 19.12 -10.33 -0.78
C GLU C 489 20.22 -11.38 -0.91
N SER C 490 21.13 -11.15 -1.85
CA SER C 490 22.22 -12.07 -2.09
C SER C 490 23.47 -11.28 -2.46
N GLU C 491 24.63 -11.92 -2.30
CA GLU C 491 25.89 -11.27 -2.62
C GLU C 491 26.01 -11.09 -4.13
N ASP C 492 26.27 -9.86 -4.56
CA ASP C 492 26.34 -9.55 -5.99
C ASP C 492 27.65 -9.98 -6.61
N TYR C 493 28.76 -9.90 -5.87
CA TYR C 493 30.10 -10.10 -6.41
C TYR C 493 30.82 -11.12 -5.53
N THR C 494 30.75 -12.40 -5.93
CA THR C 494 31.34 -13.47 -5.16
C THR C 494 32.84 -13.57 -5.41
N ARG C 495 33.49 -14.45 -4.67
CA ARG C 495 34.93 -14.66 -4.85
C ARG C 495 35.24 -15.30 -6.19
N ASN C 496 34.37 -16.19 -6.67
CA ASN C 496 34.59 -16.82 -7.96
C ASN C 496 34.52 -15.79 -9.09
N GLN C 497 33.55 -14.88 -9.03
CA GLN C 497 33.49 -13.81 -10.02
C GLN C 497 34.71 -12.91 -9.94
N LEU C 498 35.19 -12.64 -8.72
CA LEU C 498 36.41 -11.87 -8.55
C LEU C 498 37.60 -12.56 -9.21
N VAL C 499 37.70 -13.88 -9.02
CA VAL C 499 38.79 -14.64 -9.63
C VAL C 499 38.69 -14.61 -11.15
N SER C 500 37.46 -14.73 -11.67
CA SER C 500 37.28 -14.68 -13.12
C SER C 500 37.69 -13.32 -13.68
N ASP C 501 37.32 -12.24 -12.99
CA ASP C 501 37.71 -10.91 -13.45
C ASP C 501 39.22 -10.71 -13.38
N ILE C 502 39.85 -11.20 -12.31
CA ILE C 502 41.31 -11.16 -12.22
C ILE C 502 41.94 -11.93 -13.36
N GLY C 503 41.39 -13.09 -13.69
CA GLY C 503 41.92 -13.86 -14.81
C GLY C 503 41.80 -13.13 -16.13
N GLY C 504 40.63 -12.54 -16.39
CA GLY C 504 40.47 -11.77 -17.62
C GLY C 504 41.44 -10.61 -17.71
N GLN C 505 41.61 -9.88 -16.61
CA GLN C 505 42.53 -8.74 -16.61
C GLN C 505 43.97 -9.20 -16.75
N LEU C 506 44.34 -10.31 -16.10
CA LEU C 506 45.69 -10.87 -16.26
C LEU C 506 45.95 -11.32 -17.69
N GLY C 507 44.93 -11.82 -18.37
CA GLY C 507 45.11 -12.31 -19.72
C GLY C 507 45.03 -11.21 -20.77
N LEU C 508 44.45 -10.07 -20.40
CA LEU C 508 44.32 -8.95 -21.32
C LEU C 508 45.57 -8.06 -21.29
N TRP C 509 45.92 -7.53 -20.12
CA TRP C 509 47.00 -6.53 -20.02
C TRP C 509 48.38 -7.17 -19.98
N VAL C 510 48.66 -7.95 -18.95
CA VAL C 510 50.03 -8.38 -18.70
C VAL C 510 50.36 -9.67 -19.44
N GLY C 511 49.35 -10.53 -19.66
CA GLY C 511 49.53 -11.74 -20.41
C GLY C 511 50.05 -12.94 -19.64
N ILE C 512 50.38 -12.77 -18.35
CA ILE C 512 50.95 -13.85 -17.55
C ILE C 512 49.83 -14.73 -17.01
N SER C 513 50.18 -15.93 -16.55
CA SER C 513 49.22 -16.87 -15.94
C SER C 513 49.88 -17.38 -14.66
N LEU C 514 49.35 -18.44 -14.06
CA LEU C 514 49.89 -18.94 -12.78
C LEU C 514 50.96 -19.97 -13.12
N ILE C 515 50.75 -20.76 -14.16
CA ILE C 515 51.83 -21.67 -14.61
C ILE C 515 53.01 -20.81 -15.10
N THR C 516 52.79 -19.53 -15.45
CA THR C 516 53.88 -18.60 -15.88
C THR C 516 54.43 -17.80 -14.71
N LEU C 517 53.70 -17.71 -13.61
CA LEU C 517 54.26 -17.04 -12.41
C LEU C 517 55.08 -18.09 -11.67
N ALA C 518 55.13 -19.31 -12.19
CA ALA C 518 56.03 -20.31 -11.60
C ALA C 518 57.38 -20.01 -12.21
N GLU C 519 57.40 -19.73 -13.50
CA GLU C 519 58.58 -19.37 -14.27
C GLU C 519 59.47 -18.41 -13.49
N VAL C 520 58.90 -17.32 -13.00
CA VAL C 520 59.71 -16.34 -12.26
C VAL C 520 60.12 -16.90 -10.91
N LEU C 521 59.33 -17.81 -10.33
CA LEU C 521 59.74 -18.45 -9.08
C LEU C 521 61.00 -19.29 -9.30
N GLU C 522 61.03 -20.07 -10.39
CA GLU C 522 62.24 -20.80 -10.74
C GLU C 522 63.38 -19.85 -11.06
N LEU C 523 63.08 -18.71 -11.69
CA LEU C 523 64.13 -17.74 -12.01
C LEU C 523 64.76 -17.19 -10.75
N ILE C 524 63.95 -16.87 -9.74
CA ILE C 524 64.51 -16.35 -8.49
C ILE C 524 65.25 -17.44 -7.71
N ILE C 525 64.79 -18.69 -7.81
CA ILE C 525 65.57 -19.78 -7.21
C ILE C 525 66.93 -19.90 -7.89
N ASP C 526 66.95 -19.81 -9.22
CA ASP C 526 68.21 -19.89 -9.96
C ASP C 526 69.12 -18.73 -9.61
N LEU C 527 68.54 -17.53 -9.42
CA LEU C 527 69.34 -16.38 -9.01
C LEU C 527 69.92 -16.57 -7.62
N PHE C 528 69.13 -17.16 -6.70
CA PHE C 528 69.65 -17.44 -5.37
C PHE C 528 70.79 -18.44 -5.41
N ARG C 529 70.65 -19.49 -6.21
CA ARG C 529 71.64 -20.56 -6.26
C ARG C 529 72.68 -20.36 -7.37
N LEU C 530 72.74 -19.18 -7.96
CA LEU C 530 73.73 -18.86 -8.98
C LEU C 530 75.16 -19.11 -8.49
#